data_2Z3F
#
_entry.id   2Z3F
#
_cell.length_a   151.512
_cell.length_b   151.512
_cell.length_c   144.206
_cell.angle_alpha   90.00
_cell.angle_beta   90.00
_cell.angle_gamma   90.00
#
_symmetry.space_group_name_H-M   'I 41'
#
loop_
_entity.id
_entity.type
_entity.pdbx_description
1 polymer 'Histone chaperone cia1'
2 polymer 'SPAC26H5.03 protein'
3 water water
#
loop_
_entity_poly.entity_id
_entity_poly.type
_entity_poly.pdbx_seq_one_letter_code
_entity_poly.pdbx_strand_id
1 'polypeptide(L)'
;MSIVNILSVNVLNNPAKFSDPYKFEITFECLEPLKSDLEWKLTYVGSATSQSYDQILDTLLVGPIPIGINKFVFEADPPN
IDLLPQLSDVLGVTVILLSCAYEDNEFVRVGYYVNNEMEGLNLQEMDDAEIKKVKVDISKVWRSILAEKPRVTRFNIQWD
N
;
A,B,C,D,E,F,G,H
2 'polypeptide(L)' RKVESSKVSKKRIAPTPVYP I,J,K,L,M,N,O,P,Q,R,T
#
# COMPACT_ATOMS: atom_id res chain seq x y z
N SER A 2 -3.11 4.82 24.95
CA SER A 2 -2.34 5.97 24.35
C SER A 2 -1.14 5.36 23.69
N ILE A 3 -1.25 4.12 23.33
CA ILE A 3 -0.17 3.47 22.64
C ILE A 3 -0.02 3.93 21.21
N VAL A 4 -1.11 4.45 20.64
CA VAL A 4 -1.13 5.11 19.35
C VAL A 4 -1.76 6.46 19.50
N ASN A 5 -1.11 7.48 18.95
CA ASN A 5 -1.56 8.84 19.00
C ASN A 5 -1.55 9.39 17.61
N ILE A 6 -2.58 10.18 17.31
CA ILE A 6 -2.70 10.81 16.03
C ILE A 6 -2.10 12.19 16.15
N LEU A 7 -1.14 12.51 15.29
CA LEU A 7 -0.42 13.78 15.43
C LEU A 7 -1.01 14.80 14.46
N SER A 8 -1.42 14.33 13.31
CA SER A 8 -2.05 15.17 12.38
C SER A 8 -3.03 14.47 11.42
N VAL A 9 -4.14 15.11 11.09
CA VAL A 9 -4.91 14.70 9.93
C VAL A 9 -5.20 15.88 9.03
N ASN A 10 -4.91 15.67 7.77
CA ASN A 10 -4.84 16.75 6.80
C ASN A 10 -5.74 16.34 5.62
N VAL A 11 -6.73 17.19 5.30
CA VAL A 11 -7.62 16.88 4.19
C VAL A 11 -6.97 17.33 2.89
N LEU A 12 -6.65 16.42 2.01
CA LEU A 12 -5.85 16.71 0.88
C LEU A 12 -6.59 17.51 -0.16
N ASN A 13 -7.85 17.17 -0.43
CA ASN A 13 -8.71 17.81 -1.43
C ASN A 13 -9.85 18.67 -0.79
N ASN A 14 -9.60 19.94 -0.60
CA ASN A 14 -10.58 20.79 0.03
C ASN A 14 -10.58 22.16 -0.55
N PRO A 15 -11.70 22.69 -1.02
CA PRO A 15 -13.02 22.08 -0.99
C PRO A 15 -13.17 21.02 -2.00
N ALA A 16 -14.32 20.38 -2.04
CA ALA A 16 -14.49 19.28 -3.00
C ALA A 16 -15.91 19.05 -3.32
N LYS A 17 -16.18 18.50 -4.47
CA LYS A 17 -17.54 18.12 -4.80
C LYS A 17 -18.10 17.18 -3.76
N PHE A 18 -19.36 17.36 -3.43
CA PHE A 18 -20.04 16.44 -2.52
C PHE A 18 -19.71 14.96 -2.77
N SER A 19 -19.66 14.62 -4.06
CA SER A 19 -19.49 13.23 -4.51
C SER A 19 -18.09 12.84 -4.87
N ASP A 20 -17.11 13.69 -4.58
CA ASP A 20 -15.71 13.34 -4.74
C ASP A 20 -15.36 12.53 -3.53
N PRO A 21 -14.45 11.58 -3.64
CA PRO A 21 -13.94 10.88 -2.41
C PRO A 21 -13.21 11.76 -1.41
N TYR A 22 -13.16 11.33 -0.16
CA TYR A 22 -12.50 12.04 0.89
C TYR A 22 -11.13 11.49 0.88
N LYS A 23 -10.12 12.36 0.89
CA LYS A 23 -8.73 11.94 0.96
C LYS A 23 -8.09 12.58 2.18
N PHE A 24 -7.77 11.77 3.20
CA PHE A 24 -7.17 12.16 4.47
C PHE A 24 -5.72 11.61 4.54
N GLU A 25 -4.78 12.49 4.90
CA GLU A 25 -3.43 12.10 5.18
C GLU A 25 -3.28 12.11 6.68
N ILE A 26 -3.20 10.93 7.25
CA ILE A 26 -3.18 10.76 8.69
C ILE A 26 -1.78 10.33 9.14
N THR A 27 -1.30 10.96 10.20
CA THR A 27 0.01 10.71 10.74
C THR A 27 -0.13 10.35 12.21
N PHE A 28 0.50 9.23 12.59
CA PHE A 28 0.39 8.73 13.93
C PHE A 28 1.74 8.20 14.50
N GLU A 29 1.78 8.04 15.81
CA GLU A 29 2.93 7.58 16.47
C GLU A 29 2.59 6.41 17.38
N CYS A 30 3.47 5.43 17.40
CA CYS A 30 3.29 4.21 18.13
C CYS A 30 4.63 3.71 18.64
N LEU A 31 4.73 3.34 19.90
CA LEU A 31 6.06 2.88 20.38
C LEU A 31 6.33 1.37 20.47
N GLU A 32 5.29 0.54 20.28
CA GLU A 32 5.49 -0.93 20.22
C GLU A 32 5.10 -1.47 18.85
N PRO A 33 5.65 -2.59 18.44
CA PRO A 33 5.27 -3.18 17.16
C PRO A 33 4.03 -4.06 17.35
N LEU A 34 2.85 -3.49 17.12
CA LEU A 34 1.60 -4.14 17.44
C LEU A 34 1.44 -5.47 16.69
N LYS A 35 0.77 -6.43 17.32
CA LYS A 35 0.42 -7.71 16.66
C LYS A 35 -0.60 -7.54 15.52
N SER A 36 -1.58 -6.64 15.68
CA SER A 36 -2.63 -6.45 14.69
C SER A 36 -2.64 -5.13 13.89
N ASP A 37 -3.47 -5.13 12.84
CA ASP A 37 -3.64 -3.97 12.01
C ASP A 37 -4.40 -2.91 12.79
N LEU A 38 -4.23 -1.65 12.40
CA LEU A 38 -5.18 -0.62 12.83
C LEU A 38 -6.37 -0.57 11.87
N GLU A 39 -7.57 -0.53 12.43
CA GLU A 39 -8.81 -0.54 11.65
C GLU A 39 -9.44 0.85 11.58
N TRP A 40 -9.28 1.51 10.43
CA TRP A 40 -9.80 2.84 10.25
C TRP A 40 -11.16 2.83 9.50
N LYS A 41 -11.94 3.87 9.80
CA LYS A 41 -13.34 3.96 9.43
C LYS A 41 -13.68 5.42 9.25
N LEU A 42 -14.54 5.72 8.27
CA LEU A 42 -15.07 7.06 8.06
C LEU A 42 -16.57 6.96 7.92
N THR A 43 -17.30 7.73 8.70
CA THR A 43 -18.74 7.63 8.81
C THR A 43 -19.36 8.99 8.57
N TYR A 44 -20.31 9.06 7.62
CA TYR A 44 -21.06 10.30 7.32
C TYR A 44 -22.30 10.30 8.18
N VAL A 45 -22.54 11.34 8.95
CA VAL A 45 -23.69 11.38 9.83
C VAL A 45 -24.86 12.03 9.14
N GLY A 46 -25.79 11.16 8.72
CA GLY A 46 -26.93 11.48 7.89
C GLY A 46 -28.09 12.17 8.64
N SER A 47 -28.29 11.79 9.90
CA SER A 47 -29.17 12.52 10.81
C SER A 47 -28.40 12.77 12.10
N ALA A 48 -28.22 14.05 12.44
CA ALA A 48 -27.62 14.45 13.73
C ALA A 48 -28.46 13.92 14.93
N THR A 49 -29.78 13.80 14.74
CA THR A 49 -30.69 13.28 15.79
C THR A 49 -30.61 11.75 15.93
N SER A 50 -30.94 11.02 14.84
CA SER A 50 -30.92 9.53 14.76
C SER A 50 -29.72 8.83 13.99
N GLN A 51 -29.19 7.79 14.63
CA GLN A 51 -28.00 7.08 14.18
C GLN A 51 -28.28 6.11 13.02
N SER A 52 -29.55 6.02 12.63
CA SER A 52 -30.01 5.01 11.67
C SER A 52 -29.66 5.37 10.26
N TYR A 53 -29.36 6.66 10.07
CA TYR A 53 -28.92 7.22 8.80
C TYR A 53 -27.43 7.49 8.69
N ASP A 54 -26.65 7.05 9.66
CA ASP A 54 -25.20 6.96 9.54
C ASP A 54 -24.76 6.04 8.41
N GLN A 55 -23.77 6.47 7.65
CA GLN A 55 -23.24 5.71 6.51
C GLN A 55 -21.74 5.46 6.72
N ILE A 56 -21.37 4.19 6.81
CA ILE A 56 -19.99 3.85 6.91
C ILE A 56 -19.48 3.92 5.51
N LEU A 57 -18.87 5.05 5.16
CA LEU A 57 -18.41 5.31 3.81
C LEU A 57 -17.34 4.35 3.30
N ASP A 58 -16.44 3.99 4.19
CA ASP A 58 -15.32 3.13 3.86
C ASP A 58 -14.51 2.72 5.09
N THR A 59 -13.70 1.68 4.90
CA THR A 59 -12.83 1.15 5.92
C THR A 59 -11.51 0.78 5.29
N LEU A 60 -10.46 0.80 6.09
CA LEU A 60 -9.11 0.60 5.62
C LEU A 60 -8.29 0.07 6.79
N LEU A 61 -7.72 -1.12 6.59
CA LEU A 61 -6.75 -1.68 7.51
C LEU A 61 -5.39 -1.10 7.18
N VAL A 62 -4.64 -0.76 8.22
CA VAL A 62 -3.28 -0.25 8.09
C VAL A 62 -2.35 -1.07 8.99
N GLY A 63 -1.40 -1.71 8.34
CA GLY A 63 -0.41 -2.48 9.04
C GLY A 63 0.61 -3.12 8.08
N PRO A 64 1.61 -3.79 8.66
CA PRO A 64 1.77 -3.89 10.15
C PRO A 64 2.36 -2.60 10.69
N ILE A 65 2.18 -2.36 11.97
CA ILE A 65 2.57 -1.11 12.60
C ILE A 65 3.92 -1.22 13.28
N PRO A 66 4.92 -0.53 12.78
CA PRO A 66 6.20 -0.51 13.42
C PRO A 66 6.26 0.67 14.34
N ILE A 67 7.32 0.62 15.16
CA ILE A 67 7.65 1.65 16.13
C ILE A 67 8.11 2.85 15.36
N GLY A 68 7.56 4.01 15.76
CA GLY A 68 7.90 5.25 15.12
C GLY A 68 6.73 6.12 14.76
N ILE A 69 6.98 7.12 13.93
CA ILE A 69 5.98 8.01 13.45
C ILE A 69 5.80 7.61 12.00
N ASN A 70 4.58 7.19 11.64
CA ASN A 70 4.22 6.77 10.29
C ASN A 70 3.00 7.52 9.87
N LYS A 71 2.67 7.38 8.59
CA LYS A 71 1.51 8.01 7.99
C LYS A 71 0.94 7.21 6.84
N PHE A 72 -0.26 7.57 6.44
CA PHE A 72 -0.90 6.94 5.30
C PHE A 72 -1.97 7.82 4.80
N VAL A 73 -2.42 7.52 3.62
CA VAL A 73 -3.51 8.24 3.01
C VAL A 73 -4.75 7.35 3.04
N PHE A 74 -5.88 7.90 3.48
CA PHE A 74 -7.15 7.19 3.55
C PHE A 74 -8.07 7.83 2.50
N GLU A 75 -8.34 7.10 1.45
CA GLU A 75 -9.23 7.57 0.40
C GLU A 75 -10.61 6.88 0.62
N ALA A 76 -11.64 7.64 0.98
CA ALA A 76 -12.95 7.04 1.27
C ALA A 76 -14.01 7.41 0.27
N ASP A 77 -14.99 6.55 0.08
CA ASP A 77 -16.05 6.84 -0.91
C ASP A 77 -16.99 7.93 -0.38
N PRO A 78 -17.58 8.69 -1.29
CA PRO A 78 -18.40 9.83 -0.88
C PRO A 78 -19.68 9.29 -0.33
N PRO A 79 -20.51 10.12 0.26
CA PRO A 79 -21.78 9.61 0.82
C PRO A 79 -22.77 9.14 -0.29
N ASN A 80 -23.68 8.25 0.09
CA ASN A 80 -24.79 7.84 -0.78
C ASN A 80 -26.07 8.66 -0.50
N ILE A 81 -26.49 9.35 -1.50
CA ILE A 81 -27.52 10.35 -1.32
C ILE A 81 -28.93 9.70 -1.16
N ASP A 82 -29.08 8.47 -1.64
CA ASP A 82 -30.36 7.76 -1.61
C ASP A 82 -30.67 7.38 -0.20
N LEU A 83 -29.62 7.32 0.62
CA LEU A 83 -29.73 6.88 2.02
C LEU A 83 -30.02 7.99 3.00
N LEU A 84 -29.97 9.25 2.54
CA LEU A 84 -30.31 10.36 3.40
C LEU A 84 -31.83 10.45 3.50
N PRO A 85 -32.30 10.91 4.66
CA PRO A 85 -33.74 11.06 4.92
C PRO A 85 -34.44 11.95 3.89
N GLN A 86 -33.93 13.17 3.73
CA GLN A 86 -34.31 14.08 2.62
C GLN A 86 -33.10 14.64 1.91
N LEU A 87 -33.27 15.01 0.65
CA LEU A 87 -32.16 15.47 -0.19
C LEU A 87 -31.53 16.80 0.29
N SER A 88 -32.32 17.65 0.89
CA SER A 88 -31.85 18.92 1.39
C SER A 88 -30.96 18.85 2.65
N ASP A 89 -30.89 17.65 3.23
CA ASP A 89 -30.04 17.44 4.38
C ASP A 89 -28.53 17.56 4.05
N VAL A 90 -28.12 17.33 2.78
CA VAL A 90 -26.74 17.53 2.41
C VAL A 90 -26.26 18.96 2.66
N LEU A 91 -27.18 19.92 2.64
CA LEU A 91 -26.82 21.31 2.70
C LEU A 91 -26.60 21.77 4.13
N GLY A 92 -25.75 22.78 4.31
CA GLY A 92 -25.43 23.35 5.61
C GLY A 92 -24.40 22.47 6.28
N VAL A 93 -24.31 22.52 7.58
CA VAL A 93 -23.27 21.84 8.29
C VAL A 93 -23.68 20.46 8.60
N THR A 94 -22.88 19.49 8.18
CA THR A 94 -23.06 18.09 8.62
C THR A 94 -21.78 17.64 9.25
N VAL A 95 -21.72 16.38 9.67
CA VAL A 95 -20.62 15.81 10.40
C VAL A 95 -20.04 14.55 9.78
N ILE A 96 -18.74 14.36 9.90
CA ILE A 96 -18.13 13.10 9.62
C ILE A 96 -17.30 12.66 10.80
N LEU A 97 -17.20 11.35 10.98
CA LEU A 97 -16.42 10.82 12.08
C LEU A 97 -15.31 9.89 11.58
N LEU A 98 -14.07 10.22 11.98
CA LEU A 98 -12.92 9.44 11.57
C LEU A 98 -12.57 8.64 12.78
N SER A 99 -12.69 7.33 12.74
CA SER A 99 -12.26 6.55 13.88
C SER A 99 -11.30 5.40 13.60
N CYS A 100 -10.58 5.01 14.63
CA CYS A 100 -9.70 3.87 14.52
C CYS A 100 -9.93 2.95 15.67
N ALA A 101 -10.05 1.68 15.37
CA ALA A 101 -10.19 0.64 16.43
C ALA A 101 -8.93 -0.26 16.35
N TYR A 102 -8.65 -1.01 17.40
CA TYR A 102 -7.63 -2.05 17.35
C TYR A 102 -8.24 -3.32 17.81
N GLU A 103 -8.22 -4.35 16.98
CA GLU A 103 -8.90 -5.62 17.32
C GLU A 103 -10.37 -5.36 17.70
N ASP A 104 -11.06 -4.72 16.79
CA ASP A 104 -12.49 -4.39 16.93
C ASP A 104 -12.86 -3.60 18.21
N ASN A 105 -11.93 -2.85 18.78
CA ASN A 105 -12.25 -1.91 19.87
C ASN A 105 -11.86 -0.52 19.51
N GLU A 106 -12.85 0.38 19.38
CA GLU A 106 -12.60 1.77 19.03
C GLU A 106 -11.76 2.42 20.09
N PHE A 107 -10.64 3.06 19.68
CA PHE A 107 -9.77 3.79 20.61
C PHE A 107 -9.68 5.28 20.37
N VAL A 108 -10.08 5.74 19.22
CA VAL A 108 -10.11 7.16 19.00
C VAL A 108 -11.15 7.50 17.94
N ARG A 109 -11.80 8.62 18.17
CA ARG A 109 -12.80 9.09 17.24
C ARG A 109 -12.56 10.60 16.98
N VAL A 110 -12.44 10.99 15.71
CA VAL A 110 -12.24 12.39 15.35
C VAL A 110 -13.46 12.90 14.58
N GLY A 111 -14.30 13.70 15.23
CA GLY A 111 -15.42 14.28 14.54
C GLY A 111 -15.06 15.59 13.86
N TYR A 112 -15.71 15.87 12.74
CA TYR A 112 -15.41 17.06 11.96
C TYR A 112 -16.69 17.70 11.51
N TYR A 113 -16.81 19.00 11.62
CA TYR A 113 -17.92 19.70 10.99
C TYR A 113 -17.61 19.86 9.53
N VAL A 114 -18.60 19.82 8.69
CA VAL A 114 -18.36 19.99 7.23
C VAL A 114 -19.40 20.91 6.77
N ASN A 115 -19.05 21.86 5.94
CA ASN A 115 -19.97 22.86 5.45
C ASN A 115 -20.33 22.64 4.05
N ASN A 116 -21.62 22.61 3.73
CA ASN A 116 -22.05 22.25 2.37
C ASN A 116 -22.87 23.32 1.70
N GLU A 117 -22.40 23.77 0.54
CA GLU A 117 -22.97 24.85 -0.21
C GLU A 117 -23.27 24.39 -1.62
N MET A 118 -24.29 25.00 -2.25
CA MET A 118 -24.70 24.70 -3.62
C MET A 118 -24.49 25.93 -4.48
N GLU A 119 -24.10 25.72 -5.73
CA GLU A 119 -23.92 26.82 -6.66
C GLU A 119 -25.18 27.64 -6.85
N GLY A 120 -25.00 28.94 -6.79
CA GLY A 120 -26.04 29.91 -7.02
C GLY A 120 -26.92 30.14 -5.84
N LEU A 121 -26.72 29.46 -4.73
CA LEU A 121 -27.67 29.48 -3.63
C LEU A 121 -27.03 30.12 -2.40
N ASN A 122 -27.79 31.06 -1.83
CA ASN A 122 -27.39 31.78 -0.65
C ASN A 122 -28.13 31.17 0.54
N LEU A 123 -27.49 30.22 1.17
CA LEU A 123 -28.03 29.53 2.31
C LEU A 123 -28.12 30.41 3.53
N GLN A 124 -27.34 31.46 3.56
CA GLN A 124 -27.24 32.20 4.83
C GLN A 124 -28.52 32.98 5.12
N GLU A 125 -29.13 33.50 4.06
CA GLU A 125 -30.28 34.36 4.18
C GLU A 125 -31.59 33.57 4.32
N MET A 126 -31.52 32.23 4.30
CA MET A 126 -32.69 31.35 4.29
C MET A 126 -32.91 30.77 5.69
N ASP A 127 -34.17 30.39 5.99
CA ASP A 127 -34.51 29.63 7.21
C ASP A 127 -34.98 28.25 6.82
N ASP A 128 -34.97 27.33 7.80
CA ASP A 128 -35.11 25.89 7.53
C ASP A 128 -36.21 25.59 6.50
N ALA A 129 -37.30 26.31 6.56
CA ALA A 129 -38.45 26.06 5.69
C ALA A 129 -38.17 26.23 4.22
N GLU A 130 -37.51 27.33 3.88
CA GLU A 130 -37.02 27.65 2.50
C GLU A 130 -35.89 26.73 1.97
N ILE A 131 -35.06 26.24 2.89
CA ILE A 131 -33.98 25.30 2.58
C ILE A 131 -34.58 23.98 2.13
N LYS A 132 -35.62 23.48 2.80
CA LYS A 132 -36.26 22.17 2.44
C LYS A 132 -36.84 22.22 1.01
N LYS A 133 -37.31 23.42 0.66
CA LYS A 133 -37.86 23.69 -0.68
C LYS A 133 -36.83 23.67 -1.81
N VAL A 134 -35.57 23.89 -1.43
CA VAL A 134 -34.48 23.93 -2.38
C VAL A 134 -34.46 22.69 -3.20
N LYS A 135 -34.56 22.85 -4.48
CA LYS A 135 -34.35 21.72 -5.34
C LYS A 135 -32.87 21.44 -5.53
N VAL A 136 -32.35 20.46 -4.81
CA VAL A 136 -30.92 20.18 -4.78
C VAL A 136 -30.46 19.51 -6.08
N ASP A 137 -29.52 20.14 -6.77
CA ASP A 137 -28.68 19.49 -7.78
C ASP A 137 -27.33 19.13 -7.18
N ILE A 138 -27.17 17.84 -6.93
CA ILE A 138 -26.09 17.39 -6.08
C ILE A 138 -24.73 17.61 -6.75
N SER A 139 -24.71 17.56 -8.06
CA SER A 139 -23.46 17.84 -8.80
C SER A 139 -23.02 19.34 -8.72
N LYS A 140 -23.85 20.19 -8.10
CA LYS A 140 -23.53 21.54 -7.83
C LYS A 140 -23.28 21.84 -6.36
N VAL A 141 -23.15 20.82 -5.52
CA VAL A 141 -22.95 20.97 -4.08
C VAL A 141 -21.52 20.68 -3.72
N TRP A 142 -20.85 21.66 -3.10
CA TRP A 142 -19.49 21.49 -2.66
C TRP A 142 -19.35 21.45 -1.15
N ARG A 143 -18.34 20.77 -0.66
CA ARG A 143 -18.07 20.71 0.78
C ARG A 143 -16.78 21.35 1.17
N SER A 144 -16.66 21.73 2.42
CA SER A 144 -15.40 22.10 3.03
C SER A 144 -15.39 21.56 4.45
N ILE A 145 -14.41 20.75 4.77
CA ILE A 145 -14.27 20.13 6.06
C ILE A 145 -13.49 21.11 6.91
N LEU A 146 -13.88 21.39 8.15
CA LEU A 146 -13.16 22.26 9.05
C LEU A 146 -12.21 21.38 9.76
N ALA A 147 -11.11 21.09 9.07
CA ALA A 147 -10.08 20.17 9.52
C ALA A 147 -9.25 20.78 10.61
N GLU A 148 -9.39 22.08 10.82
CA GLU A 148 -8.66 22.86 11.84
C GLU A 148 -9.30 22.73 13.22
N LYS A 149 -10.58 22.37 13.29
CA LYS A 149 -11.27 22.25 14.55
C LYS A 149 -11.84 20.87 14.76
N PRO A 150 -11.01 19.85 14.91
CA PRO A 150 -11.48 18.49 15.17
C PRO A 150 -11.89 18.22 16.59
N ARG A 151 -12.99 17.55 16.89
CA ARG A 151 -13.24 17.14 18.27
C ARG A 151 -12.79 15.69 18.50
N VAL A 152 -11.76 15.52 19.30
CA VAL A 152 -11.13 14.21 19.47
C VAL A 152 -11.63 13.55 20.75
N THR A 153 -12.01 12.27 20.66
CA THR A 153 -12.51 11.47 21.77
C THR A 153 -11.64 10.25 21.88
N ARG A 154 -11.24 9.91 23.08
CA ARG A 154 -10.34 8.76 23.30
C ARG A 154 -11.00 7.69 24.10
N PHE A 155 -10.62 6.44 23.90
CA PHE A 155 -11.21 5.34 24.64
C PHE A 155 -10.11 4.40 25.14
N ASN A 156 -10.19 3.93 26.37
CA ASN A 156 -9.22 2.95 26.86
C ASN A 156 -9.50 1.58 26.34
N ILE A 157 -8.47 0.91 25.85
CA ILE A 157 -8.62 -0.45 25.31
C ILE A 157 -7.50 -1.34 25.75
N GLN A 158 -7.70 -2.64 25.60
CA GLN A 158 -6.58 -3.58 25.80
C GLN A 158 -5.80 -3.52 24.50
N TRP A 159 -4.49 -3.41 24.57
CA TRP A 159 -3.75 -3.44 23.31
C TRP A 159 -3.24 -4.86 23.18
N ASP A 160 -1.93 -5.05 23.08
CA ASP A 160 -1.34 -6.38 23.11
C ASP A 160 -1.10 -6.89 24.56
N ASN A 161 -1.41 -6.04 25.55
CA ASN A 161 -1.29 -6.37 26.97
C ASN A 161 -2.45 -7.22 27.45
N LYS B 11 -9.54 -4.50 2.47
CA LYS B 11 -8.57 -3.45 1.88
C LYS B 11 -7.59 -2.96 2.94
N ARG B 12 -6.33 -2.88 2.52
CA ARG B 12 -5.23 -3.03 3.44
C ARG B 12 -3.99 -2.36 2.92
N ILE B 13 -3.41 -1.40 3.63
CA ILE B 13 -2.15 -0.86 3.22
C ILE B 13 -1.12 -0.74 4.29
N ALA B 14 0.14 -0.76 3.88
CA ALA B 14 1.24 -0.66 4.84
C ALA B 14 1.38 0.83 5.10
N PRO B 15 1.80 1.22 6.31
CA PRO B 15 2.08 2.64 6.60
C PRO B 15 3.41 3.09 6.05
N THR B 16 3.55 4.39 5.90
CA THR B 16 4.75 5.01 5.33
C THR B 16 5.58 5.68 6.47
N PRO B 17 6.86 5.34 6.59
CA PRO B 17 7.67 5.91 7.68
C PRO B 17 7.89 7.38 7.46
N VAL B 18 7.79 8.16 8.53
CA VAL B 18 7.97 9.59 8.51
C VAL B 18 9.22 9.88 9.33
N TYR B 19 9.35 9.19 10.46
CA TYR B 19 10.47 9.41 11.37
C TYR B 19 10.51 8.21 12.34
N PRO B 20 11.61 7.51 12.52
CA PRO B 20 12.84 7.58 11.71
C PRO B 20 12.71 7.42 10.19
N SER C 2 -11.48 -37.17 -17.01
CA SER C 2 -12.19 -38.32 -16.28
C SER C 2 -13.16 -37.78 -15.22
N ILE C 3 -13.57 -38.57 -14.22
CA ILE C 3 -14.59 -38.06 -13.35
C ILE C 3 -14.00 -37.15 -12.32
N VAL C 4 -12.80 -37.49 -11.85
CA VAL C 4 -12.04 -36.58 -11.01
C VAL C 4 -10.74 -36.21 -11.72
N ASN C 5 -10.50 -34.90 -11.82
CA ASN C 5 -9.30 -34.34 -12.43
C ASN C 5 -8.58 -33.56 -11.41
N ILE C 6 -7.29 -33.74 -11.29
CA ILE C 6 -6.50 -32.91 -10.42
C ILE C 6 -6.19 -31.69 -11.23
N LEU C 7 -6.44 -30.49 -10.68
CA LEU C 7 -6.10 -29.25 -11.39
C LEU C 7 -4.78 -28.66 -10.95
N SER C 8 -4.53 -28.66 -9.67
CA SER C 8 -3.21 -28.19 -9.24
C SER C 8 -2.77 -28.88 -7.93
N VAL C 9 -1.43 -29.09 -7.79
CA VAL C 9 -0.87 -29.44 -6.51
C VAL C 9 0.24 -28.49 -6.19
N ASN C 10 0.19 -27.96 -5.01
CA ASN C 10 1.06 -26.91 -4.65
C ASN C 10 1.75 -27.33 -3.31
N VAL C 11 3.08 -27.36 -3.29
CA VAL C 11 3.76 -27.76 -2.08
C VAL C 11 3.88 -26.49 -1.23
N LEU C 12 3.22 -26.44 -0.11
CA LEU C 12 3.20 -25.26 0.68
C LEU C 12 4.53 -24.98 1.32
N ASN C 13 5.26 -26.00 1.79
CA ASN C 13 6.54 -25.79 2.53
C ASN C 13 7.75 -26.37 1.78
N ASN C 14 8.36 -25.55 0.95
CA ASN C 14 9.44 -25.98 0.10
C ASN C 14 10.46 -24.86 -0.04
N PRO C 15 11.73 -25.06 0.25
CA PRO C 15 12.29 -26.34 0.70
C PRO C 15 11.93 -26.62 2.14
N ALA C 16 12.18 -27.84 2.58
CA ALA C 16 11.91 -28.21 3.98
C ALA C 16 12.91 -29.18 4.52
N LYS C 17 12.98 -29.29 5.83
CA LYS C 17 13.86 -30.28 6.44
C LYS C 17 13.43 -31.64 6.07
N PHE C 18 14.39 -32.54 5.85
CA PHE C 18 14.04 -33.93 5.57
C PHE C 18 12.89 -34.46 6.48
N SER C 19 12.97 -34.09 7.74
CA SER C 19 12.04 -34.61 8.73
C SER C 19 10.77 -33.80 8.87
N ASP C 20 10.61 -32.65 8.21
CA ASP C 20 9.34 -31.93 8.33
C ASP C 20 8.24 -32.71 7.66
N PRO C 21 7.04 -32.63 8.19
CA PRO C 21 5.87 -33.09 7.45
C PRO C 21 5.76 -32.49 6.08
N TYR C 22 5.25 -33.23 5.12
CA TYR C 22 4.90 -32.74 3.80
C TYR C 22 3.53 -32.04 3.86
N LYS C 23 3.40 -30.87 3.25
CA LYS C 23 2.09 -30.21 3.11
C LYS C 23 1.79 -29.85 1.68
N PHE C 24 0.75 -30.50 1.14
CA PHE C 24 0.33 -30.34 -0.24
C PHE C 24 -1.03 -29.65 -0.23
N GLU C 25 -1.25 -28.65 -1.09
CA GLU C 25 -2.60 -28.12 -1.25
C GLU C 25 -3.06 -28.59 -2.59
N ILE C 26 -4.10 -29.42 -2.63
CA ILE C 26 -4.45 -30.13 -3.84
C ILE C 26 -5.81 -29.65 -4.22
N THR C 27 -5.96 -29.24 -5.49
CA THR C 27 -7.18 -28.73 -6.08
C THR C 27 -7.64 -29.62 -7.21
N PHE C 28 -8.92 -30.03 -7.14
CA PHE C 28 -9.46 -31.01 -8.06
C PHE C 28 -10.88 -30.66 -8.47
N GLU C 29 -11.32 -31.22 -9.59
CA GLU C 29 -12.64 -30.96 -10.11
C GLU C 29 -13.41 -32.25 -10.33
N CYS C 30 -14.67 -32.22 -9.95
CA CYS C 30 -15.57 -33.35 -10.04
C CYS C 30 -16.98 -32.94 -10.55
N LEU C 31 -17.42 -33.64 -11.59
CA LEU C 31 -18.69 -33.35 -12.31
C LEU C 31 -19.95 -33.83 -11.56
N GLU C 32 -19.90 -35.12 -11.21
CA GLU C 32 -20.96 -35.79 -10.46
C GLU C 32 -20.62 -35.92 -8.99
N PRO C 33 -21.62 -35.95 -8.12
CA PRO C 33 -21.37 -36.03 -6.69
C PRO C 33 -21.15 -37.52 -6.42
N LEU C 34 -20.05 -37.84 -5.75
CA LEU C 34 -19.66 -39.21 -5.60
C LEU C 34 -20.26 -39.73 -4.32
N LYS C 35 -20.55 -41.03 -4.26
CA LYS C 35 -21.09 -41.65 -3.05
C LYS C 35 -20.03 -41.83 -1.92
N SER C 36 -18.81 -42.09 -2.30
CA SER C 36 -17.75 -42.36 -1.34
C SER C 36 -16.69 -41.22 -1.27
N ASP C 37 -15.73 -41.42 -0.37
CA ASP C 37 -14.64 -40.48 -0.21
C ASP C 37 -13.61 -40.77 -1.25
N LEU C 38 -12.71 -39.80 -1.41
CA LEU C 38 -11.48 -39.99 -2.14
C LEU C 38 -10.41 -40.41 -1.15
N GLU C 39 -9.71 -41.52 -1.44
CA GLU C 39 -8.59 -41.97 -0.58
C GLU C 39 -7.25 -41.50 -1.16
N TRP C 40 -6.64 -40.55 -0.47
CA TRP C 40 -5.36 -40.06 -0.89
C TRP C 40 -4.23 -40.70 -0.08
N LYS C 41 -3.04 -40.69 -0.64
CA LYS C 41 -1.96 -41.45 -0.09
C LYS C 41 -0.65 -40.90 -0.61
N LEU C 42 0.33 -40.80 0.26
CA LEU C 42 1.64 -40.32 -0.14
C LEU C 42 2.66 -41.39 0.16
N THR C 43 3.61 -41.63 -0.74
CA THR C 43 4.54 -42.76 -0.67
C THR C 43 5.98 -42.30 -0.95
N TYR C 44 6.90 -42.52 0.00
CA TYR C 44 8.31 -42.20 -0.15
C TYR C 44 8.92 -43.40 -0.75
N VAL C 45 9.75 -43.25 -1.78
CA VAL C 45 10.31 -44.38 -2.49
C VAL C 45 11.75 -44.48 -2.05
N GLY C 46 11.93 -45.47 -1.13
CA GLY C 46 13.15 -45.75 -0.35
C GLY C 46 14.28 -46.43 -1.12
N SER C 47 13.91 -47.37 -2.00
CA SER C 47 14.85 -47.88 -3.02
C SER C 47 14.19 -47.78 -4.41
N ALA C 48 14.90 -47.16 -5.37
CA ALA C 48 14.44 -47.09 -6.78
C ALA C 48 14.17 -48.50 -7.37
N THR C 49 15.02 -49.47 -6.97
CA THR C 49 14.94 -50.88 -7.43
C THR C 49 13.88 -51.72 -6.70
N SER C 50 13.87 -51.72 -5.37
CA SER C 50 13.02 -52.61 -4.57
C SER C 50 11.82 -51.85 -3.99
N GLN C 51 10.62 -52.32 -4.34
CA GLN C 51 9.34 -51.78 -3.80
C GLN C 51 9.13 -52.00 -2.28
N SER C 52 9.89 -52.92 -1.68
CA SER C 52 9.60 -53.33 -0.31
C SER C 52 10.10 -52.27 0.67
N TYR C 53 10.96 -51.33 0.19
CA TYR C 53 11.38 -50.10 0.92
C TYR C 53 10.48 -48.84 0.75
N ASP C 54 9.45 -48.93 -0.09
CA ASP C 54 8.34 -47.97 -0.09
C ASP C 54 7.74 -47.71 1.29
N GLN C 55 7.66 -46.45 1.71
CA GLN C 55 7.02 -46.07 2.96
C GLN C 55 5.74 -45.27 2.65
N ILE C 56 4.60 -45.86 2.98
CA ILE C 56 3.37 -45.15 2.87
C ILE C 56 3.45 -44.24 4.04
N LEU C 57 3.68 -42.95 3.81
CA LEU C 57 3.86 -41.97 4.85
C LEU C 57 2.56 -41.59 5.56
N ASP C 58 1.47 -41.61 4.86
CA ASP C 58 0.18 -41.24 5.47
C ASP C 58 -0.90 -41.42 4.42
N THR C 59 -2.16 -41.43 4.86
CA THR C 59 -3.28 -41.51 3.91
C THR C 59 -4.31 -40.54 4.44
N LEU C 60 -5.36 -40.23 3.68
CA LEU C 60 -6.34 -39.21 4.07
C LEU C 60 -7.57 -39.34 3.20
N LEU C 61 -8.70 -39.52 3.85
CA LEU C 61 -9.96 -39.65 3.18
C LEU C 61 -10.55 -38.26 3.06
N VAL C 62 -11.09 -37.91 1.90
CA VAL C 62 -11.56 -36.55 1.68
C VAL C 62 -12.97 -36.67 1.13
N GLY C 63 -13.90 -36.01 1.79
CA GLY C 63 -15.30 -36.23 1.47
C GLY C 63 -16.26 -35.64 2.49
N PRO C 64 -17.53 -35.52 2.13
CA PRO C 64 -18.08 -35.98 0.84
C PRO C 64 -17.72 -35.05 -0.31
N ILE C 65 -17.72 -35.57 -1.54
CA ILE C 65 -17.29 -34.83 -2.70
C ILE C 65 -18.45 -34.21 -3.43
N PRO C 66 -18.56 -32.87 -3.35
CA PRO C 66 -19.58 -32.16 -4.11
C PRO C 66 -19.09 -32.03 -5.52
N ILE C 67 -20.02 -31.72 -6.40
CA ILE C 67 -19.72 -31.20 -7.75
C ILE C 67 -18.94 -29.90 -7.68
N GLY C 68 -17.97 -29.79 -8.59
CA GLY C 68 -17.22 -28.56 -8.79
C GLY C 68 -15.76 -28.62 -8.42
N ILE C 69 -15.19 -27.47 -8.24
CA ILE C 69 -13.78 -27.36 -7.94
C ILE C 69 -13.66 -27.20 -6.45
N ASN C 70 -12.86 -28.08 -5.85
CA ASN C 70 -12.54 -28.05 -4.41
C ASN C 70 -11.07 -28.25 -4.14
N LYS C 71 -10.60 -27.85 -2.97
CA LYS C 71 -9.24 -28.10 -2.59
C LYS C 71 -9.15 -28.54 -1.14
N PHE C 72 -7.99 -29.04 -0.77
CA PHE C 72 -7.75 -29.46 0.59
C PHE C 72 -6.21 -29.48 0.88
N VAL C 73 -5.83 -29.53 2.13
CA VAL C 73 -4.43 -29.62 2.44
C VAL C 73 -4.17 -31.01 2.94
N PHE C 74 -3.20 -31.70 2.34
CA PHE C 74 -2.81 -33.05 2.71
C PHE C 74 -1.49 -32.89 3.48
N GLU C 75 -1.52 -33.04 4.81
CA GLU C 75 -0.31 -32.94 5.60
C GLU C 75 0.09 -34.37 5.92
N ALA C 76 1.25 -34.83 5.44
CA ALA C 76 1.72 -36.20 5.66
C ALA C 76 3.01 -36.26 6.48
N ASP C 77 3.25 -37.37 7.16
CA ASP C 77 4.44 -37.49 8.02
C ASP C 77 5.65 -37.71 7.17
N PRO C 78 6.82 -37.33 7.69
CA PRO C 78 8.07 -37.47 6.96
C PRO C 78 8.49 -38.94 6.88
N PRO C 79 9.49 -39.28 6.08
CA PRO C 79 9.96 -40.67 6.04
C PRO C 79 10.62 -41.04 7.38
N ASN C 80 10.56 -42.34 7.67
CA ASN C 80 11.22 -42.96 8.82
C ASN C 80 12.60 -43.41 8.37
N ILE C 81 13.57 -42.78 8.98
CA ILE C 81 14.96 -42.96 8.61
C ILE C 81 15.39 -44.40 8.75
N ASP C 82 14.82 -45.08 9.78
CA ASP C 82 15.19 -46.44 10.17
C ASP C 82 14.73 -47.50 9.20
N LEU C 83 13.85 -47.15 8.27
CA LEU C 83 13.37 -48.08 7.27
C LEU C 83 14.06 -47.99 5.94
N LEU C 84 15.03 -47.09 5.80
CA LEU C 84 15.81 -47.01 4.57
C LEU C 84 16.90 -48.08 4.56
N PRO C 85 17.26 -48.59 3.39
CA PRO C 85 18.33 -49.60 3.31
C PRO C 85 19.63 -49.04 3.92
N GLN C 86 20.04 -47.88 3.43
CA GLN C 86 21.18 -47.14 3.98
C GLN C 86 20.82 -45.67 4.16
N LEU C 87 21.36 -45.10 5.23
CA LEU C 87 21.17 -43.71 5.63
C LEU C 87 21.44 -42.71 4.53
N SER C 88 22.50 -42.96 3.79
CA SER C 88 22.93 -42.07 2.73
C SER C 88 22.07 -42.15 1.49
N ASP C 89 20.99 -42.91 1.54
CA ASP C 89 20.09 -43.03 0.36
C ASP C 89 19.25 -41.78 0.28
N VAL C 90 19.00 -41.15 1.43
CA VAL C 90 18.18 -39.94 1.45
C VAL C 90 18.74 -38.87 0.53
N LEU C 91 20.06 -38.87 0.30
CA LEU C 91 20.70 -37.81 -0.48
C LEU C 91 20.45 -38.02 -1.94
N GLY C 92 20.62 -36.90 -2.64
CA GLY C 92 20.42 -36.79 -4.07
C GLY C 92 18.95 -36.81 -4.37
N VAL C 93 18.65 -37.26 -5.59
CA VAL C 93 17.28 -37.33 -6.06
C VAL C 93 16.56 -38.59 -5.62
N THR C 94 15.37 -38.43 -5.05
CA THR C 94 14.50 -39.54 -4.70
C THR C 94 13.14 -39.16 -5.17
N VAL C 95 12.12 -39.95 -4.85
CA VAL C 95 10.80 -39.81 -5.44
C VAL C 95 9.70 -39.85 -4.35
N ILE C 96 8.61 -39.12 -4.52
CA ILE C 96 7.36 -39.41 -3.79
C ILE C 96 6.25 -39.65 -4.78
N LEU C 97 5.35 -40.57 -4.47
CA LEU C 97 4.12 -40.78 -5.26
C LEU C 97 2.91 -40.33 -4.49
N LEU C 98 2.23 -39.36 -5.03
CA LEU C 98 0.98 -38.88 -4.45
C LEU C 98 -0.07 -39.58 -5.25
N SER C 99 -1.05 -40.18 -4.60
CA SER C 99 -2.06 -40.88 -5.38
C SER C 99 -3.39 -40.93 -4.77
N CYS C 100 -4.37 -41.22 -5.59
CA CYS C 100 -5.74 -41.21 -5.15
C CYS C 100 -6.47 -42.44 -5.67
N ALA C 101 -7.33 -42.95 -4.81
CA ALA C 101 -8.18 -44.10 -5.08
C ALA C 101 -9.66 -43.80 -4.77
N TYR C 102 -10.54 -44.43 -5.53
CA TYR C 102 -11.99 -44.42 -5.22
C TYR C 102 -12.45 -45.85 -4.91
N GLU C 103 -12.95 -46.05 -3.68
CA GLU C 103 -13.39 -47.39 -3.23
C GLU C 103 -12.32 -48.41 -3.44
N ASP C 104 -11.11 -48.11 -2.98
CA ASP C 104 -9.94 -49.01 -3.02
C ASP C 104 -9.37 -49.32 -4.43
N ASN C 105 -9.60 -48.41 -5.36
CA ASN C 105 -9.07 -48.47 -6.70
C ASN C 105 -8.42 -47.17 -7.18
N GLU C 106 -7.13 -47.29 -7.45
CA GLU C 106 -6.26 -46.19 -7.80
C GLU C 106 -6.63 -45.64 -9.19
N PHE C 107 -6.99 -44.36 -9.26
CA PHE C 107 -7.32 -43.70 -10.53
C PHE C 107 -6.36 -42.66 -10.99
N VAL C 108 -5.51 -42.18 -10.09
CA VAL C 108 -4.41 -41.30 -10.52
C VAL C 108 -3.19 -41.43 -9.60
N ARG C 109 -2.04 -41.14 -10.18
CA ARG C 109 -0.78 -41.17 -9.44
C ARG C 109 0.19 -40.17 -10.04
N VAL C 110 0.56 -39.18 -9.23
CA VAL C 110 1.50 -38.12 -9.59
C VAL C 110 2.83 -38.33 -8.91
N GLY C 111 3.87 -38.50 -9.70
CA GLY C 111 5.20 -38.77 -9.15
C GLY C 111 6.03 -37.50 -9.17
N TYR C 112 6.84 -37.24 -8.16
CA TYR C 112 7.67 -36.06 -8.14
C TYR C 112 9.07 -36.44 -7.84
N TYR C 113 10.03 -35.91 -8.57
CA TYR C 113 11.40 -36.05 -8.18
C TYR C 113 11.66 -35.09 -7.06
N VAL C 114 12.49 -35.46 -6.10
CA VAL C 114 12.81 -34.65 -4.96
C VAL C 114 14.33 -34.64 -4.78
N ASN C 115 14.86 -33.45 -4.59
CA ASN C 115 16.28 -33.29 -4.50
C ASN C 115 16.65 -33.06 -3.08
N ASN C 116 17.67 -33.76 -2.60
CA ASN C 116 18.04 -33.69 -1.19
C ASN C 116 19.53 -33.33 -1.03
N GLU C 117 19.80 -32.36 -0.16
CA GLU C 117 21.16 -31.90 0.06
C GLU C 117 21.43 -31.81 1.54
N MET C 118 22.69 -31.72 1.90
CA MET C 118 23.07 -31.66 3.31
C MET C 118 23.98 -30.48 3.51
N GLU C 119 23.77 -29.76 4.60
CA GLU C 119 24.60 -28.62 4.96
C GLU C 119 26.10 -28.90 4.81
N GLY C 120 26.79 -28.04 4.05
CA GLY C 120 28.24 -28.06 3.97
C GLY C 120 28.82 -29.20 3.15
N LEU C 121 27.96 -29.94 2.46
CA LEU C 121 28.38 -31.05 1.63
C LEU C 121 28.13 -30.78 0.17
N ASN C 122 29.20 -30.71 -0.62
CA ASN C 122 29.13 -30.55 -2.09
C ASN C 122 28.96 -31.90 -2.77
N LEU C 123 27.70 -32.22 -3.00
CA LEU C 123 27.27 -33.51 -3.48
C LEU C 123 27.63 -33.70 -4.96
N GLN C 124 27.71 -32.62 -5.73
CA GLN C 124 27.85 -32.73 -7.20
C GLN C 124 29.22 -33.25 -7.64
N GLU C 125 30.24 -32.95 -6.85
CA GLU C 125 31.62 -33.44 -7.05
C GLU C 125 31.78 -34.94 -6.78
N MET C 126 31.18 -35.38 -5.68
CA MET C 126 31.28 -36.76 -5.18
C MET C 126 30.76 -37.84 -6.15
N ASP C 127 31.49 -38.94 -6.21
CA ASP C 127 31.09 -40.13 -6.97
C ASP C 127 30.49 -41.13 -6.00
N ASP C 128 29.71 -42.09 -6.50
CA ASP C 128 28.77 -42.87 -5.64
C ASP C 128 29.46 -43.55 -4.41
N ALA C 129 30.74 -43.87 -4.54
CA ALA C 129 31.54 -44.49 -3.46
C ALA C 129 31.83 -43.52 -2.30
N GLU C 130 32.25 -42.32 -2.68
CA GLU C 130 32.57 -41.26 -1.74
C GLU C 130 31.35 -40.68 -0.99
N ILE C 131 30.18 -40.84 -1.59
CA ILE C 131 28.90 -40.38 -1.02
C ILE C 131 28.55 -41.17 0.22
N LYS C 132 28.76 -42.49 0.16
CA LYS C 132 28.35 -43.42 1.25
C LYS C 132 29.16 -43.15 2.52
N LYS C 133 30.44 -42.85 2.28
CA LYS C 133 31.40 -42.44 3.33
C LYS C 133 30.98 -41.22 4.12
N VAL C 134 30.18 -40.35 3.50
CA VAL C 134 29.64 -39.19 4.19
C VAL C 134 28.85 -39.65 5.39
N LYS C 135 29.12 -39.00 6.50
CA LYS C 135 28.41 -39.21 7.74
C LYS C 135 27.16 -38.32 7.74
N VAL C 136 26.05 -38.90 7.31
CA VAL C 136 24.82 -38.18 7.19
C VAL C 136 24.27 -37.82 8.54
N ASP C 137 24.18 -36.53 8.79
CA ASP C 137 23.44 -35.94 9.91
C ASP C 137 22.10 -35.59 9.36
N ILE C 138 21.10 -36.37 9.69
CA ILE C 138 19.77 -36.16 9.15
C ILE C 138 19.10 -34.84 9.56
N SER C 139 19.53 -34.23 10.63
CA SER C 139 18.96 -32.97 11.07
C SER C 139 19.38 -31.82 10.11
N LYS C 140 20.44 -32.04 9.35
CA LYS C 140 20.98 -31.06 8.40
C LYS C 140 20.68 -31.39 6.92
N VAL C 141 19.76 -32.32 6.66
CA VAL C 141 19.36 -32.63 5.29
C VAL C 141 18.04 -31.91 4.95
N TRP C 142 18.06 -31.09 3.88
CA TRP C 142 16.85 -30.45 3.34
C TRP C 142 16.42 -31.07 1.98
N ARG C 143 15.12 -31.03 1.72
CA ARG C 143 14.54 -31.37 0.44
C ARG C 143 13.96 -30.17 -0.29
N SER C 144 13.89 -30.30 -1.60
CA SER C 144 13.08 -29.49 -2.47
C SER C 144 12.33 -30.38 -3.50
N ILE C 145 11.02 -30.39 -3.38
CA ILE C 145 10.19 -31.14 -4.27
C ILE C 145 10.04 -30.35 -5.62
N LEU C 146 10.31 -31.05 -6.72
CA LEU C 146 10.14 -30.52 -8.05
C LEU C 146 8.67 -30.59 -8.43
N ALA C 147 7.90 -29.68 -7.83
CA ALA C 147 6.46 -29.70 -7.97
C ALA C 147 6.03 -29.25 -9.33
N GLU C 148 6.96 -28.68 -10.11
CA GLU C 148 6.61 -28.12 -11.40
C GLU C 148 6.72 -29.14 -12.48
N LYS C 149 7.26 -30.31 -12.17
CA LYS C 149 7.49 -31.33 -13.19
C LYS C 149 6.88 -32.71 -12.77
N PRO C 150 5.58 -32.75 -12.46
CA PRO C 150 4.93 -33.99 -12.05
C PRO C 150 4.79 -34.98 -13.15
N ARG C 151 4.89 -36.28 -12.88
CA ARG C 151 4.61 -37.31 -13.88
C ARG C 151 3.30 -37.92 -13.56
N VAL C 152 2.26 -37.63 -14.32
CA VAL C 152 0.92 -38.08 -13.99
C VAL C 152 0.69 -39.43 -14.60
N THR C 153 0.02 -40.33 -13.91
CA THR C 153 -0.44 -41.58 -14.52
C THR C 153 -1.93 -41.71 -14.23
N ARG C 154 -2.70 -42.18 -15.19
CA ARG C 154 -4.14 -42.25 -14.99
C ARG C 154 -4.60 -43.66 -15.17
N PHE C 155 -5.59 -44.07 -14.41
CA PHE C 155 -6.08 -45.44 -14.50
C PHE C 155 -7.55 -45.40 -14.69
N ASN C 156 -8.08 -46.22 -15.60
CA ASN C 156 -9.53 -46.43 -15.73
C ASN C 156 -10.15 -47.22 -14.62
N ILE C 157 -11.07 -46.62 -13.91
CA ILE C 157 -11.76 -47.32 -12.87
C ILE C 157 -13.22 -47.19 -13.11
N GLN C 158 -13.98 -47.98 -12.38
CA GLN C 158 -15.42 -47.91 -12.47
C GLN C 158 -15.82 -47.04 -11.31
N TRP C 159 -16.49 -45.94 -11.58
CA TRP C 159 -16.81 -45.01 -10.54
C TRP C 159 -18.13 -45.52 -9.94
N ASP C 160 -19.17 -44.68 -9.89
CA ASP C 160 -20.42 -45.07 -9.21
C ASP C 160 -21.40 -45.91 -10.06
N ASN C 161 -20.96 -46.32 -11.26
CA ASN C 161 -21.70 -47.29 -12.08
C ASN C 161 -21.60 -48.70 -11.46
N LYS D 11 -8.55 -40.87 9.74
CA LYS D 11 -8.42 -39.39 9.47
C LYS D 11 -9.10 -38.98 8.17
N ARG D 12 -10.17 -38.21 8.29
CA ARG D 12 -10.95 -37.71 7.16
C ARG D 12 -11.18 -36.22 7.29
N ILE D 13 -11.21 -35.50 6.15
CA ILE D 13 -11.62 -34.12 6.12
C ILE D 13 -12.51 -33.79 4.95
N ALA D 14 -13.22 -32.70 5.11
CA ALA D 14 -14.06 -32.14 4.11
C ALA D 14 -13.25 -31.18 3.19
N PRO D 15 -13.54 -31.19 1.88
CA PRO D 15 -12.96 -30.24 0.96
C PRO D 15 -13.42 -28.82 1.26
N THR D 16 -12.54 -27.86 0.98
CA THR D 16 -12.87 -26.45 0.88
C THR D 16 -13.31 -26.21 -0.56
N PRO D 17 -14.45 -25.56 -0.81
CA PRO D 17 -14.85 -25.26 -2.20
C PRO D 17 -14.11 -24.09 -2.77
N VAL D 18 -13.98 -24.05 -4.09
CA VAL D 18 -13.28 -22.98 -4.80
C VAL D 18 -14.18 -22.37 -5.86
N TYR D 19 -14.94 -23.17 -6.60
CA TYR D 19 -15.81 -22.68 -7.68
C TYR D 19 -16.77 -23.85 -8.03
N PRO D 20 -18.06 -23.76 -7.78
CA PRO D 20 -18.71 -22.64 -7.09
C PRO D 20 -18.27 -22.53 -5.65
N SER E 2 -3.66 51.15 21.36
CA SER E 2 -4.59 50.61 20.31
C SER E 2 -6.09 50.53 20.80
N ILE E 3 -6.91 51.44 20.29
CA ILE E 3 -8.28 51.64 20.75
C ILE E 3 -9.25 50.60 20.18
N VAL E 4 -8.87 50.00 19.05
CA VAL E 4 -9.74 49.03 18.38
C VAL E 4 -9.05 47.67 18.13
N ASN E 5 -9.72 46.60 18.53
CA ASN E 5 -9.14 45.26 18.41
C ASN E 5 -10.17 44.24 17.85
N ILE E 6 -9.74 43.56 16.79
CA ILE E 6 -10.63 42.62 16.16
C ILE E 6 -10.74 41.41 17.08
N LEU E 7 -11.96 41.09 17.46
CA LEU E 7 -12.22 39.90 18.29
C LEU E 7 -12.34 38.62 17.48
N SER E 8 -13.09 38.67 16.38
CA SER E 8 -13.32 37.48 15.58
C SER E 8 -13.80 37.84 14.19
N VAL E 9 -13.49 37.00 13.19
CA VAL E 9 -14.06 37.17 11.86
C VAL E 9 -14.54 35.85 11.32
N ASN E 10 -15.82 35.77 10.96
CA ASN E 10 -16.44 34.55 10.46
C ASN E 10 -16.82 34.74 9.02
N VAL E 11 -16.52 33.74 8.21
CA VAL E 11 -16.79 33.76 6.79
C VAL E 11 -18.11 33.07 6.69
N LEU E 12 -19.08 33.75 6.09
CA LEU E 12 -20.45 33.27 5.99
C LEU E 12 -20.60 32.25 4.86
N ASN E 13 -20.06 32.56 3.70
CA ASN E 13 -20.27 31.74 2.53
C ASN E 13 -18.98 30.98 2.24
N ASN E 14 -18.92 29.77 2.79
CA ASN E 14 -17.75 28.96 2.67
C ASN E 14 -18.10 27.47 2.64
N PRO E 15 -17.75 26.70 1.61
CA PRO E 15 -16.99 27.18 0.42
C PRO E 15 -17.82 28.02 -0.51
N ALA E 16 -17.20 28.63 -1.47
CA ALA E 16 -17.93 29.48 -2.38
C ALA E 16 -17.26 29.35 -3.71
N LYS E 17 -17.95 29.83 -4.73
CA LYS E 17 -17.40 29.94 -6.06
C LYS E 17 -16.38 31.04 -6.17
N PHE E 18 -15.37 30.88 -7.02
CA PHE E 18 -14.26 31.84 -7.12
C PHE E 18 -14.87 33.19 -7.28
N SER E 19 -15.92 33.22 -8.10
CA SER E 19 -16.52 34.52 -8.47
C SER E 19 -17.67 35.02 -7.54
N ASP E 20 -17.96 34.28 -6.48
CA ASP E 20 -18.93 34.70 -5.48
C ASP E 20 -18.34 35.80 -4.59
N PRO E 21 -19.11 36.82 -4.19
CA PRO E 21 -18.56 37.82 -3.27
C PRO E 21 -18.17 37.24 -1.92
N TYR E 22 -17.18 37.87 -1.30
CA TYR E 22 -16.69 37.53 0.03
C TYR E 22 -17.65 38.16 0.99
N LYS E 23 -18.12 37.38 1.95
CA LYS E 23 -18.97 37.87 3.02
C LYS E 23 -18.37 37.52 4.36
N PHE E 24 -17.89 38.53 5.07
CA PHE E 24 -17.28 38.42 6.39
C PHE E 24 -18.18 39.03 7.46
N GLU E 25 -18.28 38.38 8.60
CA GLU E 25 -18.88 38.98 9.78
C GLU E 25 -17.78 39.29 10.74
N ILE E 26 -17.54 40.56 10.97
CA ILE E 26 -16.45 40.98 11.80
C ILE E 26 -17.01 41.51 13.11
N THR E 27 -16.40 41.08 14.20
CA THR E 27 -16.76 41.54 15.55
C THR E 27 -15.52 42.15 16.19
N PHE E 28 -15.64 43.39 16.68
CA PHE E 28 -14.49 44.16 17.20
C PHE E 28 -14.82 44.94 18.46
N GLU E 29 -13.77 45.23 19.23
CA GLU E 29 -13.88 45.94 20.50
C GLU E 29 -13.33 47.34 20.39
N CYS E 30 -14.12 48.29 20.86
CA CYS E 30 -13.68 49.67 20.94
C CYS E 30 -13.62 50.17 22.38
N LEU E 31 -12.44 50.66 22.76
CA LEU E 31 -12.15 51.10 24.13
C LEU E 31 -12.70 52.55 24.36
N GLU E 32 -11.97 53.54 23.89
CA GLU E 32 -12.43 54.93 23.94
C GLU E 32 -13.29 55.27 22.72
N PRO E 33 -13.99 56.43 22.71
CA PRO E 33 -14.81 56.76 21.53
C PRO E 33 -13.91 57.34 20.47
N LEU E 34 -14.38 57.30 19.21
CA LEU E 34 -13.63 57.86 18.09
C LEU E 34 -14.53 58.80 17.30
N LYS E 35 -13.92 59.79 16.67
CA LYS E 35 -14.68 60.79 15.94
C LYS E 35 -14.98 60.32 14.50
N SER E 36 -13.93 59.86 13.81
CA SER E 36 -14.02 59.35 12.44
C SER E 36 -14.42 57.87 12.39
N ASP E 37 -14.64 57.40 11.17
CA ASP E 37 -15.01 56.02 10.89
C ASP E 37 -13.81 55.06 10.72
N LEU E 38 -14.11 53.78 10.84
CA LEU E 38 -13.14 52.73 10.49
C LEU E 38 -13.18 52.46 8.97
N GLU E 39 -12.00 52.38 8.37
CA GLU E 39 -11.86 52.19 6.91
C GLU E 39 -11.41 50.75 6.61
N TRP E 40 -12.39 49.87 6.37
CA TRP E 40 -12.09 48.48 6.04
C TRP E 40 -11.82 48.29 4.53
N LYS E 41 -10.97 47.29 4.27
CA LYS E 41 -10.47 46.93 2.96
C LYS E 41 -10.26 45.40 2.85
N LEU E 42 -10.45 44.84 1.66
CA LEU E 42 -10.04 43.46 1.37
C LEU E 42 -9.24 43.33 0.06
N THR E 43 -8.10 42.64 0.13
CA THR E 43 -7.14 42.58 -0.96
C THR E 43 -6.83 41.15 -1.38
N TYR E 44 -7.01 40.84 -2.66
CA TYR E 44 -6.63 39.54 -3.21
C TYR E 44 -5.24 39.68 -3.75
N VAL E 45 -4.37 38.83 -3.26
CA VAL E 45 -2.96 38.81 -3.62
C VAL E 45 -2.77 37.97 -4.91
N GLY E 46 -2.49 38.69 -6.00
CA GLY E 46 -2.30 38.12 -7.32
C GLY E 46 -0.96 37.44 -7.51
N SER E 47 0.06 37.88 -6.77
CA SER E 47 1.42 37.40 -6.93
C SER E 47 2.12 37.33 -5.59
N ALA E 48 2.71 36.16 -5.31
CA ALA E 48 3.68 35.94 -4.23
C ALA E 48 4.91 36.87 -4.36
N THR E 49 5.40 37.08 -5.58
CA THR E 49 6.65 37.82 -5.79
C THR E 49 6.49 39.33 -6.00
N SER E 50 5.25 39.80 -6.19
CA SER E 50 5.05 41.20 -6.52
C SER E 50 3.70 41.75 -6.03
N GLN E 51 3.82 42.85 -5.31
CA GLN E 51 2.68 43.54 -4.76
C GLN E 51 1.85 44.21 -5.88
N SER E 52 2.41 44.24 -7.09
CA SER E 52 1.78 44.99 -8.19
C SER E 52 0.49 44.31 -8.74
N TYR E 53 0.38 43.01 -8.58
CA TYR E 53 -0.86 42.29 -8.92
C TYR E 53 -1.86 42.26 -7.77
N ASP E 54 -1.65 43.04 -6.75
CA ASP E 54 -2.64 43.17 -5.70
C ASP E 54 -3.91 43.78 -6.29
N GLN E 55 -5.07 43.19 -5.95
CA GLN E 55 -6.37 43.72 -6.30
C GLN E 55 -7.09 44.10 -5.01
N ILE E 56 -7.39 45.42 -4.88
CA ILE E 56 -8.18 45.93 -3.80
C ILE E 56 -9.59 45.62 -4.19
N LEU E 57 -10.16 44.62 -3.56
CA LEU E 57 -11.49 44.11 -3.92
C LEU E 57 -12.61 45.06 -3.58
N ASP E 58 -12.50 45.73 -2.47
CA ASP E 58 -13.58 46.57 -2.00
C ASP E 58 -13.17 47.23 -0.69
N THR E 59 -13.80 48.34 -0.37
CA THR E 59 -13.57 49.03 0.90
C THR E 59 -14.92 49.31 1.53
N LEU E 60 -14.96 49.56 2.81
CA LEU E 60 -16.22 49.80 3.49
C LEU E 60 -15.93 50.69 4.70
N LEU E 61 -16.73 51.76 4.85
CA LEU E 61 -16.63 52.64 5.99
C LEU E 61 -17.62 52.12 7.00
N VAL E 62 -17.12 51.89 8.22
CA VAL E 62 -17.93 51.55 9.41
C VAL E 62 -17.87 52.70 10.43
N GLY E 63 -19.05 53.22 10.81
CA GLY E 63 -19.22 54.37 11.74
C GLY E 63 -20.64 54.93 11.95
N PRO E 64 -20.87 55.76 12.96
CA PRO E 64 -19.89 56.10 14.01
C PRO E 64 -19.71 54.90 14.96
N ILE E 65 -18.48 54.75 15.43
CA ILE E 65 -18.07 53.63 16.28
C ILE E 65 -18.63 53.75 17.69
N PRO E 66 -19.64 52.96 18.06
CA PRO E 66 -20.00 52.92 19.45
C PRO E 66 -18.79 52.45 20.24
N ILE E 67 -18.86 52.52 21.57
CA ILE E 67 -17.80 52.00 22.42
C ILE E 67 -18.28 50.63 22.89
N GLY E 68 -17.34 49.74 23.11
CA GLY E 68 -17.67 48.40 23.57
C GLY E 68 -17.50 47.35 22.49
N ILE E 69 -18.57 46.59 22.24
CA ILE E 69 -18.45 45.39 21.42
C ILE E 69 -19.44 45.42 20.25
N ASN E 70 -18.90 45.43 19.04
CA ASN E 70 -19.71 45.64 17.85
C ASN E 70 -19.43 44.66 16.74
N LYS E 71 -20.46 44.36 15.94
CA LYS E 71 -20.30 43.56 14.70
C LYS E 71 -20.94 44.20 13.46
N PHE E 72 -20.44 43.87 12.26
CA PHE E 72 -21.07 44.23 10.98
C PHE E 72 -20.74 43.19 9.89
N VAL E 73 -21.39 43.30 8.74
CA VAL E 73 -21.05 42.41 7.66
C VAL E 73 -20.27 43.16 6.54
N PHE E 74 -19.07 42.69 6.22
CA PHE E 74 -18.32 43.16 5.06
C PHE E 74 -18.53 42.26 3.84
N GLU E 75 -19.21 42.79 2.84
CA GLU E 75 -19.42 42.11 1.57
C GLU E 75 -18.49 42.71 0.52
N ALA E 76 -17.66 41.89 -0.10
CA ALA E 76 -16.64 42.41 -1.01
C ALA E 76 -16.63 41.61 -2.30
N ASP E 77 -16.56 42.33 -3.44
CA ASP E 77 -16.45 41.77 -4.81
C ASP E 77 -15.36 40.73 -4.94
N PRO E 78 -15.54 39.79 -5.83
CA PRO E 78 -14.56 38.76 -6.09
C PRO E 78 -13.37 39.29 -6.88
N PRO E 79 -12.31 38.53 -7.00
CA PRO E 79 -11.20 38.98 -7.81
C PRO E 79 -11.58 39.01 -9.30
N ASN E 80 -10.91 39.93 -9.99
CA ASN E 80 -11.01 40.03 -11.38
C ASN E 80 -9.93 39.18 -12.03
N ILE E 81 -10.40 38.17 -12.75
CA ILE E 81 -9.53 37.14 -13.31
C ILE E 81 -8.53 37.71 -14.34
N ASP E 82 -8.96 38.75 -15.05
CA ASP E 82 -8.11 39.38 -16.03
C ASP E 82 -6.89 40.02 -15.38
N LEU E 83 -6.88 40.25 -14.07
CA LEU E 83 -5.73 40.98 -13.49
C LEU E 83 -4.60 40.08 -12.92
N LEU E 84 -4.77 38.79 -13.07
CA LEU E 84 -3.80 37.83 -12.58
C LEU E 84 -2.55 37.79 -13.49
N PRO E 85 -1.41 37.33 -12.99
CA PRO E 85 -0.27 37.06 -13.91
C PRO E 85 -0.59 35.99 -14.92
N GLN E 86 -1.22 34.90 -14.50
CA GLN E 86 -1.84 33.93 -15.40
C GLN E 86 -3.09 33.37 -14.80
N LEU E 87 -3.97 32.92 -15.65
CA LEU E 87 -5.23 32.35 -15.22
C LEU E 87 -5.07 31.19 -14.24
N SER E 88 -4.01 30.38 -14.34
CA SER E 88 -3.79 29.24 -13.43
C SER E 88 -3.41 29.62 -12.05
N ASP E 89 -3.05 30.86 -11.78
CA ASP E 89 -2.58 31.25 -10.45
C ASP E 89 -3.73 31.21 -9.40
N VAL E 90 -4.95 31.21 -9.91
CA VAL E 90 -6.08 31.07 -9.03
C VAL E 90 -6.08 29.74 -8.29
N LEU E 91 -5.44 28.72 -8.85
CA LEU E 91 -5.46 27.40 -8.26
C LEU E 91 -4.45 27.22 -7.15
N GLY E 92 -4.75 26.25 -6.28
CA GLY E 92 -3.98 26.02 -5.08
C GLY E 92 -4.29 27.04 -3.98
N VAL E 93 -3.28 27.31 -3.14
CA VAL E 93 -3.40 28.20 -2.03
C VAL E 93 -2.97 29.60 -2.36
N THR E 94 -3.88 30.55 -2.20
CA THR E 94 -3.59 31.97 -2.42
C THR E 94 -3.98 32.75 -1.16
N VAL E 95 -3.71 34.05 -1.13
CA VAL E 95 -3.81 34.86 0.08
C VAL E 95 -4.85 35.93 -0.10
N ILE E 96 -5.49 36.35 0.98
CA ILE E 96 -6.29 37.57 0.98
C ILE E 96 -6.02 38.30 2.24
N LEU E 97 -6.08 39.62 2.19
CA LEU E 97 -5.68 40.42 3.34
C LEU E 97 -6.83 41.26 3.71
N LEU E 98 -7.33 41.04 4.89
CA LEU E 98 -8.42 41.87 5.43
C LEU E 98 -7.74 42.94 6.23
N SER E 99 -8.11 44.19 6.06
CA SER E 99 -7.38 45.25 6.77
C SER E 99 -8.21 46.43 7.26
N CYS E 100 -7.76 47.08 8.32
CA CYS E 100 -8.46 48.27 8.83
C CYS E 100 -7.58 49.45 9.05
N ALA E 101 -8.17 50.62 8.86
CA ALA E 101 -7.44 51.85 9.07
C ALA E 101 -8.30 52.89 9.76
N TYR E 102 -7.63 53.86 10.35
CA TYR E 102 -8.28 55.00 10.97
C TYR E 102 -7.63 56.22 10.40
N GLU E 103 -8.44 56.99 9.66
CA GLU E 103 -8.00 58.21 8.96
C GLU E 103 -6.73 57.84 8.22
N ASP E 104 -6.94 57.00 7.22
CA ASP E 104 -5.94 56.54 6.26
C ASP E 104 -4.63 55.98 6.85
N ASN E 105 -4.74 55.40 8.05
CA ASN E 105 -3.58 54.79 8.70
C ASN E 105 -3.87 53.36 9.11
N GLU E 106 -3.22 52.41 8.42
CA GLU E 106 -3.47 50.99 8.65
C GLU E 106 -3.04 50.58 10.04
N PHE E 107 -3.98 50.12 10.85
CA PHE E 107 -3.61 49.67 12.18
C PHE E 107 -3.65 48.15 12.40
N VAL E 108 -4.18 47.41 11.44
CA VAL E 108 -4.38 45.95 11.58
C VAL E 108 -4.62 45.26 10.23
N ARG E 109 -4.00 44.11 10.06
CA ARG E 109 -3.94 43.41 8.80
C ARG E 109 -3.94 41.93 9.10
N VAL E 110 -5.02 41.29 8.67
CA VAL E 110 -5.29 39.87 8.91
C VAL E 110 -5.17 39.15 7.59
N GLY E 111 -4.18 38.29 7.48
CA GLY E 111 -4.00 37.50 6.28
C GLY E 111 -4.65 36.13 6.49
N TYR E 112 -5.22 35.60 5.39
CA TYR E 112 -5.80 34.25 5.34
C TYR E 112 -5.28 33.51 4.11
N TYR E 113 -4.98 32.25 4.30
CA TYR E 113 -4.71 31.37 3.19
C TYR E 113 -6.01 30.85 2.69
N VAL E 114 -6.09 30.60 1.38
CA VAL E 114 -7.32 30.22 0.73
C VAL E 114 -7.06 29.11 -0.22
N ASN E 115 -7.66 27.97 0.04
CA ASN E 115 -7.59 26.87 -0.88
C ASN E 115 -8.48 27.09 -2.12
N ASN E 116 -8.04 26.62 -3.27
CA ASN E 116 -8.83 26.79 -4.49
C ASN E 116 -8.70 25.57 -5.34
N GLU E 117 -9.83 24.98 -5.71
CA GLU E 117 -9.88 23.74 -6.44
C GLU E 117 -10.79 23.89 -7.60
N MET E 118 -10.54 23.11 -8.64
CA MET E 118 -11.35 23.13 -9.84
C MET E 118 -12.03 21.78 -10.01
N GLU E 119 -13.33 21.78 -10.35
CA GLU E 119 -14.10 20.57 -10.65
C GLU E 119 -13.37 19.68 -11.66
N GLY E 120 -13.15 18.44 -11.28
CA GLY E 120 -12.60 17.43 -12.14
C GLY E 120 -11.10 17.38 -12.10
N LEU E 121 -10.48 18.23 -11.31
CA LEU E 121 -9.03 18.34 -11.35
C LEU E 121 -8.45 17.93 -10.05
N ASN E 122 -7.47 17.06 -10.09
CA ASN E 122 -6.83 16.54 -8.92
C ASN E 122 -5.50 17.23 -8.73
N LEU E 123 -5.48 18.30 -7.97
CA LEU E 123 -4.28 19.10 -7.76
C LEU E 123 -3.15 18.48 -6.97
N GLN E 124 -3.44 17.37 -6.33
CA GLN E 124 -2.42 16.77 -5.46
C GLN E 124 -1.45 15.88 -6.26
N GLU E 125 -2.02 15.14 -7.23
CA GLU E 125 -1.28 14.32 -8.23
C GLU E 125 -0.42 15.15 -9.19
N MET E 126 -0.53 16.48 -9.15
CA MET E 126 0.10 17.31 -10.14
C MET E 126 1.29 18.02 -9.54
N ASP E 127 2.21 18.42 -10.44
CA ASP E 127 3.33 19.32 -10.13
C ASP E 127 3.13 20.72 -10.80
N ASP E 128 3.82 21.72 -10.28
CA ASP E 128 3.85 23.06 -10.90
C ASP E 128 3.74 23.16 -12.42
N ALA E 129 4.61 22.44 -13.12
CA ALA E 129 4.59 22.48 -14.56
C ALA E 129 3.18 22.17 -15.01
N GLU E 130 2.66 21.02 -14.54
CA GLU E 130 1.35 20.53 -14.97
C GLU E 130 0.18 21.50 -14.64
N ILE E 131 0.36 22.22 -13.54
CA ILE E 131 -0.67 23.13 -13.02
C ILE E 131 -0.80 24.36 -13.91
N LYS E 132 0.33 24.99 -14.17
CA LYS E 132 0.40 26.06 -15.15
C LYS E 132 -0.26 25.71 -16.46
N LYS E 133 -0.14 24.45 -16.88
CA LYS E 133 -0.65 24.01 -18.17
C LYS E 133 -2.15 23.80 -18.14
N VAL E 134 -2.77 23.92 -16.96
CA VAL E 134 -4.23 23.73 -16.85
C VAL E 134 -5.04 24.77 -17.62
N LYS E 135 -6.03 24.26 -18.35
CA LYS E 135 -6.98 25.09 -19.01
C LYS E 135 -8.06 25.40 -17.96
N VAL E 136 -7.89 26.55 -17.29
CA VAL E 136 -8.79 26.91 -16.19
C VAL E 136 -10.13 27.39 -16.69
N ASP E 137 -11.19 26.72 -16.25
CA ASP E 137 -12.54 27.22 -16.40
C ASP E 137 -12.90 27.84 -15.06
N ILE E 138 -12.88 29.15 -14.98
CA ILE E 138 -13.03 29.81 -13.71
C ILE E 138 -14.40 29.58 -13.10
N SER E 139 -15.37 29.29 -13.92
CA SER E 139 -16.72 29.08 -13.44
C SER E 139 -16.87 27.74 -12.66
N LYS E 140 -15.87 26.86 -12.84
CA LYS E 140 -15.79 25.59 -12.15
C LYS E 140 -14.77 25.58 -11.00
N VAL E 141 -14.32 26.76 -10.53
CA VAL E 141 -13.32 26.86 -9.48
C VAL E 141 -13.99 27.26 -8.18
N TRP E 142 -13.80 26.48 -7.10
CA TRP E 142 -14.28 26.84 -5.77
C TRP E 142 -13.17 27.18 -4.74
N ARG E 143 -13.41 28.12 -3.87
CA ARG E 143 -12.44 28.43 -2.80
C ARG E 143 -12.94 27.98 -1.44
N SER E 144 -12.01 27.74 -0.53
CA SER E 144 -12.29 27.64 0.89
C SER E 144 -11.31 28.48 1.72
N ILE E 145 -11.77 29.55 2.37
CA ILE E 145 -10.92 30.40 3.17
C ILE E 145 -10.60 29.68 4.48
N LEU E 146 -9.32 29.55 4.86
CA LEU E 146 -8.89 28.89 6.13
C LEU E 146 -8.94 29.88 7.31
N ALA E 147 -10.17 30.11 7.78
CA ALA E 147 -10.52 31.16 8.67
C ALA E 147 -10.10 30.83 10.07
N GLU E 148 -9.81 29.59 10.35
CA GLU E 148 -9.30 29.30 11.69
C GLU E 148 -7.84 29.63 11.91
N LYS E 149 -7.18 30.27 10.95
CA LYS E 149 -5.75 30.48 10.99
C LYS E 149 -5.39 31.87 10.42
N PRO E 150 -5.91 32.89 11.08
CA PRO E 150 -5.60 34.27 10.74
C PRO E 150 -4.16 34.57 11.01
N ARG E 151 -3.52 35.33 10.14
CA ARG E 151 -2.20 35.82 10.36
C ARG E 151 -2.28 37.28 10.65
N VAL E 152 -2.37 37.65 11.93
CA VAL E 152 -2.55 39.07 12.35
C VAL E 152 -1.24 39.90 12.43
N THR E 153 -1.32 41.18 12.11
CA THR E 153 -0.19 42.09 12.17
C THR E 153 -0.74 43.40 12.61
N ARG E 154 -0.33 43.88 13.78
CA ARG E 154 -0.82 45.15 14.25
C ARG E 154 0.18 46.24 13.89
N PHE E 155 -0.30 47.47 13.88
CA PHE E 155 0.51 48.66 13.64
C PHE E 155 0.10 49.76 14.62
N ASN E 156 1.08 50.57 15.01
CA ASN E 156 0.86 51.71 15.93
C ASN E 156 0.44 52.96 15.18
N ILE E 157 -0.73 53.48 15.51
CA ILE E 157 -1.18 54.72 14.94
C ILE E 157 -1.66 55.73 16.01
N GLN E 158 -1.52 57.02 15.70
CA GLN E 158 -2.01 58.08 16.61
C GLN E 158 -3.51 58.23 16.40
N TRP E 159 -4.30 57.76 17.35
CA TRP E 159 -5.73 57.63 17.10
C TRP E 159 -6.41 59.01 17.07
N ASP E 160 -7.06 59.38 18.18
CA ASP E 160 -7.63 60.73 18.41
C ASP E 160 -6.70 61.56 19.38
N ASN E 161 -5.41 61.64 19.06
CA ASN E 161 -4.46 62.50 19.78
C ASN E 161 -3.67 63.26 18.71
N ARG F 12 -21.19 53.13 3.12
CA ARG F 12 -20.96 53.26 4.58
C ARG F 12 -22.12 52.72 5.39
N ILE F 13 -21.83 52.08 6.54
CA ILE F 13 -22.88 51.55 7.41
C ILE F 13 -22.54 51.67 8.89
N ALA F 14 -23.49 51.40 9.77
CA ALA F 14 -23.11 51.39 11.15
C ALA F 14 -23.16 50.01 11.77
N PRO F 15 -22.27 49.80 12.71
CA PRO F 15 -22.16 48.52 13.34
C PRO F 15 -23.26 48.41 14.32
N THR F 16 -23.79 47.21 14.52
CA THR F 16 -24.83 46.96 15.49
C THR F 16 -24.19 46.29 16.72
N PRO F 17 -24.33 46.86 17.92
CA PRO F 17 -23.60 46.34 19.11
C PRO F 17 -24.07 45.00 19.72
N VAL F 18 -23.31 44.57 20.73
CA VAL F 18 -23.32 43.19 21.26
C VAL F 18 -23.11 43.13 22.81
N SER G 2 18.71 -11.36 -33.33
CA SER G 2 19.59 -11.73 -32.16
C SER G 2 20.47 -13.04 -32.29
N ILE G 3 21.76 -12.85 -32.15
CA ILE G 3 22.74 -13.86 -32.48
C ILE G 3 22.89 -14.93 -31.38
N VAL G 4 22.50 -14.59 -30.14
CA VAL G 4 22.67 -15.51 -29.00
C VAL G 4 21.36 -15.78 -28.27
N ASN G 5 21.07 -17.04 -28.04
CA ASN G 5 19.83 -17.40 -27.37
C ASN G 5 20.06 -18.49 -26.30
N ILE G 6 19.54 -18.21 -25.11
CA ILE G 6 19.73 -19.10 -23.99
C ILE G 6 18.79 -20.28 -24.20
N LEU G 7 19.36 -21.47 -24.30
CA LEU G 7 18.56 -22.68 -24.47
C LEU G 7 18.03 -23.20 -23.16
N SER G 8 18.90 -23.32 -22.16
CA SER G 8 18.50 -23.85 -20.88
C SER G 8 19.39 -23.36 -19.73
N VAL G 9 18.88 -23.29 -18.50
CA VAL G 9 19.71 -23.06 -17.35
C VAL G 9 19.30 -24.02 -16.25
N ASN G 10 20.28 -24.78 -15.75
CA ASN G 10 20.07 -25.76 -14.67
C ASN G 10 20.79 -25.26 -13.38
N VAL G 11 20.11 -25.32 -12.24
CA VAL G 11 20.71 -24.97 -10.99
C VAL G 11 21.26 -26.26 -10.39
N LEU G 12 22.56 -26.24 -10.06
CA LEU G 12 23.26 -27.45 -9.65
C LEU G 12 23.05 -27.78 -8.16
N ASN G 13 23.14 -26.75 -7.33
CA ASN G 13 23.05 -26.94 -5.90
C ASN G 13 21.75 -26.39 -5.43
N ASN G 14 20.76 -27.28 -5.39
CA ASN G 14 19.41 -26.92 -5.03
C ASN G 14 18.70 -28.06 -4.31
N PRO G 15 18.21 -27.85 -3.09
CA PRO G 15 18.19 -26.57 -2.39
C PRO G 15 19.58 -26.22 -1.93
N ALA G 16 19.76 -25.03 -1.40
CA ALA G 16 21.05 -24.64 -0.89
C ALA G 16 20.83 -23.69 0.21
N LYS G 17 21.87 -23.51 1.03
CA LYS G 17 21.88 -22.55 2.11
C LYS G 17 21.87 -21.18 1.55
N PHE G 18 21.26 -20.24 2.26
CA PHE G 18 21.17 -18.84 1.79
C PHE G 18 22.55 -18.31 1.38
N SER G 19 23.52 -18.63 2.22
CA SER G 19 24.88 -18.12 2.03
C SER G 19 25.79 -18.99 1.09
N ASP G 20 25.26 -20.10 0.55
CA ASP G 20 26.01 -20.94 -0.41
C ASP G 20 26.07 -20.18 -1.75
N PRO G 21 27.13 -20.30 -2.54
CA PRO G 21 27.16 -19.62 -3.85
C PRO G 21 26.14 -20.19 -4.76
N TYR G 22 25.69 -19.42 -5.76
CA TYR G 22 24.76 -19.90 -6.78
C TYR G 22 25.61 -20.62 -7.80
N LYS G 23 25.21 -21.80 -8.29
CA LYS G 23 25.95 -22.48 -9.36
C LYS G 23 25.02 -22.83 -10.45
N PHE G 24 25.12 -22.13 -11.59
CA PHE G 24 24.23 -22.33 -12.74
C PHE G 24 24.99 -22.98 -13.89
N GLU G 25 24.39 -23.95 -14.57
CA GLU G 25 24.92 -24.48 -15.81
C GLU G 25 24.13 -23.93 -16.94
N ILE G 26 24.72 -23.11 -17.76
CA ILE G 26 23.98 -22.38 -18.79
C ILE G 26 24.35 -22.90 -20.16
N THR G 27 23.36 -23.16 -20.98
CA THR G 27 23.58 -23.68 -22.32
C THR G 27 22.98 -22.67 -23.27
N PHE G 28 23.74 -22.22 -24.25
CA PHE G 28 23.26 -21.20 -25.20
C PHE G 28 23.67 -21.47 -26.67
N GLU G 29 22.91 -20.88 -27.59
CA GLU G 29 23.15 -21.03 -29.03
C GLU G 29 23.66 -19.73 -29.64
N CYS G 30 24.72 -19.88 -30.44
CA CYS G 30 25.31 -18.75 -31.15
C CYS G 30 25.30 -18.96 -32.65
N LEU G 31 24.63 -18.04 -33.32
CA LEU G 31 24.33 -18.16 -34.75
C LEU G 31 25.56 -17.80 -35.60
N GLU G 32 25.86 -16.49 -35.70
CA GLU G 32 27.09 -15.98 -36.34
C GLU G 32 28.25 -15.94 -35.33
N PRO G 33 29.50 -15.67 -35.74
CA PRO G 33 30.61 -15.55 -34.77
C PRO G 33 30.63 -14.17 -34.19
N LEU G 34 31.22 -14.04 -33.01
CA LEU G 34 31.34 -12.72 -32.33
C LEU G 34 32.79 -12.44 -31.95
N LYS G 35 33.13 -11.15 -31.93
CA LYS G 35 34.50 -10.73 -31.69
C LYS G 35 34.80 -10.61 -30.21
N SER G 36 33.87 -9.97 -29.50
CA SER G 36 33.95 -9.80 -28.04
C SER G 36 33.30 -10.96 -27.26
N ASP G 37 33.47 -10.90 -25.94
CA ASP G 37 32.90 -11.87 -25.01
C ASP G 37 31.44 -11.57 -24.58
N LEU G 38 30.78 -12.61 -24.06
CA LEU G 38 29.49 -12.45 -23.39
C LEU G 38 29.73 -12.10 -21.94
N GLU G 39 29.04 -11.05 -21.46
CA GLU G 39 29.19 -10.50 -20.08
C GLU G 39 28.00 -10.94 -19.20
N TRP G 40 28.20 -12.01 -18.43
CA TRP G 40 27.17 -12.54 -17.55
C TRP G 40 27.19 -11.90 -16.16
N LYS G 41 25.98 -11.86 -15.59
CA LYS G 41 25.70 -11.13 -14.34
C LYS G 41 24.55 -11.80 -13.55
N LEU G 42 24.65 -11.75 -12.24
CA LEU G 42 23.55 -12.22 -11.39
C LEU G 42 23.24 -11.22 -10.31
N THR G 43 21.96 -10.89 -10.18
CA THR G 43 21.51 -9.80 -9.29
C THR G 43 20.45 -10.29 -8.31
N TYR G 44 20.73 -10.14 -7.00
CA TYR G 44 19.75 -10.46 -5.94
C TYR G 44 18.93 -9.23 -5.74
N VAL G 45 17.61 -9.37 -5.86
CA VAL G 45 16.67 -8.27 -5.66
C VAL G 45 16.26 -8.08 -4.17
N GLY G 46 16.83 -7.02 -3.52
CA GLY G 46 16.62 -6.68 -2.12
C GLY G 46 15.27 -6.06 -1.75
N SER G 47 14.64 -5.43 -2.72
CA SER G 47 13.39 -4.74 -2.51
C SER G 47 12.51 -4.80 -3.73
N ALA G 48 11.27 -5.18 -3.49
CA ALA G 48 10.20 -5.13 -4.48
C ALA G 48 9.93 -3.67 -4.91
N THR G 49 10.08 -2.74 -3.99
CA THR G 49 9.70 -1.35 -4.29
C THR G 49 10.84 -0.45 -4.74
N SER G 50 12.09 -0.90 -4.60
CA SER G 50 13.28 -0.08 -4.94
C SER G 50 14.52 -0.87 -5.46
N GLN G 51 14.96 -0.44 -6.63
CA GLN G 51 16.09 -1.01 -7.34
C GLN G 51 17.37 -0.70 -6.60
N SER G 52 17.33 0.23 -5.65
CA SER G 52 18.53 0.65 -4.92
C SER G 52 19.12 -0.44 -3.97
N TYR G 53 18.29 -1.42 -3.59
CA TYR G 53 18.74 -2.55 -2.82
C TYR G 53 19.21 -3.74 -3.64
N ASP G 54 19.34 -3.57 -4.96
CA ASP G 54 19.85 -4.61 -5.86
C ASP G 54 21.29 -4.89 -5.48
N GLN G 55 21.64 -6.17 -5.38
CA GLN G 55 23.02 -6.56 -5.15
C GLN G 55 23.47 -7.30 -6.41
N ILE G 56 24.42 -6.73 -7.11
CA ILE G 56 25.03 -7.41 -8.17
C ILE G 56 25.94 -8.40 -7.54
N LEU G 57 25.55 -9.66 -7.52
CA LEU G 57 26.30 -10.73 -6.84
C LEU G 57 27.68 -11.05 -7.45
N ASP G 58 27.74 -11.14 -8.76
CA ASP G 58 28.96 -11.54 -9.47
C ASP G 58 28.76 -11.35 -10.96
N THR G 59 29.86 -11.19 -11.66
CA THR G 59 29.83 -11.17 -13.11
C THR G 59 30.85 -12.16 -13.62
N LEU G 60 30.72 -12.52 -14.90
CA LEU G 60 31.56 -13.53 -15.52
C LEU G 60 31.60 -13.25 -17.01
N LEU G 61 32.83 -13.20 -17.55
CA LEU G 61 33.06 -13.07 -18.99
C LEU G 61 33.22 -14.48 -19.58
N VAL G 62 32.45 -14.76 -20.62
CA VAL G 62 32.54 -16.00 -21.32
C VAL G 62 32.95 -15.66 -22.74
N GLY G 63 34.03 -16.31 -23.21
CA GLY G 63 34.58 -16.13 -24.56
C GLY G 63 35.94 -16.81 -24.82
N PRO G 64 36.44 -16.81 -26.09
CA PRO G 64 35.69 -16.36 -27.27
C PRO G 64 34.56 -17.35 -27.56
N ILE G 65 33.44 -16.81 -28.01
CA ILE G 65 32.23 -17.55 -28.31
C ILE G 65 32.37 -18.36 -29.58
N PRO G 66 32.47 -19.69 -29.48
CA PRO G 66 32.34 -20.54 -30.66
C PRO G 66 30.94 -20.40 -31.21
N ILE G 67 30.73 -20.93 -32.41
CA ILE G 67 29.43 -20.87 -33.07
C ILE G 67 28.79 -22.20 -32.78
N GLY G 68 27.46 -22.17 -32.75
CA GLY G 68 26.68 -23.35 -32.43
C GLY G 68 26.14 -23.41 -30.99
N ILE G 69 26.48 -24.50 -30.29
CA ILE G 69 25.80 -24.85 -29.02
C ILE G 69 26.84 -25.06 -27.96
N ASN G 70 26.75 -24.21 -26.93
CA ASN G 70 27.79 -24.14 -25.89
C ASN G 70 27.22 -24.12 -24.47
N LYS G 71 28.00 -24.61 -23.52
CA LYS G 71 27.69 -24.52 -22.11
C LYS G 71 28.86 -24.06 -21.20
N PHE G 72 28.54 -23.48 -20.06
CA PHE G 72 29.56 -23.21 -19.04
C PHE G 72 28.94 -23.22 -17.66
N VAL G 73 29.74 -23.08 -16.63
CA VAL G 73 29.20 -22.99 -15.30
C VAL G 73 29.36 -21.59 -14.72
N PHE G 74 28.25 -20.95 -14.35
CA PHE G 74 28.27 -19.68 -13.60
C PHE G 74 28.12 -19.92 -12.08
N GLU G 75 29.21 -19.61 -11.38
CA GLU G 75 29.28 -19.70 -9.92
C GLU G 75 29.31 -18.28 -9.43
N ALA G 76 28.34 -17.93 -8.58
CA ALA G 76 28.19 -16.55 -8.11
C ALA G 76 28.07 -16.49 -6.59
N ASP G 77 28.68 -15.48 -5.98
CA ASP G 77 28.56 -15.27 -4.53
C ASP G 77 27.12 -15.12 -4.08
N PRO G 78 26.89 -15.44 -2.79
CA PRO G 78 25.58 -15.27 -2.18
C PRO G 78 25.36 -13.80 -1.85
N PRO G 79 24.11 -13.44 -1.55
CA PRO G 79 23.78 -12.05 -1.18
C PRO G 79 24.44 -11.75 0.14
N ASN G 80 24.65 -10.47 0.35
CA ASN G 80 25.23 -9.99 1.56
C ASN G 80 24.06 -9.52 2.42
N ILE G 81 23.89 -10.20 3.54
CA ILE G 81 22.71 -10.02 4.38
C ILE G 81 22.62 -8.61 4.99
N ASP G 82 23.76 -7.97 5.18
CA ASP G 82 23.76 -6.59 5.69
C ASP G 82 23.09 -5.66 4.73
N LEU G 83 22.96 -5.96 3.44
CA LEU G 83 22.50 -4.96 2.46
C LEU G 83 20.99 -4.98 2.27
N LEU G 84 20.32 -5.79 3.06
CA LEU G 84 18.87 -5.89 2.93
C LEU G 84 18.13 -4.76 3.59
N PRO G 85 16.90 -4.43 3.23
CA PRO G 85 16.15 -3.42 3.99
C PRO G 85 15.91 -3.92 5.40
N GLN G 86 15.56 -5.18 5.59
CA GLN G 86 15.59 -5.79 6.92
C GLN G 86 15.92 -7.25 6.77
N LEU G 87 16.47 -7.78 7.84
CA LEU G 87 16.90 -9.15 7.84
C LEU G 87 15.78 -10.15 7.41
N SER G 88 14.53 -9.88 7.80
CA SER G 88 13.37 -10.71 7.48
C SER G 88 12.95 -10.74 6.05
N ASP G 89 13.46 -9.84 5.25
CA ASP G 89 13.08 -9.81 3.84
C ASP G 89 13.61 -11.00 3.03
N VAL G 90 14.69 -11.65 3.55
CA VAL G 90 15.23 -12.88 2.98
C VAL G 90 14.17 -13.98 2.95
N LEU G 91 13.22 -13.98 3.90
CA LEU G 91 12.20 -15.05 3.97
C LEU G 91 11.10 -14.90 2.93
N GLY G 92 10.45 -16.03 2.66
CA GLY G 92 9.45 -16.13 1.64
C GLY G 92 10.04 -16.12 0.25
N VAL G 93 9.28 -15.58 -0.71
CA VAL G 93 9.69 -15.61 -2.10
C VAL G 93 10.44 -14.37 -2.46
N THR G 94 11.63 -14.50 -3.02
CA THR G 94 12.41 -13.35 -3.50
C THR G 94 12.82 -13.63 -4.89
N VAL G 95 13.50 -12.67 -5.50
CA VAL G 95 13.81 -12.73 -6.92
C VAL G 95 15.28 -12.72 -7.12
N ILE G 96 15.72 -13.32 -8.22
CA ILE G 96 17.10 -13.10 -8.72
C ILE G 96 17.01 -12.90 -10.23
N LEU G 97 17.97 -12.23 -10.80
CA LEU G 97 17.93 -11.91 -12.21
C LEU G 97 19.22 -12.36 -12.82
N LEU G 98 19.13 -13.37 -13.69
CA LEU G 98 20.31 -13.84 -14.45
C LEU G 98 20.31 -13.02 -15.73
N SER G 99 21.45 -12.47 -16.11
CA SER G 99 21.47 -11.54 -17.27
C SER G 99 22.71 -11.57 -18.15
N CYS G 100 22.51 -11.25 -19.41
CA CYS G 100 23.63 -11.25 -20.34
C CYS G 100 23.71 -10.04 -21.20
N ALA G 101 24.93 -9.63 -21.49
CA ALA G 101 25.18 -8.44 -22.29
C ALA G 101 26.27 -8.69 -23.28
N TYR G 102 26.28 -7.90 -24.33
CA TYR G 102 27.33 -7.91 -25.33
C TYR G 102 27.84 -6.48 -25.46
N GLU G 103 29.10 -6.28 -25.09
CA GLU G 103 29.74 -4.98 -25.08
C GLU G 103 28.80 -4.05 -24.40
N ASP G 104 28.66 -4.32 -23.09
CA ASP G 104 27.89 -3.50 -22.15
C ASP G 104 26.43 -3.18 -22.54
N ASN G 105 25.84 -4.06 -23.33
CA ASN G 105 24.47 -3.89 -23.75
C ASN G 105 23.67 -5.14 -23.44
N GLU G 106 22.69 -5.00 -22.52
CA GLU G 106 21.89 -6.10 -22.01
C GLU G 106 20.99 -6.61 -23.13
N PHE G 107 21.10 -7.88 -23.47
CA PHE G 107 20.22 -8.43 -24.48
C PHE G 107 19.21 -9.47 -23.98
N VAL G 108 19.31 -9.86 -22.71
CA VAL G 108 18.48 -10.92 -22.18
C VAL G 108 18.61 -10.96 -20.70
N ARG G 109 17.47 -11.19 -20.04
CA ARG G 109 17.32 -11.08 -18.58
C ARG G 109 16.26 -12.13 -18.15
N VAL G 110 16.74 -13.12 -17.42
CA VAL G 110 15.94 -14.20 -16.93
C VAL G 110 15.75 -14.01 -15.44
N GLY G 111 14.51 -13.83 -15.01
CA GLY G 111 14.22 -13.68 -13.61
C GLY G 111 13.70 -14.98 -13.05
N TYR G 112 14.08 -15.28 -11.84
CA TYR G 112 13.62 -16.47 -11.17
C TYR G 112 13.08 -16.07 -9.80
N TYR G 113 12.00 -16.74 -9.39
CA TYR G 113 11.48 -16.65 -8.04
C TYR G 113 12.16 -17.70 -7.21
N VAL G 114 12.34 -17.43 -5.94
CA VAL G 114 13.16 -18.25 -5.08
C VAL G 114 12.45 -18.30 -3.73
N ASN G 115 12.18 -19.51 -3.27
CA ASN G 115 11.56 -19.71 -1.98
C ASN G 115 12.63 -19.69 -0.94
N ASN G 116 12.30 -19.23 0.24
CA ASN G 116 13.27 -19.18 1.33
C ASN G 116 12.62 -19.53 2.67
N GLU G 117 13.15 -20.54 3.35
CA GLU G 117 12.58 -21.08 4.55
C GLU G 117 13.60 -21.16 5.66
N MET G 118 13.17 -21.06 6.91
CA MET G 118 14.08 -21.06 8.02
C MET G 118 13.78 -22.24 8.87
N GLU G 119 14.81 -22.98 9.28
CA GLU G 119 14.64 -24.17 10.13
C GLU G 119 13.82 -23.85 11.34
N GLY G 120 12.76 -24.64 11.54
CA GLY G 120 11.90 -24.58 12.70
C GLY G 120 10.75 -23.66 12.55
N LEU G 121 10.67 -22.97 11.41
CA LEU G 121 9.72 -21.87 11.23
C LEU G 121 8.68 -22.25 10.22
N ASN G 122 7.41 -22.09 10.59
CA ASN G 122 6.31 -22.37 9.69
C ASN G 122 5.80 -21.07 9.07
N LEU G 123 6.29 -20.74 7.89
CA LEU G 123 5.88 -19.50 7.20
C LEU G 123 4.45 -19.40 6.75
N GLN G 124 3.77 -20.52 6.64
CA GLN G 124 2.45 -20.52 6.06
C GLN G 124 1.44 -20.06 7.08
N GLU G 125 1.64 -20.48 8.33
CA GLU G 125 0.78 -20.10 9.48
C GLU G 125 0.93 -18.62 9.88
N MET G 126 1.84 -17.90 9.24
CA MET G 126 2.22 -16.56 9.67
C MET G 126 1.75 -15.48 8.74
N ASP G 127 1.55 -14.29 9.29
CA ASP G 127 1.19 -13.09 8.53
C ASP G 127 2.29 -12.05 8.52
N ASP G 128 2.28 -11.17 7.51
CA ASP G 128 3.29 -10.10 7.37
C ASP G 128 3.90 -9.57 8.65
N ALA G 129 3.03 -9.23 9.57
CA ALA G 129 3.45 -8.67 10.86
C ALA G 129 4.33 -9.62 11.66
N GLU G 130 3.87 -10.86 11.77
CA GLU G 130 4.60 -11.92 12.45
C GLU G 130 5.96 -12.33 11.78
N ILE G 131 6.03 -12.19 10.45
CA ILE G 131 7.23 -12.51 9.70
C ILE G 131 8.31 -11.47 9.98
N LYS G 132 7.96 -10.20 9.87
CA LYS G 132 8.83 -9.05 10.22
C LYS G 132 9.37 -9.14 11.62
N LYS G 133 8.59 -9.77 12.50
CA LYS G 133 8.98 -9.94 13.88
C LYS G 133 9.92 -11.09 14.16
N VAL G 134 10.18 -11.92 13.14
CA VAL G 134 11.12 -13.04 13.27
C VAL G 134 12.59 -12.60 13.54
N LYS G 135 13.18 -13.36 14.45
CA LYS G 135 14.59 -13.29 14.71
C LYS G 135 15.38 -14.23 13.74
N VAL G 136 15.76 -13.66 12.61
CA VAL G 136 16.37 -14.44 11.55
C VAL G 136 17.78 -14.87 11.85
N ASP G 137 17.96 -16.16 11.95
CA ASP G 137 19.26 -16.75 11.99
C ASP G 137 19.56 -17.16 10.53
N ILE G 138 20.37 -16.34 9.85
CA ILE G 138 20.62 -16.56 8.44
C ILE G 138 21.28 -17.91 8.12
N SER G 139 22.05 -18.42 9.07
CA SER G 139 22.74 -19.70 8.88
C SER G 139 21.75 -20.89 8.86
N LYS G 140 20.54 -20.68 9.39
CA LYS G 140 19.47 -21.71 9.36
C LYS G 140 18.47 -21.45 8.24
N VAL G 141 18.83 -20.69 7.18
CA VAL G 141 17.89 -20.33 6.06
C VAL G 141 18.27 -21.04 4.78
N TRP G 142 17.33 -21.78 4.20
CA TRP G 142 17.61 -22.45 2.91
C TRP G 142 16.74 -21.94 1.75
N ARG G 143 17.34 -21.85 0.57
CA ARG G 143 16.58 -21.41 -0.62
C ARG G 143 16.31 -22.52 -1.59
N SER G 144 15.25 -22.37 -2.36
CA SER G 144 15.02 -23.18 -3.53
C SER G 144 14.59 -22.34 -4.71
N ILE G 145 15.44 -22.29 -5.74
CA ILE G 145 15.20 -21.49 -6.94
C ILE G 145 14.21 -22.22 -7.81
N LEU G 146 13.10 -21.59 -8.18
CA LEU G 146 12.05 -22.19 -9.04
C LEU G 146 12.42 -22.15 -10.53
N ALA G 147 13.33 -23.05 -10.90
CA ALA G 147 14.09 -22.97 -12.16
C ALA G 147 13.27 -23.35 -13.37
N GLU G 148 12.20 -24.11 -13.17
CA GLU G 148 11.33 -24.45 -14.24
C GLU G 148 10.46 -23.29 -14.70
N LYS G 149 10.54 -22.10 -14.11
CA LYS G 149 9.60 -21.01 -14.43
C LYS G 149 10.36 -19.70 -14.66
N PRO G 150 11.26 -19.74 -15.63
CA PRO G 150 12.05 -18.54 -15.96
C PRO G 150 11.15 -17.41 -16.47
N ARG G 151 11.40 -16.19 -16.08
CA ARG G 151 10.70 -15.08 -16.67
C ARG G 151 11.65 -14.39 -17.60
N VAL G 152 11.55 -14.70 -18.90
CA VAL G 152 12.47 -14.16 -19.90
C VAL G 152 12.07 -12.78 -20.48
N THR G 153 13.05 -11.94 -20.75
CA THR G 153 12.85 -10.62 -21.34
C THR G 153 14.02 -10.41 -22.26
N ARG G 154 13.75 -10.30 -23.56
CA ARG G 154 14.82 -10.02 -24.53
C ARG G 154 14.90 -8.53 -24.85
N PHE G 155 16.07 -8.11 -25.28
CA PHE G 155 16.31 -6.74 -25.71
C PHE G 155 17.07 -6.75 -27.06
N ASN G 156 16.76 -5.75 -27.89
CA ASN G 156 17.41 -5.57 -29.20
C ASN G 156 18.71 -4.79 -29.06
N ILE G 157 19.82 -5.42 -29.45
CA ILE G 157 21.12 -4.75 -29.48
C ILE G 157 21.84 -4.92 -30.83
N GLN G 158 22.66 -3.94 -31.16
CA GLN G 158 23.45 -3.99 -32.40
C GLN G 158 24.68 -4.82 -32.14
N TRP G 159 24.73 -6.02 -32.66
CA TRP G 159 25.71 -6.99 -32.21
C TRP G 159 27.09 -6.64 -32.75
N ASP G 160 27.54 -7.30 -33.80
CA ASP G 160 28.78 -6.93 -34.47
C ASP G 160 28.47 -6.00 -35.67
N ASN G 161 27.50 -5.09 -35.52
CA ASN G 161 26.91 -4.34 -36.64
C ASN G 161 27.02 -2.80 -36.48
N ARG H 12 36.53 -14.60 -15.84
CA ARG H 12 36.49 -15.06 -17.26
C ARG H 12 36.72 -16.57 -17.47
N ILE H 13 35.98 -17.24 -18.37
CA ILE H 13 36.30 -18.61 -18.84
C ILE H 13 35.87 -18.88 -20.28
N ALA H 14 36.32 -19.99 -20.82
CA ALA H 14 35.90 -20.40 -22.15
C ALA H 14 34.86 -21.51 -22.03
N PRO H 15 33.78 -21.43 -22.79
CA PRO H 15 32.69 -22.37 -22.68
C PRO H 15 33.04 -23.75 -23.22
N THR H 16 32.48 -24.81 -22.65
CA THR H 16 32.68 -26.16 -23.12
C THR H 16 31.70 -26.38 -24.26
N PRO H 17 32.13 -26.74 -25.46
CA PRO H 17 31.17 -26.95 -26.56
C PRO H 17 30.34 -28.29 -26.51
N VAL H 18 29.15 -28.31 -27.13
CA VAL H 18 28.15 -29.40 -27.01
C VAL H 18 27.35 -29.72 -28.34
N TYR H 19 27.26 -31.03 -28.66
CA TYR H 19 26.64 -31.57 -29.89
C TYR H 19 25.64 -32.73 -29.52
N PRO H 20 24.95 -33.45 -30.44
CA PRO H 20 25.13 -33.44 -31.91
C PRO H 20 24.75 -32.13 -32.59
N SER I 2 8.40 -6.74 -23.73
CA SER I 2 7.29 -6.42 -22.77
C SER I 2 7.54 -6.90 -21.29
N ILE I 3 7.74 -5.90 -20.52
CA ILE I 3 8.10 -5.91 -19.16
C ILE I 3 6.91 -6.11 -18.26
N VAL I 4 5.72 -5.77 -18.78
CA VAL I 4 4.45 -6.05 -18.11
C VAL I 4 3.64 -7.04 -18.94
N ASN I 5 3.20 -8.11 -18.28
CA ASN I 5 2.39 -9.15 -18.91
C ASN I 5 1.12 -9.26 -18.13
N ILE I 6 0.00 -9.24 -18.81
CA ILE I 6 -1.25 -9.45 -18.16
C ILE I 6 -1.41 -10.93 -18.00
N LEU I 7 -1.73 -11.41 -16.81
CA LEU I 7 -1.88 -12.86 -16.63
C LEU I 7 -3.30 -13.27 -16.68
N SER I 8 -4.18 -12.56 -16.02
CA SER I 8 -5.57 -12.92 -16.15
C SER I 8 -6.49 -11.72 -16.03
N VAL I 9 -7.60 -11.72 -16.77
CA VAL I 9 -8.66 -10.76 -16.50
C VAL I 9 -9.96 -11.45 -16.28
N ASN I 10 -10.53 -11.15 -15.14
CA ASN I 10 -11.62 -11.92 -14.68
C ASN I 10 -12.76 -10.93 -14.51
N VAL I 11 -13.90 -11.15 -15.15
CA VAL I 11 -15.02 -10.21 -15.06
C VAL I 11 -15.86 -10.64 -13.87
N LEU I 12 -15.90 -9.80 -12.85
CA LEU I 12 -16.48 -10.16 -11.55
C LEU I 12 -17.97 -10.20 -11.59
N ASN I 13 -18.62 -9.32 -12.35
CA ASN I 13 -20.08 -9.28 -12.45
C ASN I 13 -20.60 -9.57 -13.86
N ASN I 14 -20.78 -10.84 -14.13
CA ASN I 14 -21.28 -11.32 -15.43
C ASN I 14 -22.32 -12.40 -15.27
N PRO I 15 -23.51 -12.30 -15.87
CA PRO I 15 -23.97 -11.20 -16.71
C PRO I 15 -24.35 -10.04 -15.90
N ALA I 16 -24.53 -8.88 -16.54
CA ALA I 16 -24.92 -7.69 -15.79
C ALA I 16 -25.87 -6.86 -16.59
N LYS I 17 -26.57 -5.95 -15.91
CA LYS I 17 -27.38 -4.96 -16.62
C LYS I 17 -26.50 -4.03 -17.48
N PHE I 18 -27.01 -3.71 -18.69
CA PHE I 18 -26.32 -2.84 -19.61
C PHE I 18 -25.75 -1.69 -18.81
N SER I 19 -26.55 -1.17 -17.87
CA SER I 19 -26.20 0.07 -17.17
C SER I 19 -25.37 -0.12 -15.90
N ASP I 20 -25.08 -1.35 -15.51
CA ASP I 20 -24.19 -1.57 -14.36
C ASP I 20 -22.74 -1.30 -14.70
N PRO I 21 -22.01 -0.77 -13.73
CA PRO I 21 -20.56 -0.60 -13.88
C PRO I 21 -19.86 -1.90 -14.13
N TYR I 22 -18.83 -1.84 -14.96
CA TYR I 22 -18.00 -2.97 -15.34
C TYR I 22 -16.96 -3.18 -14.27
N LYS I 23 -16.77 -4.40 -13.81
CA LYS I 23 -15.74 -4.65 -12.79
C LYS I 23 -14.81 -5.75 -13.25
N PHE I 24 -13.54 -5.42 -13.47
CA PHE I 24 -12.55 -6.36 -13.99
C PHE I 24 -11.49 -6.51 -12.93
N GLU I 25 -11.13 -7.75 -12.63
CA GLU I 25 -10.04 -8.03 -11.70
C GLU I 25 -8.90 -8.47 -12.61
N ILE I 26 -7.83 -7.71 -12.61
CA ILE I 26 -6.78 -7.82 -13.59
C ILE I 26 -5.48 -8.07 -12.86
N THR I 27 -4.84 -9.18 -13.20
CA THR I 27 -3.63 -9.64 -12.60
C THR I 27 -2.51 -9.54 -13.61
N PHE I 28 -1.41 -8.94 -13.21
CA PHE I 28 -0.28 -8.72 -14.12
C PHE I 28 1.05 -9.03 -13.39
N GLU I 29 2.10 -9.28 -14.18
CA GLU I 29 3.46 -9.52 -13.69
C GLU I 29 4.43 -8.52 -14.26
N CYS I 30 5.30 -8.04 -13.38
CA CYS I 30 6.31 -7.07 -13.72
C CYS I 30 7.65 -7.40 -13.05
N LEU I 31 8.69 -7.38 -13.88
CA LEU I 31 10.07 -7.80 -13.53
C LEU I 31 10.82 -6.68 -12.80
N GLU I 32 10.83 -5.50 -13.42
CA GLU I 32 11.47 -4.30 -12.87
C GLU I 32 10.46 -3.36 -12.25
N PRO I 33 10.88 -2.60 -11.24
CA PRO I 33 9.98 -1.65 -10.58
C PRO I 33 9.96 -0.37 -11.45
N LEU I 34 8.76 -0.01 -11.89
CA LEU I 34 8.60 1.02 -12.89
C LEU I 34 8.62 2.35 -12.18
N LYS I 35 9.07 3.39 -12.86
CA LYS I 35 9.04 4.75 -12.32
C LYS I 35 7.62 5.36 -12.31
N SER I 36 6.82 5.02 -13.31
CA SER I 36 5.51 5.61 -13.49
C SER I 36 4.37 4.63 -13.29
N ASP I 37 3.15 5.16 -13.29
CA ASP I 37 1.97 4.37 -13.16
C ASP I 37 1.66 3.69 -14.45
N LEU I 38 0.79 2.69 -14.34
CA LEU I 38 0.15 2.09 -15.47
C LEU I 38 -1.15 2.85 -15.67
N GLU I 39 -1.40 3.31 -16.89
CA GLU I 39 -2.67 3.97 -17.24
C GLU I 39 -3.56 3.02 -17.98
N TRP I 40 -4.58 2.55 -17.28
CA TRP I 40 -5.57 1.67 -17.86
C TRP I 40 -6.81 2.44 -18.32
N LYS I 41 -7.56 1.82 -19.21
CA LYS I 41 -8.67 2.46 -19.88
C LYS I 41 -9.65 1.44 -20.49
N LEU I 42 -10.93 1.72 -20.41
CA LEU I 42 -11.91 0.86 -21.03
C LEU I 42 -12.72 1.64 -22.05
N THR I 43 -12.97 1.05 -23.21
CA THR I 43 -13.57 1.75 -24.31
C THR I 43 -14.75 0.97 -24.92
N TYR I 44 -15.92 1.58 -24.97
CA TYR I 44 -17.08 0.93 -25.53
C TYR I 44 -17.13 1.28 -26.96
N VAL I 45 -17.29 0.32 -27.83
CA VAL I 45 -17.26 0.56 -29.27
C VAL I 45 -18.68 0.63 -29.79
N GLY I 46 -19.08 1.86 -30.05
CA GLY I 46 -20.44 2.28 -30.30
C GLY I 46 -20.90 2.10 -31.72
N SER I 47 -19.98 2.22 -32.65
CA SER I 47 -20.18 1.79 -34.05
C SER I 47 -18.97 0.99 -34.56
N ALA I 48 -19.21 -0.23 -35.06
CA ALA I 48 -18.14 -1.09 -35.62
C ALA I 48 -17.38 -0.36 -36.76
N THR I 49 -18.11 0.44 -37.53
CA THR I 49 -17.53 1.21 -38.64
C THR I 49 -16.81 2.53 -38.25
N SER I 50 -17.44 3.36 -37.41
CA SER I 50 -16.92 4.72 -37.10
C SER I 50 -16.33 4.92 -35.67
N GLN I 51 -15.03 5.25 -35.63
CA GLN I 51 -14.33 5.48 -34.36
C GLN I 51 -14.89 6.64 -33.52
N SER I 52 -15.70 7.48 -34.13
CA SER I 52 -16.13 8.70 -33.43
C SER I 52 -17.32 8.45 -32.49
N TYR I 53 -17.84 7.23 -32.51
CA TYR I 53 -18.78 6.78 -31.49
C TYR I 53 -18.15 5.97 -30.36
N ASP I 54 -16.86 5.72 -30.41
CA ASP I 54 -16.12 5.23 -29.23
C ASP I 54 -16.46 6.04 -27.96
N GLN I 55 -16.81 5.36 -26.87
CA GLN I 55 -16.92 5.95 -25.54
C GLN I 55 -15.84 5.41 -24.61
N ILE I 56 -14.93 6.30 -24.23
CA ILE I 56 -13.96 6.03 -23.17
C ILE I 56 -14.74 6.07 -21.89
N LEU I 57 -15.07 4.89 -21.39
CA LEU I 57 -15.93 4.74 -20.26
C LEU I 57 -15.29 5.20 -18.97
N ASP I 58 -13.99 4.98 -18.83
CA ASP I 58 -13.28 5.32 -17.59
C ASP I 58 -11.83 5.05 -17.79
N THR I 59 -10.97 5.60 -16.95
CA THR I 59 -9.53 5.32 -16.98
C THR I 59 -9.08 5.18 -15.57
N LEU I 60 -7.90 4.68 -15.32
CA LEU I 60 -7.47 4.40 -13.95
C LEU I 60 -5.96 4.27 -13.98
N LEU I 61 -5.27 4.98 -13.10
CA LEU I 61 -3.85 4.91 -12.94
C LEU I 61 -3.65 3.88 -11.85
N VAL I 62 -2.67 3.00 -12.04
CA VAL I 62 -2.35 1.96 -11.06
C VAL I 62 -0.86 2.04 -10.76
N GLY I 63 -0.54 2.21 -9.47
CA GLY I 63 0.82 2.47 -9.05
C GLY I 63 1.02 2.91 -7.59
N PRO I 64 2.27 2.88 -7.12
CA PRO I 64 3.46 2.49 -7.92
C PRO I 64 3.54 0.99 -8.14
N ILE I 65 4.29 0.56 -9.14
CA ILE I 65 4.38 -0.84 -9.55
C ILE I 65 5.58 -1.59 -8.96
N PRO I 66 5.32 -2.46 -7.99
CA PRO I 66 6.39 -3.30 -7.45
C PRO I 66 6.60 -4.50 -8.29
N ILE I 67 7.85 -5.00 -8.27
CA ILE I 67 8.23 -6.28 -8.85
C ILE I 67 7.30 -7.40 -8.39
N GLY I 68 6.85 -8.17 -9.37
CA GLY I 68 6.14 -9.40 -9.08
C GLY I 68 4.78 -9.52 -9.65
N ILE I 69 3.94 -10.35 -9.07
CA ILE I 69 2.59 -10.52 -9.58
C ILE I 69 1.68 -9.76 -8.67
N ASN I 70 0.91 -8.86 -9.27
CA ASN I 70 -0.04 -7.98 -8.57
C ASN I 70 -1.40 -7.96 -9.27
N LYS I 71 -2.46 -7.64 -8.53
CA LYS I 71 -3.77 -7.48 -9.12
C LYS I 71 -4.48 -6.23 -8.65
N PHE I 72 -5.57 -5.89 -9.32
CA PHE I 72 -6.38 -4.77 -8.93
C PHE I 72 -7.72 -4.86 -9.61
N VAL I 73 -8.69 -4.18 -9.05
CA VAL I 73 -10.02 -4.15 -9.64
C VAL I 73 -10.22 -2.82 -10.41
N PHE I 74 -10.64 -2.93 -11.66
CA PHE I 74 -10.96 -1.79 -12.48
C PHE I 74 -12.48 -1.70 -12.60
N GLU I 75 -13.07 -0.77 -11.85
CA GLU I 75 -14.50 -0.56 -11.88
C GLU I 75 -14.72 0.62 -12.85
N ALA I 76 -15.37 0.38 -13.99
CA ALA I 76 -15.63 1.43 -14.97
C ALA I 76 -17.14 1.73 -15.20
N ASP I 77 -17.44 2.95 -15.59
CA ASP I 77 -18.84 3.35 -15.81
C ASP I 77 -19.38 2.69 -17.08
N PRO I 78 -20.71 2.46 -17.07
CA PRO I 78 -21.39 1.83 -18.20
C PRO I 78 -21.42 2.79 -19.39
N PRO I 79 -21.78 2.31 -20.58
CA PRO I 79 -21.91 3.24 -21.72
C PRO I 79 -23.07 4.24 -21.48
N ASN I 80 -22.90 5.38 -22.11
CA ASN I 80 -23.90 6.41 -22.19
C ASN I 80 -24.75 6.18 -23.44
N ILE I 81 -26.01 5.85 -23.18
CA ILE I 81 -27.00 5.51 -24.18
C ILE I 81 -27.29 6.61 -25.20
N ASP I 82 -27.13 7.86 -24.78
CA ASP I 82 -27.38 9.04 -25.63
C ASP I 82 -26.31 9.33 -26.65
N LEU I 83 -25.16 8.64 -26.56
CA LEU I 83 -24.02 8.82 -27.48
C LEU I 83 -23.96 7.74 -28.56
N LEU I 84 -24.85 6.78 -28.50
CA LEU I 84 -24.88 5.78 -29.53
C LEU I 84 -25.51 6.35 -30.81
N PRO I 85 -25.18 5.83 -31.99
CA PRO I 85 -25.83 6.27 -33.22
C PRO I 85 -27.28 5.96 -33.21
N GLN I 86 -27.68 4.76 -32.87
CA GLN I 86 -29.09 4.42 -32.58
C GLN I 86 -29.11 3.62 -31.29
N LEU I 87 -30.24 3.71 -30.59
CA LEU I 87 -30.50 2.97 -29.36
C LEU I 87 -30.43 1.44 -29.51
N SER I 88 -30.92 0.96 -30.65
CA SER I 88 -30.93 -0.44 -30.94
C SER I 88 -29.57 -1.01 -31.18
N ASP I 89 -28.53 -0.20 -31.19
CA ASP I 89 -27.18 -0.71 -31.50
C ASP I 89 -26.63 -1.47 -30.31
N VAL I 90 -27.18 -1.20 -29.12
CA VAL I 90 -26.74 -1.92 -27.94
C VAL I 90 -26.95 -3.40 -28.12
N LEU I 91 -27.95 -3.83 -28.90
CA LEU I 91 -28.30 -5.22 -28.96
C LEU I 91 -27.31 -6.05 -29.82
N GLY I 92 -27.31 -7.35 -29.56
CA GLY I 92 -26.43 -8.28 -30.19
C GLY I 92 -25.01 -8.14 -29.74
N VAL I 93 -24.10 -8.48 -30.63
CA VAL I 93 -22.71 -8.40 -30.26
C VAL I 93 -22.09 -7.03 -30.43
N THR I 94 -21.46 -6.55 -29.36
CA THR I 94 -20.65 -5.32 -29.39
C THR I 94 -19.30 -5.61 -28.80
N VAL I 95 -18.43 -4.61 -28.73
CA VAL I 95 -17.03 -4.77 -28.31
C VAL I 95 -16.64 -3.79 -27.24
N ILE I 96 -15.78 -4.22 -26.33
CA ILE I 96 -15.07 -3.31 -25.45
C ILE I 96 -13.57 -3.52 -25.62
N LEU I 97 -12.79 -2.50 -25.40
CA LEU I 97 -11.34 -2.62 -25.46
C LEU I 97 -10.76 -2.15 -24.16
N LEU I 98 -10.09 -3.08 -23.51
CA LEU I 98 -9.39 -2.86 -22.26
C LEU I 98 -7.98 -2.54 -22.68
N SER I 99 -7.40 -1.45 -22.23
CA SER I 99 -6.03 -1.24 -22.58
C SER I 99 -5.18 -0.59 -21.53
N CYS I 100 -3.89 -0.74 -21.73
CA CYS I 100 -2.95 -0.16 -20.84
C CYS I 100 -1.86 0.53 -21.61
N ALA I 101 -1.44 1.64 -21.03
CA ALA I 101 -0.36 2.49 -21.55
C ALA I 101 0.67 2.77 -20.41
N TYR I 102 1.92 2.91 -20.78
CA TYR I 102 2.97 3.44 -19.89
C TYR I 102 3.47 4.78 -20.44
N GLU I 103 3.35 5.84 -19.61
CA GLU I 103 3.74 7.21 -20.03
C GLU I 103 3.11 7.58 -21.38
N ASP I 104 1.77 7.46 -21.43
CA ASP I 104 0.96 7.83 -22.58
C ASP I 104 1.33 7.02 -23.84
N ASN I 105 1.83 5.81 -23.67
CA ASN I 105 2.05 4.95 -24.82
C ASN I 105 1.46 3.56 -24.59
N GLU I 106 0.51 3.17 -25.45
CA GLU I 106 -0.23 1.91 -25.33
C GLU I 106 0.67 0.70 -25.59
N PHE I 107 0.73 -0.24 -24.66
CA PHE I 107 1.56 -1.46 -24.82
C PHE I 107 0.77 -2.74 -24.97
N VAL I 108 -0.47 -2.73 -24.51
CA VAL I 108 -1.34 -3.87 -24.72
C VAL I 108 -2.78 -3.41 -24.86
N ARG I 109 -3.56 -4.20 -25.59
CA ARG I 109 -4.99 -3.97 -25.77
C ARG I 109 -5.75 -5.29 -25.89
N VAL I 110 -6.65 -5.56 -24.97
CA VAL I 110 -7.45 -6.76 -25.02
C VAL I 110 -8.86 -6.42 -25.45
N GLY I 111 -9.32 -7.01 -26.56
CA GLY I 111 -10.65 -6.78 -27.09
C GLY I 111 -11.61 -7.90 -26.69
N TYR I 112 -12.81 -7.56 -26.27
CA TYR I 112 -13.79 -8.56 -25.89
C TYR I 112 -15.04 -8.42 -26.70
N TYR I 113 -15.63 -9.53 -27.12
CA TYR I 113 -16.94 -9.50 -27.71
C TYR I 113 -17.89 -9.54 -26.56
N VAL I 114 -18.98 -8.81 -26.68
CA VAL I 114 -19.96 -8.73 -25.65
C VAL I 114 -21.32 -8.93 -26.26
N ASN I 115 -22.06 -9.86 -25.70
CA ASN I 115 -23.37 -10.22 -26.19
C ASN I 115 -24.42 -9.58 -25.39
N ASN I 116 -25.41 -8.97 -26.06
CA ASN I 116 -26.45 -8.19 -25.38
C ASN I 116 -27.84 -8.62 -25.79
N GLU I 117 -28.67 -8.95 -24.82
CA GLU I 117 -30.01 -9.43 -25.09
C GLU I 117 -30.96 -8.63 -24.26
N MET I 118 -32.25 -8.63 -24.65
CA MET I 118 -33.30 -7.87 -23.98
C MET I 118 -34.39 -8.81 -23.52
N GLU I 119 -34.96 -8.54 -22.34
CA GLU I 119 -36.04 -9.37 -21.81
C GLU I 119 -37.20 -9.57 -22.78
N GLY I 120 -37.54 -10.83 -22.99
CA GLY I 120 -38.70 -11.21 -23.77
C GLY I 120 -38.51 -11.08 -25.24
N LEU I 121 -37.31 -10.77 -25.69
CA LEU I 121 -37.08 -10.53 -27.10
C LEU I 121 -36.22 -11.63 -27.69
N ASN I 122 -36.75 -12.40 -28.65
CA ASN I 122 -35.97 -13.41 -29.35
C ASN I 122 -35.22 -12.81 -30.51
N LEU I 123 -33.95 -12.52 -30.27
CA LEU I 123 -33.07 -11.81 -31.18
C LEU I 123 -32.50 -12.67 -32.32
N GLN I 124 -32.49 -13.97 -32.13
CA GLN I 124 -31.88 -14.88 -33.13
C GLN I 124 -32.71 -15.07 -34.41
N GLU I 125 -34.03 -14.98 -34.27
CA GLU I 125 -35.01 -15.01 -35.38
C GLU I 125 -34.98 -13.72 -36.21
N MET I 126 -34.94 -12.58 -35.53
CA MET I 126 -34.99 -11.29 -36.18
C MET I 126 -33.85 -11.00 -37.18
N ASP I 127 -34.20 -10.38 -38.31
CA ASP I 127 -33.25 -9.91 -39.32
C ASP I 127 -33.01 -8.43 -39.07
N ASP I 128 -31.93 -7.88 -39.62
CA ASP I 128 -31.48 -6.55 -39.19
C ASP I 128 -32.53 -5.43 -39.28
N ALA I 129 -33.49 -5.56 -40.19
CA ALA I 129 -34.54 -4.58 -40.34
C ALA I 129 -35.50 -4.65 -39.16
N GLU I 130 -35.90 -5.85 -38.82
CA GLU I 130 -36.87 -6.10 -37.75
C GLU I 130 -36.34 -5.75 -36.37
N ILE I 131 -35.01 -5.73 -36.25
CA ILE I 131 -34.28 -5.43 -35.00
C ILE I 131 -34.41 -3.97 -34.59
N LYS I 132 -34.25 -3.07 -35.56
CA LYS I 132 -34.35 -1.62 -35.32
C LYS I 132 -35.75 -1.17 -34.85
N LYS I 133 -36.79 -1.78 -35.44
CA LYS I 133 -38.19 -1.58 -35.01
C LYS I 133 -38.43 -1.87 -33.54
N VAL I 134 -37.54 -2.68 -32.96
CA VAL I 134 -37.65 -3.02 -31.54
C VAL I 134 -37.57 -1.76 -30.72
N LYS I 135 -38.51 -1.67 -29.80
CA LYS I 135 -38.57 -0.61 -28.84
C LYS I 135 -37.72 -1.06 -27.69
N VAL I 136 -36.46 -0.65 -27.73
CA VAL I 136 -35.50 -0.94 -26.70
C VAL I 136 -35.83 -0.20 -25.39
N ASP I 137 -36.11 -1.03 -24.39
CA ASP I 137 -36.14 -0.63 -22.99
C ASP I 137 -34.80 -1.03 -22.40
N ILE I 138 -33.94 -0.03 -22.21
CA ILE I 138 -32.56 -0.24 -21.74
C ILE I 138 -32.45 -0.81 -20.34
N SER I 139 -33.49 -0.63 -19.55
CA SER I 139 -33.51 -1.14 -18.20
C SER I 139 -33.75 -2.67 -18.23
N LYS I 140 -34.11 -3.19 -19.40
CA LYS I 140 -34.31 -4.63 -19.64
C LYS I 140 -33.25 -5.30 -20.58
N VAL I 141 -32.13 -4.63 -20.81
CA VAL I 141 -31.02 -5.18 -21.58
C VAL I 141 -29.92 -5.69 -20.62
N TRP I 142 -29.56 -6.97 -20.76
CA TRP I 142 -28.39 -7.54 -20.08
C TRP I 142 -27.23 -7.91 -20.99
N ARG I 143 -26.02 -7.77 -20.47
CA ARG I 143 -24.79 -8.17 -21.17
C ARG I 143 -24.16 -9.38 -20.54
N SER I 144 -23.46 -10.13 -21.39
CA SER I 144 -22.47 -11.09 -21.01
C SER I 144 -21.23 -10.83 -21.82
N ILE I 145 -20.14 -10.51 -21.13
CA ILE I 145 -18.82 -10.39 -21.76
C ILE I 145 -18.25 -11.81 -21.98
N LEU I 146 -17.71 -12.06 -23.17
CA LEU I 146 -16.96 -13.24 -23.48
C LEU I 146 -15.53 -13.12 -23.01
N ALA I 147 -15.34 -13.31 -21.70
CA ALA I 147 -14.05 -13.06 -21.08
C ALA I 147 -13.06 -14.17 -21.41
N GLU I 148 -13.55 -15.28 -21.91
CA GLU I 148 -12.76 -16.46 -22.13
C GLU I 148 -12.07 -16.39 -23.43
N LYS I 149 -12.50 -15.47 -24.29
CA LYS I 149 -11.99 -15.36 -25.65
C LYS I 149 -11.47 -13.96 -25.94
N PRO I 150 -10.46 -13.51 -25.23
CA PRO I 150 -9.90 -12.20 -25.49
C PRO I 150 -9.03 -12.16 -26.76
N ARG I 151 -8.98 -11.01 -27.46
CA ARG I 151 -8.06 -10.80 -28.58
C ARG I 151 -6.98 -9.85 -28.13
N VAL I 152 -5.78 -10.36 -27.89
CA VAL I 152 -4.71 -9.54 -27.30
C VAL I 152 -3.90 -8.92 -28.42
N THR I 153 -3.52 -7.67 -28.31
CA THR I 153 -2.63 -7.03 -29.25
C THR I 153 -1.57 -6.40 -28.41
N ARG I 154 -0.33 -6.50 -28.83
CA ARG I 154 0.80 -6.01 -28.03
C ARG I 154 1.57 -5.00 -28.83
N PHE I 155 2.13 -4.02 -28.17
CA PHE I 155 2.86 -2.95 -28.85
C PHE I 155 4.20 -2.80 -28.18
N ASN I 156 5.24 -2.66 -28.99
CA ASN I 156 6.54 -2.29 -28.44
C ASN I 156 6.58 -0.88 -27.96
N ILE I 157 6.92 -0.70 -26.70
CA ILE I 157 7.14 0.65 -26.23
C ILE I 157 8.48 0.73 -25.58
N GLN I 158 8.93 1.95 -25.33
CA GLN I 158 10.20 2.15 -24.65
C GLN I 158 9.83 2.37 -23.22
N TRP I 159 10.29 1.51 -22.33
CA TRP I 159 9.83 1.55 -20.97
C TRP I 159 10.67 2.58 -20.22
N ASP I 160 11.27 2.18 -19.08
CA ASP I 160 12.09 3.08 -18.27
C ASP I 160 13.56 3.19 -18.75
N ASN I 161 13.88 2.58 -19.89
CA ASN I 161 15.06 2.91 -20.70
C ASN I 161 14.66 4.08 -21.62
N LYS J 11 -8.15 9.49 -11.50
CA LYS J 11 -8.26 8.40 -10.40
C LYS J 11 -7.12 7.33 -10.39
N ARG J 12 -6.79 6.82 -9.21
CA ARG J 12 -5.51 6.17 -9.02
C ARG J 12 -5.54 5.27 -7.83
N ILE J 13 -5.09 4.02 -8.00
CA ILE J 13 -5.00 3.07 -6.90
C ILE J 13 -3.70 2.29 -6.91
N ALA J 14 -3.30 1.82 -5.76
CA ALA J 14 -2.17 0.91 -5.68
C ALA J 14 -2.67 -0.48 -6.02
N PRO J 15 -1.81 -1.27 -6.60
CA PRO J 15 -2.15 -2.64 -6.87
C PRO J 15 -2.02 -3.43 -5.60
N THR J 16 -2.85 -4.45 -5.48
CA THR J 16 -2.68 -5.52 -4.50
C THR J 16 -1.76 -6.68 -4.94
N PRO J 17 -0.71 -6.98 -4.18
CA PRO J 17 0.20 -8.10 -4.50
C PRO J 17 -0.48 -9.45 -4.24
N VAL J 18 -0.22 -10.37 -5.17
CA VAL J 18 -0.71 -11.73 -5.19
C VAL J 18 0.44 -12.68 -4.90
N TYR J 19 1.62 -12.44 -5.50
CA TYR J 19 2.78 -13.34 -5.28
C TYR J 19 4.07 -12.61 -5.62
N PRO J 20 5.02 -12.46 -4.72
CA PRO J 20 5.03 -12.96 -3.33
C PRO J 20 3.92 -12.46 -2.40
N ILE K 3 6.43 40.58 10.80
CA ILE K 3 6.30 40.48 9.30
C ILE K 3 6.95 39.24 8.80
N VAL K 4 7.99 38.83 9.50
CA VAL K 4 8.63 37.58 9.22
C VAL K 4 8.74 36.84 10.51
N ASN K 5 8.27 35.60 10.48
CA ASN K 5 8.23 34.77 11.66
C ASN K 5 8.86 33.47 11.30
N ILE K 6 9.71 33.05 12.22
CA ILE K 6 10.36 31.78 12.11
C ILE K 6 9.41 30.82 12.73
N LEU K 7 9.13 29.72 12.05
CA LEU K 7 8.21 28.70 12.54
C LEU K 7 8.94 27.48 13.05
N SER K 8 10.03 27.16 12.41
CA SER K 8 10.82 26.08 12.95
C SER K 8 12.26 26.19 12.55
N VAL K 9 13.18 25.81 13.45
CA VAL K 9 14.57 25.57 13.07
C VAL K 9 15.01 24.21 13.51
N ASN K 10 15.64 23.50 12.61
CA ASN K 10 15.90 22.10 12.80
C ASN K 10 17.36 21.80 12.50
N VAL K 11 18.08 21.26 13.46
CA VAL K 11 19.46 20.91 13.26
C VAL K 11 19.53 19.55 12.57
N LEU K 12 20.01 19.59 11.34
CA LEU K 12 20.10 18.40 10.53
C LEU K 12 21.14 17.38 11.00
N ASN K 13 22.33 17.82 11.43
CA ASN K 13 23.44 16.94 11.86
C ASN K 13 23.73 17.07 13.36
N ASN K 14 23.14 16.21 14.17
CA ASN K 14 23.28 16.33 15.63
C ASN K 14 23.24 14.95 16.20
N PRO K 15 24.20 14.55 17.01
CA PRO K 15 25.39 15.34 17.35
C PRO K 15 26.37 15.41 16.23
N ALA K 16 27.44 16.18 16.41
CA ALA K 16 28.43 16.36 15.34
C ALA K 16 29.78 16.62 15.93
N LYS K 17 30.80 16.42 15.11
CA LYS K 17 32.12 16.85 15.48
C LYS K 17 32.17 18.36 15.66
N PHE K 18 32.92 18.80 16.67
CA PHE K 18 33.12 20.21 16.91
C PHE K 18 33.37 21.01 15.61
N SER K 19 34.17 20.42 14.72
CA SER K 19 34.64 21.11 13.49
C SER K 19 33.83 20.82 12.25
N ASP K 20 32.75 20.06 12.36
CA ASP K 20 31.81 19.83 11.25
C ASP K 20 31.02 21.08 11.14
N PRO K 21 30.72 21.53 9.93
CA PRO K 21 29.81 22.70 9.76
C PRO K 21 28.40 22.49 10.39
N TYR K 22 27.73 23.60 10.67
CA TYR K 22 26.40 23.60 11.26
C TYR K 22 25.48 23.59 10.06
N LYS K 23 24.53 22.65 10.08
CA LYS K 23 23.47 22.62 9.09
C LYS K 23 22.09 22.76 9.73
N PHE K 24 21.49 23.93 9.58
CA PHE K 24 20.16 24.33 10.08
C PHE K 24 19.14 24.41 8.90
N GLU K 25 18.01 23.72 9.04
CA GLU K 25 16.90 23.89 8.12
C GLU K 25 15.88 24.79 8.79
N ILE K 26 15.80 26.02 8.29
CA ILE K 26 15.01 27.06 8.93
C ILE K 26 13.77 27.30 8.08
N THR K 27 12.59 27.38 8.70
CA THR K 27 11.35 27.60 8.02
C THR K 27 10.72 28.86 8.55
N PHE K 28 10.29 29.75 7.66
CA PHE K 28 9.68 31.00 8.05
C PHE K 28 8.48 31.40 7.17
N GLU K 29 7.73 32.36 7.67
CA GLU K 29 6.54 32.83 6.99
C GLU K 29 6.59 34.37 6.81
N CYS K 30 6.06 34.85 5.72
CA CYS K 30 6.13 36.26 5.42
C CYS K 30 4.96 36.61 4.59
N LEU K 31 4.24 37.68 4.92
CA LEU K 31 3.03 37.95 4.09
C LEU K 31 3.12 38.97 2.95
N GLU K 32 4.20 39.76 2.94
CA GLU K 32 4.49 40.71 1.81
C GLU K 32 5.76 40.32 1.01
N PRO K 33 5.79 40.61 -0.29
CA PRO K 33 6.98 40.30 -1.08
C PRO K 33 8.05 41.41 -0.81
N LEU K 34 8.91 41.15 0.15
CA LEU K 34 9.84 42.17 0.61
C LEU K 34 10.75 42.65 -0.53
N LYS K 35 11.11 43.93 -0.51
CA LYS K 35 12.05 44.46 -1.49
C LYS K 35 13.45 43.81 -1.39
N SER K 36 13.94 43.61 -0.17
CA SER K 36 15.36 43.16 0.03
C SER K 36 15.51 41.67 0.50
N ASP K 37 16.76 41.23 0.54
CA ASP K 37 17.09 39.91 1.00
C ASP K 37 16.96 39.85 2.52
N LEU K 38 16.76 38.65 3.06
CA LEU K 38 16.98 38.43 4.48
C LEU K 38 18.47 38.14 4.77
N GLU K 39 19.02 38.78 5.79
CA GLU K 39 20.42 38.58 6.12
C GLU K 39 20.59 37.67 7.32
N TRP K 40 21.05 36.44 7.10
CA TRP K 40 21.24 35.47 8.17
C TRP K 40 22.70 35.34 8.62
N LYS K 41 22.85 34.98 9.89
CA LYS K 41 24.10 35.08 10.63
C LYS K 41 24.16 33.98 11.69
N LEU K 42 25.29 33.35 11.87
CA LEU K 42 25.45 32.42 12.97
C LEU K 42 26.75 32.78 13.65
N THR K 43 26.63 33.01 14.96
CA THR K 43 27.69 33.48 15.84
C THR K 43 28.00 32.48 16.97
N TYR K 44 29.27 32.10 17.10
CA TYR K 44 29.76 31.27 18.19
C TYR K 44 30.21 32.22 19.26
N VAL K 45 29.70 32.04 20.48
CA VAL K 45 30.08 32.87 21.62
C VAL K 45 31.23 32.19 22.39
N GLY K 46 32.39 32.81 22.19
CA GLY K 46 33.68 32.28 22.61
C GLY K 46 34.03 32.62 24.04
N SER K 47 33.55 33.79 24.52
CA SER K 47 33.52 34.12 25.96
C SER K 47 32.12 34.58 26.34
N ALA K 48 31.47 33.87 27.28
CA ALA K 48 30.15 34.24 27.81
C ALA K 48 30.23 35.61 28.52
N THR K 49 31.39 35.89 29.12
CA THR K 49 31.58 37.19 29.79
C THR K 49 31.78 38.38 28.79
N SER K 50 32.89 38.29 28.02
CA SER K 50 33.29 39.27 26.97
C SER K 50 32.92 38.92 25.49
N GLN K 51 32.45 39.95 24.80
CA GLN K 51 31.97 39.86 23.41
C GLN K 51 33.11 39.89 22.36
N SER K 52 34.34 40.09 22.83
CA SER K 52 35.51 40.26 21.95
C SER K 52 35.98 38.96 21.35
N TYR K 53 35.48 37.85 21.89
CA TYR K 53 35.73 36.54 21.37
C TYR K 53 34.59 35.89 20.60
N ASP K 54 33.53 36.63 20.35
CA ASP K 54 32.49 36.17 19.44
C ASP K 54 33.05 35.94 18.06
N GLN K 55 32.63 34.87 17.38
CA GLN K 55 33.05 34.56 16.02
C GLN K 55 31.83 34.51 15.11
N ILE K 56 31.74 35.41 14.17
CA ILE K 56 30.69 35.27 13.19
C ILE K 56 31.16 34.14 12.31
N LEU K 57 30.58 32.96 12.50
CA LEU K 57 30.97 31.80 11.74
C LEU K 57 30.70 31.90 10.27
N ASP K 58 29.53 32.44 9.93
CA ASP K 58 29.10 32.52 8.53
C ASP K 58 27.89 33.42 8.41
N THR K 59 27.67 33.88 7.17
CA THR K 59 26.50 34.69 6.78
C THR K 59 25.90 34.15 5.47
N LEU K 60 24.62 34.41 5.26
CA LEU K 60 23.89 33.93 4.10
C LEU K 60 22.77 34.87 3.81
N LEU K 61 22.69 35.36 2.58
CA LEU K 61 21.52 36.07 2.10
C LEU K 61 20.53 35.05 1.54
N VAL K 62 19.24 35.31 1.79
CA VAL K 62 18.15 34.51 1.33
C VAL K 62 17.17 35.52 0.72
N GLY K 63 16.93 35.32 -0.57
CA GLY K 63 16.01 36.10 -1.35
C GLY K 63 15.91 35.65 -2.82
N PRO K 64 14.92 36.23 -3.54
CA PRO K 64 13.97 37.21 -2.98
C PRO K 64 12.88 36.45 -2.24
N ILE K 65 12.20 37.19 -1.37
CA ILE K 65 11.24 36.60 -0.46
C ILE K 65 9.81 36.71 -0.96
N PRO K 66 9.20 35.59 -1.38
CA PRO K 66 7.78 35.63 -1.76
C PRO K 66 6.95 35.48 -0.54
N ILE K 67 5.69 35.88 -0.65
CA ILE K 67 4.67 35.69 0.38
C ILE K 67 4.50 34.20 0.53
N GLY K 68 4.21 33.78 1.75
CA GLY K 68 4.07 32.37 2.00
C GLY K 68 4.93 31.85 3.11
N ILE K 69 5.01 30.54 3.15
CA ILE K 69 5.81 29.85 4.10
C ILE K 69 6.88 29.23 3.26
N ASN K 70 8.14 29.61 3.55
CA ASN K 70 9.31 29.12 2.82
C ASN K 70 10.30 28.58 3.78
N LYS K 71 11.32 27.93 3.24
CA LYS K 71 12.39 27.37 4.05
C LYS K 71 13.69 27.31 3.30
N PHE K 72 14.78 27.22 4.01
CA PHE K 72 16.08 27.03 3.39
C PHE K 72 17.04 26.34 4.36
N VAL K 73 18.11 25.83 3.82
CA VAL K 73 19.18 25.29 4.60
C VAL K 73 20.31 26.33 4.79
N PHE K 74 20.79 26.47 6.03
CA PHE K 74 21.89 27.33 6.35
C PHE K 74 23.02 26.43 6.79
N GLU K 75 24.05 26.36 5.96
CA GLU K 75 25.22 25.54 6.24
C GLU K 75 26.29 26.51 6.66
N ALA K 76 26.70 26.51 7.93
CA ALA K 76 27.70 27.50 8.45
C ALA K 76 28.99 26.85 8.88
N ASP K 77 30.11 27.55 8.66
CA ASP K 77 31.43 26.97 8.96
C ASP K 77 31.55 26.79 10.47
N PRO K 78 32.40 25.88 10.89
CA PRO K 78 32.58 25.57 12.31
C PRO K 78 33.41 26.66 12.98
N PRO K 79 33.45 26.69 14.31
CA PRO K 79 34.22 27.74 15.01
C PRO K 79 35.71 27.56 14.74
N ASN K 80 36.46 28.66 14.77
CA ASN K 80 37.92 28.59 14.65
C ASN K 80 38.59 28.56 16.03
N ILE K 81 39.30 27.50 16.28
CA ILE K 81 39.70 27.19 17.64
C ILE K 81 40.86 28.13 18.14
N ASP K 82 41.60 28.69 17.17
CA ASP K 82 42.72 29.61 17.43
C ASP K 82 42.23 30.91 17.99
N LEU K 83 40.95 31.20 17.78
CA LEU K 83 40.32 32.45 18.26
C LEU K 83 39.61 32.35 19.64
N LEU K 84 39.59 31.19 20.25
CA LEU K 84 39.11 31.06 21.60
C LEU K 84 40.14 31.55 22.57
N PRO K 85 39.72 32.04 23.73
CA PRO K 85 40.66 32.50 24.76
C PRO K 85 41.58 31.36 25.17
N GLN K 86 41.04 30.21 25.56
CA GLN K 86 41.83 28.96 25.77
C GLN K 86 41.11 27.86 24.98
N LEU K 87 41.81 26.80 24.76
CA LEU K 87 41.24 25.66 24.09
C LEU K 87 40.19 24.93 24.93
N SER K 88 40.38 24.85 26.24
CA SER K 88 39.42 24.13 27.12
C SER K 88 38.01 24.78 27.23
N ASP K 89 37.90 25.99 26.72
CA ASP K 89 36.59 26.64 26.70
C ASP K 89 35.57 25.94 25.76
N VAL K 90 36.06 25.20 24.74
CA VAL K 90 35.12 24.48 23.89
C VAL K 90 34.28 23.51 24.69
N LEU K 91 34.79 23.05 25.84
CA LEU K 91 34.15 22.00 26.56
C LEU K 91 32.99 22.52 27.42
N GLY K 92 31.99 21.67 27.66
CA GLY K 92 30.82 22.03 28.47
C GLY K 92 29.80 22.74 27.60
N VAL K 93 29.02 23.59 28.24
CA VAL K 93 28.00 24.31 27.55
C VAL K 93 28.50 25.64 27.01
N THR K 94 28.37 25.84 25.71
CA THR K 94 28.62 27.15 25.10
C THR K 94 27.39 27.48 24.28
N VAL K 95 27.38 28.62 23.64
CA VAL K 95 26.21 29.18 23.06
C VAL K 95 26.50 29.51 21.62
N ILE K 96 25.48 29.42 20.77
CA ILE K 96 25.50 30.02 19.46
C ILE K 96 24.24 30.86 19.31
N LEU K 97 24.31 31.88 18.47
CA LEU K 97 23.18 32.74 18.23
C LEU K 97 22.88 32.75 16.76
N LEU K 98 21.62 32.49 16.41
CA LEU K 98 21.20 32.48 15.01
C LEU K 98 20.39 33.73 14.83
N SER K 99 20.86 34.71 14.04
CA SER K 99 20.03 35.88 13.83
C SER K 99 19.73 36.22 12.41
N CYS K 100 18.64 36.95 12.23
CA CYS K 100 18.31 37.49 10.92
C CYS K 100 18.17 38.98 10.98
N ALA K 101 18.70 39.69 10.01
CA ALA K 101 18.47 41.16 9.92
C ALA K 101 17.80 41.48 8.59
N TYR K 102 17.20 42.65 8.49
CA TYR K 102 16.65 43.10 7.21
C TYR K 102 17.13 44.49 6.98
N GLU K 103 17.87 44.64 5.89
CA GLU K 103 18.52 45.94 5.53
C GLU K 103 19.35 46.41 6.74
N ASP K 104 20.28 45.53 7.12
CA ASP K 104 21.17 45.70 8.28
C ASP K 104 20.52 46.06 9.63
N ASN K 105 19.27 45.66 9.85
CA ASN K 105 18.66 45.80 11.17
C ASN K 105 18.19 44.46 11.70
N GLU K 106 18.86 44.02 12.76
CA GLU K 106 18.54 42.75 13.35
C GLU K 106 17.05 42.83 13.75
N PHE K 107 16.26 41.83 13.33
CA PHE K 107 14.89 41.73 13.82
C PHE K 107 14.60 40.49 14.67
N VAL K 108 15.46 39.45 14.58
CA VAL K 108 15.26 38.26 15.42
C VAL K 108 16.57 37.62 15.80
N ARG K 109 16.60 37.01 16.96
CA ARG K 109 17.81 36.35 17.42
C ARG K 109 17.42 35.11 18.21
N VAL K 110 17.96 33.97 17.81
CA VAL K 110 17.65 32.70 18.42
C VAL K 110 18.92 32.11 19.04
N GLY K 111 19.00 32.17 20.36
CA GLY K 111 20.16 31.63 21.07
C GLY K 111 19.90 30.18 21.41
N TYR K 112 20.93 29.38 21.39
CA TYR K 112 20.84 27.95 21.65
C TYR K 112 22.00 27.56 22.57
N TYR K 113 21.73 26.71 23.56
CA TYR K 113 22.79 26.15 24.40
C TYR K 113 23.31 24.99 23.65
N VAL K 114 24.60 24.70 23.77
CA VAL K 114 25.25 23.60 23.03
C VAL K 114 26.17 22.91 24.00
N ASN K 115 26.18 21.61 24.01
CA ASN K 115 26.92 20.89 24.99
C ASN K 115 28.00 20.19 24.34
N ASN K 116 29.20 20.27 24.89
CA ASN K 116 30.35 19.73 24.19
C ASN K 116 31.03 18.75 25.09
N GLU K 117 31.37 17.59 24.54
CA GLU K 117 31.99 16.53 25.28
C GLU K 117 33.18 15.98 24.52
N MET K 118 34.15 15.43 25.23
CA MET K 118 35.35 14.83 24.59
C MET K 118 35.49 13.34 24.86
N GLU K 119 35.94 12.60 23.87
CA GLU K 119 36.05 11.15 24.02
C GLU K 119 36.90 10.82 25.22
N GLY K 120 36.42 9.83 25.94
CA GLY K 120 37.06 9.29 27.11
C GLY K 120 37.03 10.13 28.36
N LEU K 121 36.38 11.28 28.35
CA LEU K 121 36.52 12.26 29.43
C LEU K 121 35.17 12.50 30.07
N ASN K 122 35.16 12.45 31.40
CA ASN K 122 33.98 12.56 32.19
C ASN K 122 33.92 13.92 32.78
N LEU K 123 33.34 14.86 32.05
CA LEU K 123 33.21 16.23 32.51
C LEU K 123 32.36 16.40 33.72
N GLN K 124 31.45 15.47 33.96
CA GLN K 124 30.45 15.71 35.02
C GLN K 124 31.06 15.64 36.43
N GLU K 125 32.06 14.77 36.57
CA GLU K 125 32.73 14.59 37.85
C GLU K 125 33.90 15.57 38.13
N MET K 126 34.12 16.53 37.22
CA MET K 126 35.26 17.46 37.30
C MET K 126 34.77 18.86 37.65
N ASP K 127 35.61 19.64 38.36
CA ASP K 127 35.31 21.08 38.60
C ASP K 127 36.19 21.92 37.70
N ASP K 128 35.82 23.18 37.51
CA ASP K 128 36.51 24.05 36.54
C ASP K 128 38.05 23.96 36.52
N ALA K 129 38.69 23.82 37.69
CA ALA K 129 40.15 23.71 37.77
C ALA K 129 40.68 22.58 36.91
N GLU K 130 40.16 21.35 37.16
CA GLU K 130 40.59 20.11 36.48
C GLU K 130 40.23 20.19 34.99
N ILE K 131 39.19 20.97 34.70
CA ILE K 131 38.70 21.13 33.32
C ILE K 131 39.64 21.92 32.47
N LYS K 132 40.19 23.00 33.02
CA LYS K 132 41.24 23.76 32.36
C LYS K 132 42.45 22.90 32.05
N LYS K 133 42.81 22.01 32.98
CA LYS K 133 43.98 21.16 32.84
C LYS K 133 43.85 20.21 31.67
N VAL K 134 42.59 19.94 31.28
CA VAL K 134 42.32 19.00 30.20
C VAL K 134 43.17 19.29 28.99
N LYS K 135 43.94 18.29 28.58
CA LYS K 135 44.56 18.37 27.29
C LYS K 135 43.51 18.05 26.21
N VAL K 136 43.00 19.10 25.54
CA VAL K 136 41.94 18.97 24.57
C VAL K 136 42.48 18.50 23.23
N ASP K 137 41.99 17.33 22.79
CA ASP K 137 42.14 16.90 21.42
C ASP K 137 40.84 17.28 20.75
N ILE K 138 40.92 18.29 19.90
CA ILE K 138 39.72 18.85 19.35
C ILE K 138 39.00 17.88 18.43
N SER K 139 39.76 17.05 17.74
CA SER K 139 39.14 16.07 16.87
C SER K 139 38.41 15.00 17.61
N LYS K 140 38.49 14.98 18.93
CA LYS K 140 37.72 14.06 19.75
C LYS K 140 36.55 14.73 20.49
N VAL K 141 36.24 15.98 20.14
CA VAL K 141 35.19 16.74 20.81
C VAL K 141 33.95 16.77 19.96
N TRP K 142 32.84 16.32 20.51
CA TRP K 142 31.56 16.37 19.81
C TRP K 142 30.61 17.37 20.47
N ARG K 143 29.70 17.95 19.68
CA ARG K 143 28.65 18.83 20.16
C ARG K 143 27.23 18.26 19.99
N SER K 144 26.32 18.71 20.83
CA SER K 144 24.89 18.52 20.67
C SER K 144 24.18 19.83 21.02
N ILE K 145 23.37 20.32 20.09
CA ILE K 145 22.70 21.62 20.21
C ILE K 145 21.35 21.29 20.79
N LEU K 146 20.94 21.99 21.82
CA LEU K 146 19.65 21.80 22.44
C LEU K 146 18.72 22.64 21.66
N ALA K 147 18.37 22.08 20.49
CA ALA K 147 17.53 22.75 19.49
C ALA K 147 16.12 22.85 19.97
N GLU K 148 15.80 22.06 20.99
CA GLU K 148 14.43 22.02 21.53
C GLU K 148 14.19 23.17 22.46
N LYS K 149 15.22 23.82 22.95
CA LYS K 149 15.04 24.90 23.91
C LYS K 149 15.64 26.25 23.47
N PRO K 150 15.16 26.82 22.38
CA PRO K 150 15.71 28.10 21.87
C PRO K 150 15.22 29.26 22.67
N ARG K 151 16.05 30.26 22.96
CA ARG K 151 15.58 31.50 23.51
C ARG K 151 15.51 32.48 22.37
N VAL K 152 14.29 32.92 22.04
CA VAL K 152 14.02 33.81 20.93
C VAL K 152 13.91 35.29 21.39
N THR K 153 14.57 36.21 20.72
CA THR K 153 14.47 37.63 21.04
C THR K 153 14.03 38.37 19.79
N ARG K 154 13.09 39.29 19.93
CA ARG K 154 12.54 39.99 18.80
C ARG K 154 12.84 41.47 18.90
N PHE K 155 13.02 42.12 17.74
CA PHE K 155 13.30 43.55 17.65
C PHE K 155 12.43 44.24 16.64
N ASN K 156 11.89 45.40 17.00
CA ASN K 156 11.08 46.18 16.05
C ASN K 156 11.92 46.88 15.02
N ILE K 157 11.59 46.75 13.74
CA ILE K 157 12.34 47.44 12.69
C ILE K 157 11.38 48.10 11.73
N GLN K 158 11.94 48.91 10.84
CA GLN K 158 11.21 49.42 9.67
C GLN K 158 11.36 48.40 8.55
N TRP K 159 10.27 47.97 7.92
CA TRP K 159 10.44 46.95 6.88
C TRP K 159 10.52 47.65 5.56
N ASP K 160 9.59 47.44 4.63
CA ASP K 160 9.54 48.26 3.39
C ASP K 160 8.84 49.66 3.55
N ASN K 161 8.34 49.96 4.77
CA ASN K 161 8.05 51.35 5.15
C ASN K 161 9.35 52.03 5.67
N LYS L 11 27.78 34.92 -0.93
CA LYS L 11 26.86 33.70 -1.00
C LYS L 11 25.33 33.94 -0.65
N ARG L 12 24.49 33.33 -1.50
CA ARG L 12 23.07 33.71 -1.58
C ARG L 12 22.21 32.58 -2.12
N ILE L 13 20.93 32.58 -1.77
CA ILE L 13 20.03 31.53 -2.23
C ILE L 13 18.54 31.90 -2.22
N ALA L 14 17.81 31.30 -3.17
CA ALA L 14 16.37 31.38 -3.21
C ALA L 14 15.82 30.56 -2.05
N PRO L 15 14.87 31.10 -1.29
CA PRO L 15 14.14 30.25 -0.37
C PRO L 15 13.38 29.26 -1.20
N THR L 16 13.02 28.14 -0.61
CA THR L 16 12.29 27.07 -1.24
C THR L 16 10.89 27.16 -0.65
N PRO L 17 9.87 27.17 -1.47
CA PRO L 17 8.54 27.40 -0.90
C PRO L 17 8.04 26.06 -0.36
N VAL L 18 7.47 26.13 0.84
CA VAL L 18 6.83 24.99 1.49
C VAL L 18 5.31 24.99 1.33
N TYR L 19 4.71 26.17 1.53
CA TYR L 19 3.26 26.38 1.50
C TYR L 19 2.92 27.86 1.24
N PRO L 20 2.18 28.17 0.17
CA PRO L 20 1.61 27.24 -0.80
C PRO L 20 2.57 26.38 -1.60
N SER M 2 -15.45 -45.37 -30.33
CA SER M 2 -16.49 -44.27 -30.36
C SER M 2 -16.93 -43.74 -31.79
N ILE M 3 -18.18 -44.00 -32.16
CA ILE M 3 -18.76 -43.63 -33.48
C ILE M 3 -19.18 -42.16 -33.65
N VAL M 4 -19.83 -41.61 -32.62
CA VAL M 4 -20.30 -40.21 -32.61
C VAL M 4 -19.42 -39.39 -31.65
N ASN M 5 -18.99 -38.21 -32.10
CA ASN M 5 -18.21 -37.27 -31.25
C ASN M 5 -18.72 -35.80 -31.41
N ILE M 6 -18.95 -35.14 -30.28
CA ILE M 6 -19.44 -33.77 -30.35
C ILE M 6 -18.30 -32.88 -30.75
N LEU M 7 -18.53 -32.08 -31.79
CA LEU M 7 -17.56 -31.10 -32.26
C LEU M 7 -17.74 -29.75 -31.62
N SER M 8 -18.96 -29.25 -31.57
CA SER M 8 -19.14 -27.95 -30.96
C SER M 8 -20.56 -27.79 -30.45
N VAL M 9 -20.71 -27.19 -29.28
CA VAL M 9 -22.00 -26.73 -28.89
C VAL M 9 -21.95 -25.23 -28.71
N ASN M 10 -23.07 -24.62 -29.06
CA ASN M 10 -23.26 -23.18 -29.14
C ASN M 10 -24.56 -22.69 -28.44
N VAL M 11 -24.44 -21.79 -27.48
CA VAL M 11 -25.60 -21.28 -26.81
C VAL M 11 -26.15 -20.09 -27.62
N LEU M 12 -27.34 -20.29 -28.20
CA LEU M 12 -27.97 -19.30 -29.01
C LEU M 12 -28.46 -18.06 -28.23
N ASN M 13 -28.94 -18.23 -27.01
CA ASN M 13 -29.57 -17.11 -26.27
C ASN M 13 -28.85 -16.85 -24.94
N ASN M 14 -27.89 -15.94 -24.98
CA ASN M 14 -26.98 -15.79 -23.88
C ASN M 14 -26.43 -14.38 -23.82
N PRO M 15 -26.71 -13.64 -22.75
CA PRO M 15 -27.43 -14.11 -21.56
C PRO M 15 -28.91 -14.37 -21.80
N ALA M 16 -29.55 -14.92 -20.77
CA ALA M 16 -30.97 -15.21 -20.82
C ALA M 16 -31.56 -15.09 -19.45
N LYS M 17 -32.86 -14.87 -19.39
CA LYS M 17 -33.60 -14.93 -18.14
C LYS M 17 -33.50 -16.34 -17.58
N PHE M 18 -33.56 -16.48 -16.27
CA PHE M 18 -33.59 -17.81 -15.65
C PHE M 18 -34.67 -18.71 -16.27
N SER M 19 -35.81 -18.10 -16.57
CA SER M 19 -37.02 -18.80 -17.03
C SER M 19 -37.03 -18.99 -18.51
N ASP M 20 -36.15 -18.33 -19.24
CA ASP M 20 -36.08 -18.59 -20.68
C ASP M 20 -35.70 -20.07 -20.92
N PRO M 21 -36.26 -20.70 -21.93
CA PRO M 21 -35.73 -21.97 -22.43
C PRO M 21 -34.27 -21.87 -22.97
N TYR M 22 -33.57 -23.01 -22.86
CA TYR M 22 -32.22 -23.09 -23.31
C TYR M 22 -32.28 -23.43 -24.80
N LYS M 23 -31.43 -22.77 -25.59
CA LYS M 23 -31.29 -23.03 -27.01
C LYS M 23 -29.80 -23.30 -27.32
N PHE M 24 -29.52 -24.52 -27.77
CA PHE M 24 -28.17 -25.04 -28.03
C PHE M 24 -28.07 -25.48 -29.50
N GLU M 25 -27.09 -24.97 -30.25
CA GLU M 25 -26.81 -25.51 -31.57
C GLU M 25 -25.67 -26.51 -31.40
N ILE M 26 -25.99 -27.79 -31.54
CA ILE M 26 -24.99 -28.81 -31.37
C ILE M 26 -24.57 -29.40 -32.71
N THR M 27 -23.26 -29.47 -32.96
CA THR M 27 -22.63 -30.02 -34.17
C THR M 27 -21.79 -31.22 -33.79
N PHE M 28 -21.87 -32.31 -34.56
CA PHE M 28 -21.20 -33.56 -34.16
C PHE M 28 -20.81 -34.40 -35.35
N GLU M 29 -19.87 -35.32 -35.14
CA GLU M 29 -19.37 -36.22 -36.21
C GLU M 29 -19.82 -37.63 -35.99
N CYS M 30 -20.10 -38.29 -37.10
CA CYS M 30 -20.53 -39.67 -37.08
C CYS M 30 -19.80 -40.54 -38.09
N LEU M 31 -19.02 -41.49 -37.58
CA LEU M 31 -18.01 -42.22 -38.37
C LEU M 31 -18.55 -43.37 -39.25
N GLU M 32 -19.46 -44.16 -38.68
CA GLU M 32 -20.26 -45.14 -39.43
C GLU M 32 -21.74 -44.88 -39.17
N PRO M 33 -22.63 -45.29 -40.09
CA PRO M 33 -24.07 -45.05 -39.90
C PRO M 33 -24.68 -45.92 -38.79
N LEU M 34 -25.87 -45.49 -38.33
CA LEU M 34 -26.45 -46.02 -37.09
C LEU M 34 -27.90 -46.42 -37.18
N LYS M 35 -28.18 -47.57 -36.61
CA LYS M 35 -29.53 -48.16 -36.65
C LYS M 35 -30.55 -47.29 -35.83
N SER M 36 -30.22 -47.01 -34.58
CA SER M 36 -31.10 -46.25 -33.68
C SER M 36 -30.83 -44.72 -33.71
N ASP M 37 -31.71 -44.00 -33.03
CA ASP M 37 -31.61 -42.56 -32.81
C ASP M 37 -30.58 -42.19 -31.74
N LEU M 38 -30.01 -40.98 -31.82
CA LEU M 38 -29.34 -40.37 -30.67
C LEU M 38 -30.37 -39.81 -29.67
N GLU M 39 -30.17 -40.08 -28.38
CA GLU M 39 -31.07 -39.56 -27.34
C GLU M 39 -30.34 -38.48 -26.55
N TRP M 40 -30.74 -37.23 -26.79
CA TRP M 40 -30.19 -36.07 -26.08
C TRP M 40 -31.04 -35.67 -24.87
N LYS M 41 -30.37 -35.02 -23.95
CA LYS M 41 -30.98 -34.69 -22.69
C LYS M 41 -30.18 -33.54 -22.02
N LEU M 42 -30.89 -32.69 -21.29
CA LEU M 42 -30.25 -31.61 -20.58
C LEU M 42 -30.71 -31.62 -19.15
N THR M 43 -29.77 -31.53 -18.21
CA THR M 43 -30.11 -31.67 -16.81
C THR M 43 -29.62 -30.50 -15.99
N TYR M 44 -30.49 -29.96 -15.11
CA TYR M 44 -30.17 -28.80 -14.24
C TYR M 44 -29.85 -29.35 -12.87
N VAL M 45 -28.65 -29.05 -12.39
CA VAL M 45 -28.15 -29.57 -11.13
C VAL M 45 -28.56 -28.61 -9.99
N GLY M 46 -29.62 -29.06 -9.27
CA GLY M 46 -30.23 -28.34 -8.16
C GLY M 46 -29.37 -28.27 -6.90
N SER M 47 -28.48 -29.26 -6.79
CA SER M 47 -27.64 -29.46 -5.63
C SER M 47 -26.28 -30.03 -6.02
N ALA M 48 -25.27 -29.37 -5.49
CA ALA M 48 -23.88 -29.81 -5.58
C ALA M 48 -23.66 -31.15 -4.89
N THR M 49 -24.24 -31.36 -3.73
CA THR M 49 -23.90 -32.57 -2.93
C THR M 49 -24.82 -33.78 -3.27
N SER M 50 -25.91 -33.48 -3.95
CA SER M 50 -26.94 -34.49 -4.11
C SER M 50 -27.32 -34.53 -5.57
N GLN M 51 -27.60 -35.74 -6.02
CA GLN M 51 -28.01 -35.99 -7.40
C GLN M 51 -29.53 -35.99 -7.51
N SER M 52 -30.21 -35.95 -6.36
CA SER M 52 -31.65 -36.15 -6.27
C SER M 52 -32.42 -34.84 -6.44
N TYR M 53 -31.69 -33.72 -6.50
CA TYR M 53 -32.26 -32.44 -6.98
C TYR M 53 -31.99 -32.08 -8.45
N ASP M 54 -31.39 -33.02 -9.17
CA ASP M 54 -31.36 -32.95 -10.62
C ASP M 54 -32.79 -32.81 -11.20
N GLN M 55 -32.88 -32.15 -12.34
CA GLN M 55 -34.12 -31.92 -13.06
C GLN M 55 -33.74 -32.20 -14.53
N ILE M 56 -34.26 -33.30 -15.07
CA ILE M 56 -34.09 -33.57 -16.46
C ILE M 56 -35.02 -32.55 -17.14
N LEU M 57 -34.41 -31.48 -17.66
CA LEU M 57 -35.16 -30.39 -18.26
C LEU M 57 -35.99 -30.77 -19.50
N ASP M 58 -35.48 -31.66 -20.33
CA ASP M 58 -36.16 -32.00 -21.57
C ASP M 58 -35.31 -33.00 -22.28
N THR M 59 -35.88 -33.68 -23.26
CA THR M 59 -35.14 -34.67 -24.06
C THR M 59 -35.46 -34.49 -25.52
N LEU M 60 -34.60 -35.03 -26.36
CA LEU M 60 -34.72 -34.82 -27.80
C LEU M 60 -34.16 -36.06 -28.46
N LEU M 61 -34.91 -36.65 -29.39
CA LEU M 61 -34.41 -37.78 -30.15
C LEU M 61 -33.91 -37.18 -31.42
N VAL M 62 -32.74 -37.64 -31.90
CA VAL M 62 -32.16 -37.12 -33.12
C VAL M 62 -31.77 -38.27 -34.05
N GLY M 63 -32.26 -38.19 -35.29
CA GLY M 63 -32.28 -39.32 -36.22
C GLY M 63 -33.18 -39.15 -37.47
N PRO M 64 -32.89 -39.90 -38.52
CA PRO M 64 -31.78 -40.86 -38.55
C PRO M 64 -30.41 -40.15 -38.70
N ILE M 65 -29.36 -40.82 -38.23
CA ILE M 65 -27.99 -40.26 -38.18
C ILE M 65 -27.22 -40.50 -39.48
N PRO M 66 -26.96 -39.45 -40.24
CA PRO M 66 -26.05 -39.54 -41.39
C PRO M 66 -24.55 -39.53 -41.00
N ILE M 67 -23.75 -40.29 -41.77
CA ILE M 67 -22.31 -40.23 -41.59
C ILE M 67 -21.85 -38.85 -42.00
N GLY M 68 -20.86 -38.36 -41.26
CA GLY M 68 -20.28 -37.06 -41.48
C GLY M 68 -20.43 -36.06 -40.35
N ILE M 69 -20.73 -34.84 -40.72
CA ILE M 69 -20.80 -33.77 -39.77
C ILE M 69 -22.17 -33.20 -39.93
N ASN M 70 -22.93 -33.28 -38.83
CA ASN M 70 -24.31 -32.80 -38.78
C ASN M 70 -24.55 -31.87 -37.57
N LYS M 71 -25.72 -31.24 -37.59
CA LYS M 71 -26.08 -30.26 -36.60
C LYS M 71 -27.59 -30.11 -36.40
N PHE M 72 -27.99 -29.80 -35.18
CA PHE M 72 -29.40 -29.56 -34.86
C PHE M 72 -29.57 -28.56 -33.72
N VAL M 73 -30.76 -28.06 -33.59
CA VAL M 73 -31.08 -27.20 -32.46
C VAL M 73 -31.84 -28.01 -31.42
N PHE M 74 -31.39 -27.87 -30.18
CA PHE M 74 -31.96 -28.57 -29.04
C PHE M 74 -32.49 -27.47 -28.10
N GLU M 75 -33.81 -27.38 -28.00
CA GLU M 75 -34.47 -26.41 -27.16
C GLU M 75 -34.97 -27.12 -25.91
N ALA M 76 -34.66 -26.55 -24.74
CA ALA M 76 -34.99 -27.22 -23.49
C ALA M 76 -35.71 -26.26 -22.56
N ASP M 77 -36.73 -26.77 -21.87
CA ASP M 77 -37.48 -26.03 -20.89
C ASP M 77 -36.56 -25.56 -19.75
N PRO M 78 -36.91 -24.45 -19.10
CA PRO M 78 -36.13 -23.93 -18.00
C PRO M 78 -36.32 -24.80 -16.79
N PRO M 79 -35.55 -24.55 -15.74
CA PRO M 79 -35.78 -25.24 -14.46
C PRO M 79 -37.04 -24.69 -13.76
N ASN M 80 -37.62 -25.60 -12.99
CA ASN M 80 -38.68 -25.37 -12.07
C ASN M 80 -38.11 -25.00 -10.70
N ILE M 81 -38.38 -23.75 -10.35
CA ILE M 81 -37.94 -23.17 -9.07
C ILE M 81 -38.38 -23.99 -7.81
N ASP M 82 -39.58 -24.58 -7.82
CA ASP M 82 -40.14 -25.37 -6.69
C ASP M 82 -39.24 -26.54 -6.27
N LEU M 83 -38.53 -27.14 -7.22
CA LEU M 83 -37.84 -28.37 -6.97
C LEU M 83 -36.47 -28.08 -6.45
N LEU M 84 -36.22 -26.82 -6.16
CA LEU M 84 -34.97 -26.42 -5.54
C LEU M 84 -34.99 -26.56 -4.01
N PRO M 85 -33.87 -26.99 -3.42
CA PRO M 85 -33.78 -27.11 -1.95
C PRO M 85 -34.04 -25.79 -1.34
N GLN M 86 -33.33 -24.75 -1.75
CA GLN M 86 -33.55 -23.36 -1.26
C GLN M 86 -33.63 -22.35 -2.42
N LEU M 87 -34.40 -21.31 -2.23
CA LEU M 87 -34.72 -20.37 -3.29
C LEU M 87 -33.50 -19.67 -3.79
N SER M 88 -32.60 -19.33 -2.89
CA SER M 88 -31.35 -18.64 -3.24
C SER M 88 -30.31 -19.52 -3.97
N ASP M 89 -30.55 -20.84 -4.06
CA ASP M 89 -29.67 -21.70 -4.84
C ASP M 89 -29.54 -21.27 -6.32
N VAL M 90 -30.63 -20.71 -6.92
CA VAL M 90 -30.55 -20.27 -8.31
C VAL M 90 -29.41 -19.29 -8.55
N LEU M 91 -29.06 -18.51 -7.51
CA LEU M 91 -28.00 -17.50 -7.59
C LEU M 91 -26.61 -18.10 -7.52
N GLY M 92 -25.68 -17.38 -8.17
CA GLY M 92 -24.28 -17.72 -8.32
C GLY M 92 -24.04 -18.75 -9.41
N VAL M 93 -22.91 -19.44 -9.28
CA VAL M 93 -22.57 -20.46 -10.24
C VAL M 93 -23.32 -21.77 -10.01
N THR M 94 -23.97 -22.26 -11.05
CA THR M 94 -24.63 -23.57 -11.02
C THR M 94 -24.24 -24.30 -12.24
N VAL M 95 -24.74 -25.51 -12.40
CA VAL M 95 -24.22 -26.45 -13.39
C VAL M 95 -25.33 -26.99 -14.24
N ILE M 96 -25.04 -27.23 -15.53
CA ILE M 96 -25.96 -28.00 -16.39
C ILE M 96 -25.21 -29.12 -17.09
N LEU M 97 -25.91 -30.18 -17.44
CA LEU M 97 -25.27 -31.34 -18.03
C LEU M 97 -25.95 -31.67 -19.33
N LEU M 98 -25.22 -31.43 -20.41
CA LEU M 98 -25.71 -31.81 -21.71
C LEU M 98 -25.29 -33.22 -21.89
N SER M 99 -26.22 -34.11 -22.20
CA SER M 99 -25.90 -35.52 -22.33
C SER M 99 -26.49 -36.17 -23.55
N CYS M 100 -25.75 -37.10 -24.12
CA CYS M 100 -26.25 -37.93 -25.22
C CYS M 100 -26.03 -39.41 -25.01
N ALA M 101 -27.10 -40.15 -25.29
CA ALA M 101 -27.08 -41.61 -25.17
C ALA M 101 -27.40 -42.27 -26.50
N TYR M 102 -26.97 -43.52 -26.62
CA TYR M 102 -27.36 -44.36 -27.74
C TYR M 102 -27.92 -45.66 -27.20
N GLU M 103 -29.15 -45.96 -27.60
CA GLU M 103 -29.90 -47.15 -27.11
C GLU M 103 -29.79 -47.28 -25.59
N ASP M 104 -30.39 -46.29 -24.92
CA ASP M 104 -30.39 -46.17 -23.46
C ASP M 104 -29.01 -46.23 -22.72
N ASN M 105 -27.92 -45.97 -23.43
CA ASN M 105 -26.60 -45.90 -22.77
C ASN M 105 -25.85 -44.59 -23.00
N GLU M 106 -25.64 -43.86 -21.91
CA GLU M 106 -24.97 -42.57 -21.96
C GLU M 106 -23.54 -42.72 -22.49
N PHE M 107 -23.23 -42.06 -23.59
CA PHE M 107 -21.87 -42.13 -24.12
C PHE M 107 -21.10 -40.86 -23.91
N VAL M 108 -21.79 -39.71 -23.86
CA VAL M 108 -21.10 -38.42 -23.63
C VAL M 108 -21.94 -37.53 -22.70
N ARG M 109 -21.22 -36.80 -21.87
CA ARG M 109 -21.81 -35.90 -20.90
C ARG M 109 -20.97 -34.65 -20.88
N VAL M 110 -21.53 -33.52 -21.33
CA VAL M 110 -20.85 -32.22 -21.28
C VAL M 110 -21.43 -31.36 -20.15
N GLY M 111 -20.59 -31.00 -19.19
CA GLY M 111 -21.00 -30.15 -18.10
C GLY M 111 -20.62 -28.71 -18.33
N TYR M 112 -21.52 -27.81 -17.97
CA TYR M 112 -21.24 -26.39 -18.06
C TYR M 112 -21.49 -25.73 -16.73
N TYR M 113 -20.66 -24.74 -16.43
CA TYR M 113 -20.90 -23.88 -15.31
C TYR M 113 -21.69 -22.72 -15.81
N VAL M 114 -22.57 -22.17 -14.97
CA VAL M 114 -23.51 -21.14 -15.36
C VAL M 114 -23.63 -20.10 -14.33
N ASN M 115 -23.31 -18.89 -14.70
CA ASN M 115 -23.41 -17.76 -13.82
C ASN M 115 -24.84 -17.27 -13.72
N ASN M 116 -25.28 -16.93 -12.52
CA ASN M 116 -26.63 -16.39 -12.30
C ASN M 116 -26.55 -15.16 -11.41
N GLU M 117 -27.15 -14.09 -11.89
CA GLU M 117 -27.13 -12.80 -11.20
C GLU M 117 -28.55 -12.26 -11.15
N MET M 118 -28.83 -11.49 -10.09
CA MET M 118 -30.13 -10.83 -9.95
C MET M 118 -29.96 -9.34 -10.06
N GLU M 119 -30.91 -8.68 -10.75
CA GLU M 119 -30.94 -7.23 -10.93
C GLU M 119 -30.88 -6.47 -9.62
N GLY M 120 -29.93 -5.56 -9.51
CA GLY M 120 -29.76 -4.75 -8.32
C GLY M 120 -29.00 -5.38 -7.18
N LEU M 121 -28.61 -6.65 -7.33
CA LEU M 121 -27.90 -7.40 -6.31
C LEU M 121 -26.43 -7.58 -6.69
N ASN M 122 -25.57 -7.16 -5.76
CA ASN M 122 -24.12 -7.32 -5.89
C ASN M 122 -23.66 -8.52 -5.09
N LEU M 123 -23.69 -9.70 -5.70
CA LEU M 123 -23.30 -10.96 -5.07
C LEU M 123 -21.85 -11.04 -4.62
N GLN M 124 -21.00 -10.35 -5.36
CA GLN M 124 -19.58 -10.54 -5.18
C GLN M 124 -19.18 -10.08 -3.75
N GLU M 125 -19.79 -9.01 -3.26
CA GLU M 125 -19.37 -8.46 -1.98
C GLU M 125 -20.15 -9.06 -0.80
N MET M 126 -21.06 -10.00 -1.08
CA MET M 126 -21.79 -10.77 -0.03
C MET M 126 -21.11 -12.08 0.36
N ASP M 127 -21.35 -12.50 1.60
CA ASP M 127 -20.94 -13.84 2.11
C ASP M 127 -22.19 -14.74 2.08
N ASP M 128 -21.97 -16.05 2.17
CA ASP M 128 -23.02 -17.03 1.87
C ASP M 128 -24.30 -16.80 2.68
N ALA M 129 -24.09 -16.44 3.94
CA ALA M 129 -25.18 -16.30 4.89
C ALA M 129 -26.12 -15.12 4.60
N GLU M 130 -25.56 -14.02 4.08
CA GLU M 130 -26.38 -12.91 3.60
C GLU M 130 -27.06 -13.25 2.24
N ILE M 131 -26.40 -14.02 1.40
CA ILE M 131 -27.06 -14.46 0.17
C ILE M 131 -28.39 -15.23 0.47
N LYS M 132 -28.40 -16.01 1.56
CA LYS M 132 -29.55 -16.83 1.96
C LYS M 132 -30.72 -15.94 2.30
N LYS M 133 -30.41 -14.77 2.84
CA LYS M 133 -31.43 -13.80 3.23
C LYS M 133 -32.07 -13.07 2.05
N VAL M 134 -31.42 -13.10 0.90
CA VAL M 134 -31.93 -12.39 -0.26
C VAL M 134 -33.31 -12.92 -0.71
N LYS M 135 -34.22 -11.98 -0.80
CA LYS M 135 -35.52 -12.32 -1.31
C LYS M 135 -35.45 -12.40 -2.87
N VAL M 136 -35.27 -13.63 -3.34
CA VAL M 136 -35.15 -13.82 -4.77
C VAL M 136 -36.49 -13.59 -5.50
N ASP M 137 -36.42 -12.69 -6.48
CA ASP M 137 -37.46 -12.47 -7.47
C ASP M 137 -36.89 -13.09 -8.76
N ILE M 138 -37.44 -14.26 -9.12
CA ILE M 138 -36.90 -15.09 -10.16
C ILE M 138 -37.05 -14.46 -11.55
N SER M 139 -38.01 -13.58 -11.71
CA SER M 139 -38.19 -12.90 -12.99
C SER M 139 -37.13 -11.78 -13.18
N LYS M 140 -36.33 -11.56 -12.13
CA LYS M 140 -35.21 -10.62 -12.20
C LYS M 140 -33.84 -11.33 -12.20
N VAL M 141 -33.81 -12.64 -12.47
CA VAL M 141 -32.53 -13.39 -12.48
C VAL M 141 -32.15 -13.75 -13.89
N TRP M 142 -30.91 -13.45 -14.24
CA TRP M 142 -30.41 -13.82 -15.53
C TRP M 142 -29.19 -14.77 -15.39
N ARG M 143 -29.12 -15.77 -16.30
CA ARG M 143 -27.98 -16.69 -16.48
C ARG M 143 -27.11 -16.33 -17.67
N SER M 144 -25.84 -16.73 -17.57
CA SER M 144 -24.87 -16.73 -18.66
C SER M 144 -24.15 -18.08 -18.68
N ILE M 145 -24.40 -18.95 -19.65
CA ILE M 145 -23.70 -20.23 -19.63
C ILE M 145 -22.26 -19.98 -20.09
N LEU M 146 -21.28 -20.51 -19.37
CA LEU M 146 -19.86 -20.38 -19.75
C LEU M 146 -19.51 -21.39 -20.82
N ALA M 147 -20.03 -21.15 -22.02
CA ALA M 147 -20.05 -22.13 -23.09
C ALA M 147 -18.67 -22.43 -23.67
N GLU M 148 -17.68 -21.63 -23.30
CA GLU M 148 -16.31 -21.84 -23.77
C GLU M 148 -15.43 -22.76 -22.91
N LYS M 149 -15.99 -23.25 -21.80
CA LYS M 149 -15.30 -24.14 -20.89
C LYS M 149 -16.12 -25.40 -20.59
N PRO M 150 -16.40 -26.22 -21.58
CA PRO M 150 -17.14 -27.45 -21.35
C PRO M 150 -16.28 -28.42 -20.57
N ARG M 151 -16.89 -29.25 -19.74
CA ARG M 151 -16.21 -30.33 -19.03
C ARG M 151 -16.77 -31.65 -19.53
N VAL M 152 -16.05 -32.23 -20.49
CA VAL M 152 -16.51 -33.42 -21.18
C VAL M 152 -16.18 -34.69 -20.40
N THR M 153 -17.11 -35.61 -20.30
CA THR M 153 -16.85 -36.95 -19.81
C THR M 153 -17.30 -37.89 -20.90
N ARG M 154 -16.56 -38.98 -21.09
CA ARG M 154 -16.88 -39.98 -22.12
C ARG M 154 -17.17 -41.33 -21.48
N PHE M 155 -17.96 -42.13 -22.16
CA PHE M 155 -18.26 -43.45 -21.67
C PHE M 155 -18.19 -44.38 -22.85
N ASN M 156 -17.67 -45.60 -22.59
CA ASN M 156 -17.60 -46.65 -23.60
C ASN M 156 -18.93 -47.37 -23.71
N ILE M 157 -19.39 -47.55 -24.95
CA ILE M 157 -20.62 -48.30 -25.17
C ILE M 157 -20.47 -49.20 -26.39
N GLN M 158 -21.34 -50.19 -26.48
CA GLN M 158 -21.35 -51.08 -27.64
C GLN M 158 -22.35 -50.45 -28.59
N TRP M 159 -21.88 -50.08 -29.77
CA TRP M 159 -22.69 -49.26 -30.65
C TRP M 159 -23.69 -50.12 -31.43
N ASP M 160 -23.30 -50.62 -32.60
CA ASP M 160 -24.20 -51.44 -33.43
C ASP M 160 -23.78 -52.96 -33.37
N ASN M 161 -22.90 -53.32 -32.43
CA ASN M 161 -22.33 -54.71 -32.37
C ASN M 161 -23.20 -55.65 -31.49
N LYS N 11 -40.88 -36.75 -28.45
CA LYS N 11 -40.34 -35.72 -29.42
C LYS N 11 -39.11 -36.20 -30.18
N ARG N 12 -39.03 -35.83 -31.47
CA ARG N 12 -37.99 -36.31 -32.40
C ARG N 12 -37.86 -35.38 -33.61
N ILE N 13 -36.64 -35.24 -34.11
CA ILE N 13 -36.32 -34.46 -35.32
C ILE N 13 -35.11 -35.02 -36.03
N ALA N 14 -34.87 -34.55 -37.25
CA ALA N 14 -33.69 -34.95 -38.01
C ALA N 14 -32.66 -33.80 -38.15
N PRO N 15 -31.40 -34.14 -38.21
CA PRO N 15 -30.38 -33.13 -38.21
C PRO N 15 -30.09 -32.69 -39.64
N THR N 16 -29.74 -31.42 -39.79
CA THR N 16 -29.24 -30.82 -41.03
C THR N 16 -27.76 -31.12 -41.22
N PRO N 17 -27.36 -31.80 -42.30
CA PRO N 17 -25.92 -32.02 -42.54
C PRO N 17 -25.12 -30.73 -42.89
N VAL N 18 -23.82 -30.89 -42.63
CA VAL N 18 -22.87 -29.79 -42.61
C VAL N 18 -21.61 -30.19 -43.39
N TYR N 19 -21.34 -29.42 -44.44
CA TYR N 19 -20.21 -29.65 -45.34
C TYR N 19 -19.30 -28.41 -45.30
N PRO N 20 -17.99 -28.52 -45.62
CA PRO N 20 -17.37 -29.69 -46.27
C PRO N 20 -17.16 -30.98 -45.43
N SER O 2 -2.88 7.17 40.81
CA SER O 2 -1.42 6.79 40.72
C SER O 2 -0.46 7.47 41.75
N ILE O 3 0.22 6.65 42.56
CA ILE O 3 1.03 7.11 43.71
C ILE O 3 2.36 7.76 43.35
N VAL O 4 3.06 7.20 42.36
CA VAL O 4 4.36 7.73 41.87
C VAL O 4 4.24 8.40 40.50
N ASN O 5 4.81 9.57 40.34
CA ASN O 5 4.80 10.27 39.03
C ASN O 5 6.16 10.90 38.67
N ILE O 6 6.67 10.60 37.47
CA ILE O 6 7.98 11.11 37.11
C ILE O 6 7.79 12.55 36.80
N LEU O 7 8.57 13.40 37.45
CA LEU O 7 8.61 14.85 37.21
C LEU O 7 9.60 15.26 36.13
N SER O 8 10.84 14.77 36.20
CA SER O 8 11.84 15.10 35.20
C SER O 8 12.91 14.02 35.00
N VAL O 9 13.33 13.79 33.79
CA VAL O 9 14.52 13.01 33.64
C VAL O 9 15.52 13.82 32.84
N ASN O 10 16.77 13.69 33.27
CA ASN O 10 17.88 14.48 32.79
C ASN O 10 19.09 13.65 32.32
N VAL O 11 19.55 13.82 31.10
CA VAL O 11 20.67 13.03 30.66
C VAL O 11 21.94 13.80 31.05
N LEU O 12 22.73 13.16 31.87
CA LEU O 12 23.97 13.73 32.33
C LEU O 12 25.05 13.77 31.27
N ASN O 13 25.16 12.76 30.44
CA ASN O 13 26.32 12.68 29.55
C ASN O 13 25.91 12.68 28.06
N ASN O 14 25.78 13.90 27.52
CA ASN O 14 25.20 14.12 26.23
C ASN O 14 25.89 15.24 25.47
N PRO O 15 26.43 15.01 24.27
CA PRO O 15 26.46 13.71 23.61
C PRO O 15 27.38 12.68 24.24
N ALA O 16 27.27 11.44 23.82
CA ALA O 16 28.10 10.34 24.36
C ALA O 16 28.48 9.40 23.26
N LYS O 17 29.58 8.68 23.47
CA LYS O 17 29.95 7.58 22.58
C LYS O 17 28.86 6.56 22.67
N PHE O 18 28.61 5.86 21.57
CA PHE O 18 27.70 4.71 21.56
C PHE O 18 27.90 3.76 22.72
N SER O 19 29.18 3.50 23.02
CA SER O 19 29.60 2.57 24.08
C SER O 19 29.53 3.13 25.50
N ASP O 20 29.40 4.44 25.67
CA ASP O 20 29.40 5.04 26.98
C ASP O 20 28.15 4.62 27.68
N PRO O 21 28.21 4.34 28.97
CA PRO O 21 27.00 4.06 29.76
C PRO O 21 26.01 5.23 29.82
N TYR O 22 24.75 4.94 30.02
CA TYR O 22 23.75 5.99 30.07
C TYR O 22 23.66 6.49 31.50
N LYS O 23 23.64 7.80 31.67
CA LYS O 23 23.54 8.42 32.99
C LYS O 23 22.30 9.31 33.03
N PHE O 24 21.30 8.93 33.80
CA PHE O 24 20.01 9.62 33.88
C PHE O 24 19.81 10.16 35.34
N GLU O 25 19.50 11.44 35.49
CA GLU O 25 19.08 11.97 36.79
C GLU O 25 17.56 12.05 36.83
N ILE O 26 16.94 11.10 37.52
CA ILE O 26 15.48 11.04 37.56
C ILE O 26 14.86 11.62 38.86
N THR O 27 13.88 12.49 38.70
CA THR O 27 13.18 13.17 39.78
C THR O 27 11.72 12.78 39.70
N PHE O 28 11.09 12.48 40.83
CA PHE O 28 9.70 11.94 40.80
C PHE O 28 8.96 12.28 42.07
N GLU O 29 7.64 12.16 42.06
CA GLU O 29 6.82 12.45 43.22
C GLU O 29 6.19 11.19 43.75
N CYS O 30 6.05 11.16 45.06
CA CYS O 30 5.38 10.07 45.72
C CYS O 30 4.35 10.56 46.75
N LEU O 31 3.09 10.25 46.48
CA LEU O 31 1.95 10.82 47.20
C LEU O 31 1.63 10.15 48.57
N GLU O 32 1.71 8.82 48.63
CA GLU O 32 1.67 8.05 49.88
C GLU O 32 2.86 7.16 49.95
N PRO O 33 3.29 6.77 51.15
CA PRO O 33 4.49 5.90 51.28
C PRO O 33 4.24 4.49 50.75
N LEU O 34 5.32 3.74 50.53
CA LEU O 34 5.28 2.46 49.85
C LEU O 34 6.03 1.32 50.54
N LYS O 35 5.43 0.15 50.52
CA LYS O 35 5.97 -1.03 51.13
C LYS O 35 7.18 -1.54 50.34
N SER O 36 7.03 -1.70 49.03
CA SER O 36 8.11 -2.26 48.18
C SER O 36 9.02 -1.18 47.52
N ASP O 37 10.06 -1.65 46.83
CA ASP O 37 10.98 -0.82 46.06
C ASP O 37 10.43 -0.48 44.67
N LEU O 38 10.80 0.69 44.12
CA LEU O 38 10.64 0.97 42.68
C LEU O 38 11.67 0.17 41.87
N GLU O 39 11.23 -0.47 40.79
CA GLU O 39 12.12 -1.24 39.90
C GLU O 39 12.28 -0.49 38.60
N TRP O 40 13.44 0.10 38.37
CA TRP O 40 13.73 0.82 37.16
C TRP O 40 14.54 -0.03 36.18
N LYS O 41 14.41 0.36 34.92
CA LYS O 41 14.89 -0.45 33.82
C LYS O 41 15.05 0.44 32.61
N LEU O 42 16.04 0.14 31.77
CA LEU O 42 16.27 0.85 30.55
C LEU O 42 16.49 -0.19 29.46
N THR O 43 15.80 -0.01 28.34
CA THR O 43 15.77 -0.98 27.24
C THR O 43 16.22 -0.28 25.96
N TYR O 44 17.09 -0.92 25.18
CA TYR O 44 17.53 -0.41 23.86
C TYR O 44 16.78 -1.14 22.81
N VAL O 45 16.09 -0.39 21.94
CA VAL O 45 15.26 -0.98 20.90
C VAL O 45 16.06 -1.22 19.62
N GLY O 46 16.46 -2.49 19.42
CA GLY O 46 17.26 -2.96 18.28
C GLY O 46 16.52 -3.00 16.96
N SER O 47 15.22 -3.09 17.06
CA SER O 47 14.36 -3.24 15.91
C SER O 47 13.05 -2.51 16.09
N ALA O 48 12.70 -1.75 15.06
CA ALA O 48 11.41 -1.05 14.97
C ALA O 48 10.26 -2.03 14.81
N THR O 49 10.47 -3.13 14.13
CA THR O 49 9.36 -4.03 13.80
C THR O 49 9.20 -5.22 14.71
N SER O 50 10.16 -5.39 15.61
CA SER O 50 10.23 -6.60 16.43
C SER O 50 10.67 -6.29 17.84
N GLN O 51 10.08 -6.99 18.80
CA GLN O 51 10.32 -6.70 20.18
C GLN O 51 11.43 -7.62 20.67
N SER O 52 11.81 -8.56 19.82
CA SER O 52 12.74 -9.60 20.25
C SER O 52 14.22 -9.22 20.06
N TYR O 53 14.48 -8.02 19.53
CA TYR O 53 15.81 -7.43 19.55
C TYR O 53 16.00 -6.33 20.62
N ASP O 54 15.03 -6.19 21.52
CA ASP O 54 15.16 -5.43 22.76
C ASP O 54 16.29 -5.98 23.63
N GLN O 55 16.97 -5.07 24.29
CA GLN O 55 18.09 -5.35 25.11
C GLN O 55 17.79 -4.60 26.39
N ILE O 56 17.46 -5.35 27.44
CA ILE O 56 17.30 -4.77 28.76
C ILE O 56 18.70 -4.40 29.19
N LEU O 57 19.03 -3.12 29.10
CA LEU O 57 20.38 -2.66 29.35
C LEU O 57 20.85 -2.89 30.83
N ASP O 58 19.97 -2.62 31.77
CA ASP O 58 20.30 -2.66 33.18
C ASP O 58 19.04 -2.43 33.93
N THR O 59 19.08 -2.76 35.22
CA THR O 59 17.98 -2.47 36.15
C THR O 59 18.50 -1.90 37.45
N LEU O 60 17.61 -1.28 38.19
CA LEU O 60 17.97 -0.51 39.38
C LEU O 60 16.79 -0.56 40.33
N LEU O 61 17.01 -1.03 41.55
CA LEU O 61 16.00 -0.96 42.60
C LEU O 61 16.16 0.36 43.35
N VAL O 62 15.02 0.98 43.65
CA VAL O 62 15.05 2.27 44.33
C VAL O 62 14.11 2.28 45.50
N GLY O 63 14.70 2.56 46.66
CA GLY O 63 14.01 2.39 47.94
C GLY O 63 14.88 2.58 49.18
N PRO O 64 14.25 2.74 50.34
CA PRO O 64 12.79 2.88 50.46
C PRO O 64 12.29 4.24 49.92
N ILE O 65 11.03 4.28 49.47
CA ILE O 65 10.45 5.47 48.85
C ILE O 65 9.84 6.43 49.86
N PRO O 66 10.44 7.62 50.03
CA PRO O 66 9.85 8.66 50.90
C PRO O 66 8.77 9.44 50.19
N ILE O 67 7.74 9.85 50.96
CA ILE O 67 6.72 10.71 50.37
C ILE O 67 7.41 12.02 50.01
N GLY O 68 6.96 12.59 48.90
CA GLY O 68 7.45 13.84 48.38
C GLY O 68 8.11 13.79 46.99
N ILE O 69 9.17 14.56 46.87
CA ILE O 69 9.83 14.70 45.62
C ILE O 69 11.22 14.24 45.91
N ASN O 70 11.62 13.19 45.22
CA ASN O 70 12.93 12.58 45.35
C ASN O 70 13.64 12.39 44.02
N LYS O 71 14.91 12.03 44.10
CA LYS O 71 15.77 11.97 42.93
C LYS O 71 16.96 11.04 43.09
N PHE O 72 17.31 10.38 42.01
CA PHE O 72 18.44 9.46 41.99
C PHE O 72 19.12 9.42 40.64
N VAL O 73 20.32 8.87 40.60
CA VAL O 73 21.03 8.67 39.37
C VAL O 73 20.94 7.21 39.01
N PHE O 74 20.62 6.97 37.72
CA PHE O 74 20.46 5.64 37.14
C PHE O 74 21.48 5.57 36.02
N GLU O 75 22.47 4.74 36.25
CA GLU O 75 23.51 4.45 35.32
C GLU O 75 23.26 3.08 34.69
N ALA O 76 23.33 3.03 33.35
CA ALA O 76 23.03 1.83 32.62
C ALA O 76 24.11 1.50 31.63
N ASP O 77 24.36 0.21 31.45
CA ASP O 77 25.33 -0.28 30.48
C ASP O 77 24.88 0.08 29.08
N PRO O 78 25.81 0.19 28.16
CA PRO O 78 25.49 0.50 26.76
C PRO O 78 24.92 -0.72 26.05
N PRO O 79 24.45 -0.57 24.83
CA PRO O 79 23.97 -1.75 24.10
C PRO O 79 25.14 -2.60 23.64
N ASN O 80 24.86 -3.87 23.40
CA ASN O 80 25.76 -4.84 22.82
C ASN O 80 25.53 -4.94 21.31
N ILE O 81 26.54 -4.51 20.56
CA ILE O 81 26.46 -4.46 19.10
C ILE O 81 26.10 -5.83 18.45
N ASP O 82 26.51 -6.94 19.08
CA ASP O 82 26.33 -8.28 18.54
C ASP O 82 24.87 -8.68 18.42
N LEU O 83 24.00 -8.10 19.25
CA LEU O 83 22.59 -8.50 19.36
C LEU O 83 21.70 -7.65 18.43
N LEU O 84 22.35 -6.84 17.59
CA LEU O 84 21.66 -6.11 16.57
C LEU O 84 21.47 -6.95 15.34
N PRO O 85 20.35 -6.75 14.66
CA PRO O 85 20.08 -7.45 13.40
C PRO O 85 21.13 -7.16 12.35
N GLN O 86 21.37 -5.89 12.09
CA GLN O 86 22.42 -5.46 11.17
C GLN O 86 23.30 -4.40 11.87
N LEU O 87 24.57 -4.38 11.50
CA LEU O 87 25.51 -3.47 12.15
C LEU O 87 25.15 -2.01 11.93
N SER O 88 24.68 -1.67 10.73
CA SER O 88 24.29 -0.30 10.43
C SER O 88 23.03 0.22 11.12
N ASP O 89 22.34 -0.65 11.86
CA ASP O 89 21.16 -0.24 12.65
C ASP O 89 21.43 0.75 13.77
N VAL O 90 22.65 0.74 14.34
CA VAL O 90 23.05 1.72 15.33
C VAL O 90 22.95 3.15 14.83
N LEU O 91 23.10 3.34 13.51
CA LEU O 91 23.05 4.67 12.91
C LEU O 91 21.65 5.25 12.74
N GLY O 92 21.58 6.56 12.70
CA GLY O 92 20.34 7.30 12.55
C GLY O 92 19.54 7.33 13.84
N VAL O 93 18.24 7.56 13.73
CA VAL O 93 17.38 7.61 14.91
C VAL O 93 17.03 6.24 15.43
N THR O 94 17.21 6.02 16.73
CA THR O 94 16.79 4.78 17.40
C THR O 94 16.06 5.15 18.66
N VAL O 95 15.64 4.14 19.42
CA VAL O 95 14.78 4.35 20.57
C VAL O 95 15.35 3.70 21.83
N ILE O 96 15.11 4.35 22.97
CA ILE O 96 15.30 3.74 24.30
C ILE O 96 14.07 3.94 25.15
N LEU O 97 13.85 3.00 26.01
CA LEU O 97 12.67 3.00 26.86
C LEU O 97 13.11 2.97 28.30
N LEU O 98 12.84 4.06 29.00
CA LEU O 98 13.03 4.12 30.44
C LEU O 98 11.75 3.65 31.07
N SER O 99 11.79 2.63 31.89
CA SER O 99 10.59 2.09 32.49
C SER O 99 10.70 1.92 33.99
N CYS O 100 9.58 2.14 34.67
CA CYS O 100 9.42 1.84 36.11
C CYS O 100 8.27 0.90 36.52
N ALA O 101 8.58 -0.10 37.32
CA ALA O 101 7.58 -0.98 37.82
C ALA O 101 7.51 -0.97 39.32
N TYR O 102 6.37 -1.40 39.82
CA TYR O 102 6.19 -1.58 41.24
C TYR O 102 5.69 -2.98 41.44
N GLU O 103 6.44 -3.77 42.19
CA GLU O 103 6.09 -5.17 42.44
C GLU O 103 5.76 -5.87 41.12
N ASP O 104 6.76 -5.95 40.27
CA ASP O 104 6.72 -6.62 38.98
C ASP O 104 5.61 -6.17 37.99
N ASN O 105 5.02 -4.99 38.22
CA ASN O 105 4.07 -4.40 37.28
C ASN O 105 4.44 -3.02 36.78
N GLU O 106 4.77 -2.93 35.49
CA GLU O 106 5.08 -1.68 34.80
C GLU O 106 3.97 -0.64 34.97
N PHE O 107 4.32 0.52 35.55
CA PHE O 107 3.38 1.60 35.71
C PHE O 107 3.69 2.83 34.81
N VAL O 108 4.95 2.98 34.42
CA VAL O 108 5.28 4.06 33.51
C VAL O 108 6.38 3.57 32.59
N ARG O 109 6.36 4.12 31.38
CA ARG O 109 7.34 3.82 30.34
C ARG O 109 7.60 5.09 29.55
N VAL O 110 8.80 5.64 29.64
CA VAL O 110 9.13 6.83 28.91
C VAL O 110 10.02 6.48 27.81
N GLY O 111 9.57 6.69 26.57
CA GLY O 111 10.38 6.49 25.36
C GLY O 111 11.12 7.75 24.88
N TYR O 112 12.31 7.56 24.36
CA TYR O 112 13.11 8.65 23.83
C TYR O 112 13.64 8.29 22.47
N TYR O 113 13.65 9.22 21.53
CA TYR O 113 14.34 8.99 20.26
C TYR O 113 15.77 9.45 20.45
N VAL O 114 16.68 8.85 19.73
CA VAL O 114 18.08 9.03 19.97
C VAL O 114 18.85 9.10 18.66
N ASN O 115 19.55 10.19 18.49
CA ASN O 115 20.27 10.39 17.30
C ASN O 115 21.63 9.73 17.42
N ASN O 116 22.06 9.10 16.31
CA ASN O 116 23.37 8.46 16.24
C ASN O 116 24.14 8.82 14.97
N GLU O 117 25.30 9.34 15.15
CA GLU O 117 26.10 9.79 14.03
C GLU O 117 27.50 9.18 14.05
N MET O 118 28.07 8.93 12.87
CA MET O 118 29.44 8.45 12.83
C MET O 118 30.37 9.53 12.28
N GLU O 119 31.54 9.65 12.91
CA GLU O 119 32.58 10.59 12.47
C GLU O 119 32.95 10.39 11.03
N GLY O 120 32.88 11.50 10.29
CA GLY O 120 33.18 11.53 8.87
C GLY O 120 32.04 11.16 7.96
N LEU O 121 30.95 10.61 8.47
CA LEU O 121 29.80 10.21 7.68
C LEU O 121 28.67 11.26 7.61
N ASN O 122 28.26 11.58 6.40
CA ASN O 122 27.15 12.47 6.23
C ASN O 122 25.88 11.67 5.95
N LEU O 123 25.18 11.27 7.00
CA LEU O 123 23.94 10.48 6.88
C LEU O 123 22.78 11.16 6.21
N GLN O 124 22.73 12.47 6.29
CA GLN O 124 21.55 13.19 5.78
C GLN O 124 21.46 13.18 4.26
N GLU O 125 22.58 13.10 3.54
CA GLU O 125 22.53 13.02 2.08
C GLU O 125 22.49 11.58 1.50
N MET O 126 22.58 10.56 2.34
CA MET O 126 22.50 9.14 1.94
C MET O 126 21.09 8.57 1.93
N ASP O 127 20.85 7.58 1.07
CA ASP O 127 19.59 6.79 1.10
C ASP O 127 19.86 5.53 1.91
N ASP O 128 18.81 4.86 2.31
CA ASP O 128 18.94 3.72 3.21
C ASP O 128 19.85 2.66 2.70
N ALA O 129 19.76 2.38 1.41
CA ALA O 129 20.53 1.33 0.80
C ALA O 129 22.02 1.58 0.91
N GLU O 130 22.42 2.83 0.69
CA GLU O 130 23.81 3.17 0.85
C GLU O 130 24.27 3.14 2.30
N ILE O 131 23.38 3.50 3.21
CA ILE O 131 23.70 3.39 4.64
C ILE O 131 24.05 1.97 5.06
N LYS O 132 23.43 0.99 4.42
CA LYS O 132 23.63 -0.41 4.71
C LYS O 132 25.02 -0.81 4.33
N LYS O 133 25.57 -0.17 3.31
CA LYS O 133 26.95 -0.41 2.86
C LYS O 133 28.02 0.17 3.76
N VAL O 134 27.67 1.14 4.58
CA VAL O 134 28.66 1.77 5.47
C VAL O 134 29.30 0.75 6.43
N LYS O 135 30.61 0.72 6.38
CA LYS O 135 31.38 -0.05 7.31
C LYS O 135 31.39 0.74 8.63
N VAL O 136 30.57 0.29 9.56
CA VAL O 136 30.48 0.95 10.82
C VAL O 136 31.65 0.62 11.71
N ASP O 137 32.32 1.67 12.22
CA ASP O 137 33.30 1.58 13.28
C ASP O 137 32.63 2.15 14.51
N ILE O 138 32.22 1.27 15.41
CA ILE O 138 31.37 1.63 16.53
C ILE O 138 32.01 2.60 17.48
N SER O 139 33.33 2.55 17.58
CA SER O 139 34.07 3.46 18.50
C SER O 139 34.12 4.87 17.91
N LYS O 140 33.59 5.05 16.71
CA LYS O 140 33.45 6.39 16.10
C LYS O 140 31.99 6.90 16.04
N VAL O 141 31.05 6.22 16.73
CA VAL O 141 29.63 6.56 16.70
C VAL O 141 29.26 7.24 18.01
N TRP O 142 28.58 8.39 17.92
CA TRP O 142 28.12 9.11 19.09
C TRP O 142 26.60 9.25 19.04
N ARG O 143 25.98 9.20 20.22
CA ARG O 143 24.54 9.41 20.38
C ARG O 143 24.23 10.76 21.02
N SER O 144 23.06 11.31 20.71
CA SER O 144 22.38 12.38 21.45
C SER O 144 20.95 11.98 21.77
N ILE O 145 20.63 11.80 23.04
CA ILE O 145 19.26 11.50 23.40
C ILE O 145 18.50 12.81 23.33
N LEU O 146 17.31 12.79 22.70
CA LEU O 146 16.42 13.94 22.55
C LEU O 146 15.57 14.02 23.80
N ALA O 147 16.24 14.38 24.89
CA ALA O 147 15.69 14.28 26.21
C ALA O 147 14.53 15.23 26.46
N GLU O 148 14.36 16.22 25.61
CA GLU O 148 13.28 17.20 25.75
C GLU O 148 11.89 16.75 25.16
N LYS O 149 11.84 15.63 24.45
CA LYS O 149 10.64 15.12 23.85
C LYS O 149 10.38 13.67 24.34
N PRO O 150 10.07 13.49 25.61
CA PRO O 150 9.75 12.15 26.10
C PRO O 150 8.40 11.71 25.62
N ARG O 151 8.25 10.43 25.30
CA ARG O 151 6.95 9.86 24.96
C ARG O 151 6.46 8.99 26.10
N VAL O 152 5.56 9.53 26.92
CA VAL O 152 5.14 8.88 28.15
C VAL O 152 3.90 7.99 27.92
N THR O 153 3.95 6.77 28.44
CA THR O 153 2.81 5.86 28.54
C THR O 153 2.62 5.53 30.01
N ARG O 154 1.37 5.47 30.42
CA ARG O 154 1.04 5.15 31.81
C ARG O 154 0.26 3.86 31.89
N PHE O 155 0.39 3.16 32.98
CA PHE O 155 -0.35 1.93 33.19
C PHE O 155 -0.98 1.97 34.59
N ASN O 156 -2.20 1.48 34.68
CA ASN O 156 -2.88 1.36 35.99
C ASN O 156 -2.42 0.13 36.74
N ILE O 157 -2.04 0.31 37.97
CA ILE O 157 -1.64 -0.83 38.80
C ILE O 157 -2.24 -0.72 40.20
N GLN O 158 -2.22 -1.80 40.92
CA GLN O 158 -2.74 -1.83 42.29
C GLN O 158 -1.53 -1.62 43.14
N TRP O 159 -1.49 -0.51 43.85
CA TRP O 159 -0.25 -0.10 44.47
C TRP O 159 -0.03 -0.83 45.76
N ASP O 160 -0.54 -0.29 46.86
CA ASP O 160 -0.52 -1.06 48.10
C ASP O 160 -1.92 -1.53 48.54
N ASN O 161 -2.80 -1.75 47.56
CA ASN O 161 -4.09 -2.44 47.73
C ASN O 161 -3.97 -3.94 47.35
N LYS P 11 21.22 -4.67 42.67
CA LYS P 11 21.71 -3.26 42.60
C LYS P 11 20.61 -2.30 43.12
N ARG P 12 20.93 -1.56 44.19
CA ARG P 12 19.98 -0.72 44.95
C ARG P 12 20.53 0.68 45.30
N ILE P 13 19.66 1.64 45.55
CA ILE P 13 20.10 2.99 45.91
C ILE P 13 18.96 3.67 46.64
N ALA P 14 19.30 4.54 47.57
CA ALA P 14 18.30 5.33 48.23
C ALA P 14 18.18 6.65 47.48
N PRO P 15 16.96 7.08 47.28
CA PRO P 15 16.73 8.36 46.61
C PRO P 15 17.02 9.55 47.54
N THR P 16 17.64 10.57 46.99
CA THR P 16 17.86 11.81 47.67
C THR P 16 16.61 12.63 47.58
N PRO P 17 16.12 13.19 48.68
CA PRO P 17 15.00 14.14 48.61
C PRO P 17 15.35 15.55 48.17
N VAL P 18 14.29 16.22 47.77
CA VAL P 18 14.33 17.53 47.13
C VAL P 18 13.18 18.44 47.71
N TYR P 19 13.56 19.64 48.17
CA TYR P 19 12.63 20.65 48.67
C TYR P 19 12.87 21.90 47.79
N PRO P 20 12.45 23.15 48.12
CA PRO P 20 11.45 23.55 49.11
C PRO P 20 10.13 22.85 48.96
N PRO Q 15 -4.79 16.89 16.43
CA PRO Q 15 -4.69 16.48 15.01
C PRO Q 15 -4.85 17.59 13.92
N THR Q 16 -4.54 18.85 14.22
CA THR Q 16 -4.59 19.92 13.20
C THR Q 16 -3.62 19.52 12.05
N PRO Q 17 -3.96 19.86 10.80
CA PRO Q 17 -2.98 19.76 9.70
C PRO Q 17 -1.71 20.62 9.97
N VAL Q 18 -0.61 20.37 9.24
CA VAL Q 18 0.69 20.98 9.58
C VAL Q 18 0.85 22.51 9.32
N TYR Q 19 0.12 23.10 8.32
CA TYR Q 19 0.36 24.51 7.88
C TYR Q 19 -0.80 25.56 7.88
N PRO R 15 9.99 28.03 17.89
CA PRO R 15 10.72 27.52 16.70
C PRO R 15 11.26 26.08 16.85
N THR R 16 10.67 25.26 17.71
CA THR R 16 11.16 23.87 17.89
C THR R 16 11.17 23.10 16.55
N PRO R 17 12.10 22.16 16.31
CA PRO R 17 11.96 21.26 15.14
C PRO R 17 10.60 20.51 15.06
N VAL R 18 10.39 19.81 13.95
CA VAL R 18 9.08 19.25 13.67
C VAL R 18 8.91 17.81 14.26
N TYR R 19 10.00 17.05 14.48
CA TYR R 19 9.87 15.65 14.93
C TYR R 19 10.71 15.19 16.14
N PRO S 15 -0.76 -30.69 -13.35
CA PRO S 15 -1.15 -30.37 -11.94
C PRO S 15 -0.19 -29.35 -11.25
N THR S 16 0.30 -28.41 -12.03
CA THR S 16 1.40 -27.53 -11.61
C THR S 16 0.83 -26.44 -10.71
N PRO S 17 1.53 -26.09 -9.60
CA PRO S 17 1.05 -25.00 -8.71
C PRO S 17 0.67 -23.72 -9.51
N VAL S 18 -0.19 -22.86 -8.94
CA VAL S 18 -0.76 -21.75 -9.74
C VAL S 18 0.25 -20.58 -10.01
N TYR S 19 1.41 -20.49 -9.26
CA TYR S 19 2.37 -19.37 -9.46
C TYR S 19 3.90 -19.64 -9.69
#